data_2G3R
# 
_entry.id   2G3R 
# 
_audit_conform.dict_name       mmcif_pdbx.dic 
_audit_conform.dict_version    5.377 
_audit_conform.dict_location   http://mmcif.pdb.org/dictionaries/ascii/mmcif_pdbx.dic 
# 
loop_
_database_2.database_id 
_database_2.database_code 
_database_2.pdbx_database_accession 
_database_2.pdbx_DOI 
PDB   2G3R         pdb_00002g3r 10.2210/pdb2g3r/pdb 
RCSB  RCSB036650   ?            ?                   
WWPDB D_1000036650 ?            ?                   
# 
_pdbx_database_status.status_code                     REL 
_pdbx_database_status.entry_id                        2G3R 
_pdbx_database_status.recvd_initial_deposition_date   2006-02-20 
_pdbx_database_status.deposit_site                    RCSB 
_pdbx_database_status.process_site                    RCSB 
_pdbx_database_status.status_code_sf                  REL 
_pdbx_database_status.status_code_mr                  ? 
_pdbx_database_status.SG_entry                        ? 
_pdbx_database_status.pdb_format_compatible           Y 
_pdbx_database_status.status_code_cs                  ? 
_pdbx_database_status.status_code_nmr_data            ? 
_pdbx_database_status.methods_development_category    ? 
# 
loop_
_audit_author.name 
_audit_author.pdbx_ordinal 
'Lee, J.'        1 
'Botuyan, M.V.'  2 
'Thompson, J.R.' 3 
'Mer, G.'        4 
# 
_citation.id                        primary 
_citation.title                     
'Structural Basis for the Methylation State-Specific Recognition of Histone H4-K20 by 53BP1 and Crb2 in DNA Repair.' 
_citation.journal_abbrev            'Cell(Cambridge,Mass.)' 
_citation.journal_volume            127 
_citation.page_first                1361 
_citation.page_last                 1373 
_citation.year                      2006 
_citation.journal_id_ASTM           CELLB5 
_citation.country                   US 
_citation.journal_id_ISSN           0092-8674 
_citation.journal_id_CSD            0998 
_citation.book_publisher            ? 
_citation.pdbx_database_id_PubMed   17190600 
_citation.pdbx_database_id_DOI      10.1016/j.cell.2006.10.043 
# 
loop_
_citation_author.citation_id 
_citation_author.name 
_citation_author.ordinal 
_citation_author.identifier_ORCID 
primary 'Botuyan, M.V.'  1 ? 
primary 'Lee, J.'        2 ? 
primary 'Ward, I.M.'     3 ? 
primary 'Kim, J.E.'      4 ? 
primary 'Thompson, J.R.' 5 ? 
primary 'Chen, J.'       6 ? 
primary 'Mer, G.'        7 ? 
# 
_cell.entry_id           2G3R 
_cell.length_a           55.895 
_cell.length_b           77.834 
_cell.length_c           36.350 
_cell.angle_alpha        90.00 
_cell.angle_beta         121.13 
_cell.angle_gamma        90.00 
_cell.Z_PDB              4 
_cell.pdbx_unique_axis   ? 
_cell.length_a_esd       ? 
_cell.length_b_esd       ? 
_cell.length_c_esd       ? 
_cell.angle_alpha_esd    ? 
_cell.angle_beta_esd     ? 
_cell.angle_gamma_esd    ? 
# 
_symmetry.entry_id                         2G3R 
_symmetry.space_group_name_H-M             'C 1 2 1' 
_symmetry.pdbx_full_space_group_name_H-M   ? 
_symmetry.cell_setting                     ? 
_symmetry.Int_Tables_number                5 
_symmetry.space_group_name_Hall            ? 
# 
loop_
_entity.id 
_entity.type 
_entity.src_method 
_entity.pdbx_description 
_entity.formula_weight 
_entity.pdbx_number_of_molecules 
_entity.pdbx_ec 
_entity.pdbx_mutation 
_entity.pdbx_fragment 
_entity.details 
1 polymer     man 'Tumor suppressor p53-binding protein 1' 13944.780 1   ? ? 
'Tandem tutor domains, residues 1484-1603 (SWS-Q12888)' ? 
2 non-polymer syn 'SULFATE ION'                            96.063    1   ? ? ? ? 
3 water       nat water                                    18.015    170 ? ? ? ? 
# 
_entity_name_com.entity_id   1 
_entity_name_com.name        'p53-binding protein 1, 53BP1' 
# 
_entity_poly.entity_id                      1 
_entity_poly.type                           'polypeptide(L)' 
_entity_poly.nstd_linkage                   no 
_entity_poly.nstd_monomer                   no 
_entity_poly.pdbx_seq_one_letter_code       
;GHMNSFVGLRVVAKWSSNGYFYSGKITRDVGAGKYKLLFDDGYECDVLGKDILLCDPIPLDTEVTALSEDEYFSAGVVKG
HRKESGELYYSIEKEGQRKWYKRMAVILSLEQGNRLREQYGLG
;
_entity_poly.pdbx_seq_one_letter_code_can   
;GHMNSFVGLRVVAKWSSNGYFYSGKITRDVGAGKYKLLFDDGYECDVLGKDILLCDPIPLDTEVTALSEDEYFSAGVVKG
HRKESGELYYSIEKEGQRKWYKRMAVILSLEQGNRLREQYGLG
;
_entity_poly.pdbx_strand_id                 A 
_entity_poly.pdbx_target_identifier         ? 
# 
loop_
_entity_poly_seq.entity_id 
_entity_poly_seq.num 
_entity_poly_seq.mon_id 
_entity_poly_seq.hetero 
1 1   GLY n 
1 2   HIS n 
1 3   MET n 
1 4   ASN n 
1 5   SER n 
1 6   PHE n 
1 7   VAL n 
1 8   GLY n 
1 9   LEU n 
1 10  ARG n 
1 11  VAL n 
1 12  VAL n 
1 13  ALA n 
1 14  LYS n 
1 15  TRP n 
1 16  SER n 
1 17  SER n 
1 18  ASN n 
1 19  GLY n 
1 20  TYR n 
1 21  PHE n 
1 22  TYR n 
1 23  SER n 
1 24  GLY n 
1 25  LYS n 
1 26  ILE n 
1 27  THR n 
1 28  ARG n 
1 29  ASP n 
1 30  VAL n 
1 31  GLY n 
1 32  ALA n 
1 33  GLY n 
1 34  LYS n 
1 35  TYR n 
1 36  LYS n 
1 37  LEU n 
1 38  LEU n 
1 39  PHE n 
1 40  ASP n 
1 41  ASP n 
1 42  GLY n 
1 43  TYR n 
1 44  GLU n 
1 45  CYS n 
1 46  ASP n 
1 47  VAL n 
1 48  LEU n 
1 49  GLY n 
1 50  LYS n 
1 51  ASP n 
1 52  ILE n 
1 53  LEU n 
1 54  LEU n 
1 55  CYS n 
1 56  ASP n 
1 57  PRO n 
1 58  ILE n 
1 59  PRO n 
1 60  LEU n 
1 61  ASP n 
1 62  THR n 
1 63  GLU n 
1 64  VAL n 
1 65  THR n 
1 66  ALA n 
1 67  LEU n 
1 68  SER n 
1 69  GLU n 
1 70  ASP n 
1 71  GLU n 
1 72  TYR n 
1 73  PHE n 
1 74  SER n 
1 75  ALA n 
1 76  GLY n 
1 77  VAL n 
1 78  VAL n 
1 79  LYS n 
1 80  GLY n 
1 81  HIS n 
1 82  ARG n 
1 83  LYS n 
1 84  GLU n 
1 85  SER n 
1 86  GLY n 
1 87  GLU n 
1 88  LEU n 
1 89  TYR n 
1 90  TYR n 
1 91  SER n 
1 92  ILE n 
1 93  GLU n 
1 94  LYS n 
1 95  GLU n 
1 96  GLY n 
1 97  GLN n 
1 98  ARG n 
1 99  LYS n 
1 100 TRP n 
1 101 TYR n 
1 102 LYS n 
1 103 ARG n 
1 104 MET n 
1 105 ALA n 
1 106 VAL n 
1 107 ILE n 
1 108 LEU n 
1 109 SER n 
1 110 LEU n 
1 111 GLU n 
1 112 GLN n 
1 113 GLY n 
1 114 ASN n 
1 115 ARG n 
1 116 LEU n 
1 117 ARG n 
1 118 GLU n 
1 119 GLN n 
1 120 TYR n 
1 121 GLY n 
1 122 LEU n 
1 123 GLY n 
# 
_entity_src_gen.entity_id                          1 
_entity_src_gen.pdbx_src_id                        1 
_entity_src_gen.pdbx_alt_source_flag               sample 
_entity_src_gen.pdbx_seq_type                      ? 
_entity_src_gen.pdbx_beg_seq_num                   ? 
_entity_src_gen.pdbx_end_seq_num                   ? 
_entity_src_gen.gene_src_common_name               human 
_entity_src_gen.gene_src_genus                     Homo 
_entity_src_gen.pdbx_gene_src_gene                 TP53BP1 
_entity_src_gen.gene_src_species                   ? 
_entity_src_gen.gene_src_strain                    ? 
_entity_src_gen.gene_src_tissue                    ? 
_entity_src_gen.gene_src_tissue_fraction           ? 
_entity_src_gen.gene_src_details                   ? 
_entity_src_gen.pdbx_gene_src_fragment             ? 
_entity_src_gen.pdbx_gene_src_scientific_name      'Homo sapiens' 
_entity_src_gen.pdbx_gene_src_ncbi_taxonomy_id     9606 
_entity_src_gen.pdbx_gene_src_variant              ? 
_entity_src_gen.pdbx_gene_src_cell_line            ? 
_entity_src_gen.pdbx_gene_src_atcc                 ? 
_entity_src_gen.pdbx_gene_src_organ                ? 
_entity_src_gen.pdbx_gene_src_organelle            ? 
_entity_src_gen.pdbx_gene_src_cell                 ? 
_entity_src_gen.pdbx_gene_src_cellular_location    ? 
_entity_src_gen.host_org_common_name               ? 
_entity_src_gen.pdbx_host_org_scientific_name      'Escherichia coli BL21(DE3)' 
_entity_src_gen.pdbx_host_org_ncbi_taxonomy_id     469008 
_entity_src_gen.host_org_genus                     Escherichia 
_entity_src_gen.pdbx_host_org_gene                 ? 
_entity_src_gen.pdbx_host_org_organ                ? 
_entity_src_gen.host_org_species                   'Escherichia coli' 
_entity_src_gen.pdbx_host_org_tissue               ? 
_entity_src_gen.pdbx_host_org_tissue_fraction      ? 
_entity_src_gen.pdbx_host_org_strain               'BL21(DE3)' 
_entity_src_gen.pdbx_host_org_variant              ? 
_entity_src_gen.pdbx_host_org_cell_line            ? 
_entity_src_gen.pdbx_host_org_atcc                 ? 
_entity_src_gen.pdbx_host_org_culture_collection   ? 
_entity_src_gen.pdbx_host_org_cell                 ? 
_entity_src_gen.pdbx_host_org_organelle            ? 
_entity_src_gen.pdbx_host_org_cellular_location    ? 
_entity_src_gen.pdbx_host_org_vector_type          PLASMID 
_entity_src_gen.pdbx_host_org_vector               ? 
_entity_src_gen.host_org_details                   ? 
_entity_src_gen.expression_system_id               ? 
_entity_src_gen.plasmid_name                       pTEV 
_entity_src_gen.plasmid_details                    ? 
_entity_src_gen.pdbx_description                   ? 
# 
_struct_ref.id                         1 
_struct_ref.db_name                    UNP 
_struct_ref.db_code                    TP53B_HUMAN 
_struct_ref.pdbx_db_accession          Q12888 
_struct_ref.entity_id                  1 
_struct_ref.pdbx_seq_one_letter_code   
;NSFVGLRVVAKWSSNGYFYSGKITRDVGAGKYKLLFDDGYECDVLGKDILLCDPIPLDTEVTALSEDEYFSAGVVKGHRK
ESGELYYSIEKEGQRKWYKRMAVILSLEQGNRLREQYGLG
;
_struct_ref.pdbx_align_begin           1484 
_struct_ref.pdbx_db_isoform            ? 
# 
_struct_ref_seq.align_id                      1 
_struct_ref_seq.ref_id                        1 
_struct_ref_seq.pdbx_PDB_id_code              2G3R 
_struct_ref_seq.pdbx_strand_id                A 
_struct_ref_seq.seq_align_beg                 4 
_struct_ref_seq.pdbx_seq_align_beg_ins_code   ? 
_struct_ref_seq.seq_align_end                 123 
_struct_ref_seq.pdbx_seq_align_end_ins_code   ? 
_struct_ref_seq.pdbx_db_accession             Q12888 
_struct_ref_seq.db_align_beg                  1484 
_struct_ref_seq.pdbx_db_align_beg_ins_code    ? 
_struct_ref_seq.db_align_end                  1603 
_struct_ref_seq.pdbx_db_align_end_ins_code    ? 
_struct_ref_seq.pdbx_auth_seq_align_beg       1484 
_struct_ref_seq.pdbx_auth_seq_align_end       1603 
# 
loop_
_struct_ref_seq_dif.align_id 
_struct_ref_seq_dif.pdbx_pdb_id_code 
_struct_ref_seq_dif.mon_id 
_struct_ref_seq_dif.pdbx_pdb_strand_id 
_struct_ref_seq_dif.seq_num 
_struct_ref_seq_dif.pdbx_pdb_ins_code 
_struct_ref_seq_dif.pdbx_seq_db_name 
_struct_ref_seq_dif.pdbx_seq_db_accession_code 
_struct_ref_seq_dif.db_mon_id 
_struct_ref_seq_dif.pdbx_seq_db_seq_num 
_struct_ref_seq_dif.details 
_struct_ref_seq_dif.pdbx_auth_seq_num 
_struct_ref_seq_dif.pdbx_ordinal 
1 2G3R GLY A 1 ? UNP Q12888 ? ? 'cloning artifact' 1481 1 
1 2G3R HIS A 2 ? UNP Q12888 ? ? 'cloning artifact' 1482 2 
1 2G3R MET A 3 ? UNP Q12888 ? ? 'cloning artifact' 1483 3 
# 
loop_
_chem_comp.id 
_chem_comp.type 
_chem_comp.mon_nstd_flag 
_chem_comp.name 
_chem_comp.pdbx_synonyms 
_chem_comp.formula 
_chem_comp.formula_weight 
ALA 'L-peptide linking' y ALANINE         ? 'C3 H7 N O2'     89.093  
ARG 'L-peptide linking' y ARGININE        ? 'C6 H15 N4 O2 1' 175.209 
ASN 'L-peptide linking' y ASPARAGINE      ? 'C4 H8 N2 O3'    132.118 
ASP 'L-peptide linking' y 'ASPARTIC ACID' ? 'C4 H7 N O4'     133.103 
CYS 'L-peptide linking' y CYSTEINE        ? 'C3 H7 N O2 S'   121.158 
GLN 'L-peptide linking' y GLUTAMINE       ? 'C5 H10 N2 O3'   146.144 
GLU 'L-peptide linking' y 'GLUTAMIC ACID' ? 'C5 H9 N O4'     147.129 
GLY 'peptide linking'   y GLYCINE         ? 'C2 H5 N O2'     75.067  
HIS 'L-peptide linking' y HISTIDINE       ? 'C6 H10 N3 O2 1' 156.162 
HOH non-polymer         . WATER           ? 'H2 O'           18.015  
ILE 'L-peptide linking' y ISOLEUCINE      ? 'C6 H13 N O2'    131.173 
LEU 'L-peptide linking' y LEUCINE         ? 'C6 H13 N O2'    131.173 
LYS 'L-peptide linking' y LYSINE          ? 'C6 H15 N2 O2 1' 147.195 
MET 'L-peptide linking' y METHIONINE      ? 'C5 H11 N O2 S'  149.211 
PHE 'L-peptide linking' y PHENYLALANINE   ? 'C9 H11 N O2'    165.189 
PRO 'L-peptide linking' y PROLINE         ? 'C5 H9 N O2'     115.130 
SER 'L-peptide linking' y SERINE          ? 'C3 H7 N O3'     105.093 
SO4 non-polymer         . 'SULFATE ION'   ? 'O4 S -2'        96.063  
THR 'L-peptide linking' y THREONINE       ? 'C4 H9 N O3'     119.119 
TRP 'L-peptide linking' y TRYPTOPHAN      ? 'C11 H12 N2 O2'  204.225 
TYR 'L-peptide linking' y TYROSINE        ? 'C9 H11 N O3'    181.189 
VAL 'L-peptide linking' y VALINE          ? 'C5 H11 N O2'    117.146 
# 
_exptl.entry_id          2G3R 
_exptl.method            'X-RAY DIFFRACTION' 
_exptl.crystals_number   1 
# 
_exptl_crystal.id                    1 
_exptl_crystal.density_meas          ? 
_exptl_crystal.density_Matthews      2.43 
_exptl_crystal.density_percent_sol   49.31 
_exptl_crystal.description           ? 
_exptl_crystal.F_000                 ? 
_exptl_crystal.preparation           ? 
# 
_exptl_crystal_grow.crystal_id      1 
_exptl_crystal_grow.method          'VAPOR DIFFUSION, HANGING DROP' 
_exptl_crystal_grow.temp            293 
_exptl_crystal_grow.temp_details    ? 
_exptl_crystal_grow.pH              7.0 
_exptl_crystal_grow.pdbx_details    
'2% PEG 400, 0.1MHEPES/Na, 2M ammonium sulfate, pH 7.0, VAPOR DIFFUSION, HANGING DROP, temperature 293K' 
_exptl_crystal_grow.pdbx_pH_range   . 
# 
_diffrn.id                     1 
_diffrn.ambient_temp           100.0 
_diffrn.ambient_temp_details   ? 
_diffrn.crystal_id             1 
# 
_diffrn_detector.diffrn_id              1 
_diffrn_detector.detector               CCD 
_diffrn_detector.type                   'ADSC QUANTUM 4' 
_diffrn_detector.pdbx_collection_date   2005-10-27 
_diffrn_detector.details                ? 
# 
_diffrn_radiation.diffrn_id                        1 
_diffrn_radiation.wavelength_id                    1 
_diffrn_radiation.pdbx_monochromatic_or_laue_m_l   M 
_diffrn_radiation.monochromator                    ? 
_diffrn_radiation.pdbx_diffrn_protocol             'SINGLE WAVELENGTH' 
_diffrn_radiation.pdbx_scattering_type             x-ray 
# 
_diffrn_radiation_wavelength.id           1 
_diffrn_radiation_wavelength.wavelength   0.97940 
_diffrn_radiation_wavelength.wt           1.0 
# 
_diffrn_source.diffrn_id                   1 
_diffrn_source.source                      SYNCHROTRON 
_diffrn_source.type                        'NSLS BEAMLINE X6A' 
_diffrn_source.pdbx_synchrotron_site       NSLS 
_diffrn_source.pdbx_synchrotron_beamline   X6A 
_diffrn_source.pdbx_wavelength             ? 
_diffrn_source.pdbx_wavelength_list        0.97940 
# 
_reflns.entry_id                     2G3R 
_reflns.observed_criterion_sigma_I   ? 
_reflns.observed_criterion_sigma_F   ? 
_reflns.d_resolution_low             26.8 
_reflns.d_resolution_high            1.25 
_reflns.number_obs                   32860 
_reflns.number_all                   ? 
_reflns.percent_possible_obs         ? 
_reflns.pdbx_Rmerge_I_obs            ? 
_reflns.pdbx_Rsym_value              ? 
_reflns.pdbx_netI_over_sigmaI        ? 
_reflns.B_iso_Wilson_estimate        ? 
_reflns.pdbx_redundancy              ? 
_reflns.R_free_details               ? 
_reflns.limit_h_max                  ? 
_reflns.limit_h_min                  ? 
_reflns.limit_k_max                  ? 
_reflns.limit_k_min                  ? 
_reflns.limit_l_max                  ? 
_reflns.limit_l_min                  ? 
_reflns.observed_criterion_F_max     ? 
_reflns.observed_criterion_F_min     ? 
_reflns.pdbx_chi_squared             ? 
_reflns.pdbx_scaling_rejects         ? 
_reflns.pdbx_ordinal                 1 
_reflns.pdbx_diffrn_id               1 
# 
_refine.entry_id                                 2G3R 
_refine.ls_number_reflns_obs                     32860 
_refine.ls_number_reflns_all                     ? 
_refine.pdbx_ls_sigma_I                          ? 
_refine.pdbx_ls_sigma_F                          ? 
_refine.pdbx_data_cutoff_high_absF               ? 
_refine.pdbx_data_cutoff_low_absF                ? 
_refine.pdbx_data_cutoff_high_rms_absF           ? 
_refine.ls_d_res_low                             26.8 
_refine.ls_d_res_high                            1.25 
_refine.ls_percent_reflns_obs                    93.20 
_refine.ls_R_factor_obs                          0.1964 
_refine.ls_R_factor_all                          ? 
_refine.ls_R_factor_R_work                       0.19412 
_refine.ls_R_factor_R_free                       0.24146 
_refine.ls_R_factor_R_free_error                 ? 
_refine.ls_R_factor_R_free_error_details         ? 
_refine.ls_percent_reflns_R_free                 5.0 
_refine.ls_number_reflns_R_free                  1712 
_refine.ls_number_parameters                     ? 
_refine.ls_number_restraints                     ? 
_refine.occupancy_min                            ? 
_refine.occupancy_max                            ? 
_refine.correlation_coeff_Fo_to_Fc               0.966 
_refine.correlation_coeff_Fo_to_Fc_free          0.941 
_refine.B_iso_mean                               19.886 
_refine.aniso_B[1][1]                            -0.44 
_refine.aniso_B[2][2]                            0.36 
_refine.aniso_B[3][3]                            -0.08 
_refine.aniso_B[1][2]                            0.00 
_refine.aniso_B[1][3]                            -0.15 
_refine.aniso_B[2][3]                            0.00 
_refine.solvent_model_details                    MASK 
_refine.solvent_model_param_ksol                 ? 
_refine.solvent_model_param_bsol                 ? 
_refine.pdbx_solvent_vdw_probe_radii             1.20 
_refine.pdbx_solvent_ion_probe_radii             0.80 
_refine.pdbx_solvent_shrinkage_radii             0.80 
_refine.pdbx_ls_cross_valid_method               THROUGHOUT 
_refine.details                                  'HYDROGENS HAVE BEEN ADDED IN THE RIDING POSITIONS' 
_refine.pdbx_starting_model                      'PDB ID 1XNI' 
_refine.pdbx_method_to_determine_struct          'MOLECULAR REPLACEMENT' 
_refine.pdbx_isotropic_thermal_model             ? 
_refine.pdbx_stereochemistry_target_values       'MAXIMUM LIKELIHOOD' 
_refine.pdbx_stereochem_target_val_spec_case     ? 
_refine.pdbx_R_Free_selection_details            RANDOM 
_refine.pdbx_overall_ESU_R                       0.057 
_refine.pdbx_overall_ESU_R_Free                  0.065 
_refine.overall_SU_ML                            0.039 
_refine.overall_SU_B                             1.756 
_refine.ls_redundancy_reflns_obs                 ? 
_refine.B_iso_min                                ? 
_refine.B_iso_max                                ? 
_refine.overall_SU_R_Cruickshank_DPI             ? 
_refine.overall_SU_R_free                        ? 
_refine.ls_wR_factor_R_free                      ? 
_refine.ls_wR_factor_R_work                      ? 
_refine.overall_FOM_free_R_set                   ? 
_refine.overall_FOM_work_R_set                   ? 
_refine.pdbx_refine_id                           'X-RAY DIFFRACTION' 
_refine.pdbx_TLS_residual_ADP_flag               'LIKELY RESIDUAL' 
_refine.pdbx_diffrn_id                           1 
_refine.pdbx_overall_phase_error                 ? 
_refine.pdbx_overall_SU_R_free_Cruickshank_DPI   ? 
_refine.pdbx_overall_SU_R_Blow_DPI               ? 
_refine.pdbx_overall_SU_R_free_Blow_DPI          ? 
# 
_refine_hist.pdbx_refine_id                   'X-RAY DIFFRACTION' 
_refine_hist.cycle_id                         LAST 
_refine_hist.pdbx_number_atoms_protein        951 
_refine_hist.pdbx_number_atoms_nucleic_acid   0 
_refine_hist.pdbx_number_atoms_ligand         5 
_refine_hist.number_atoms_solvent             170 
_refine_hist.number_atoms_total               1126 
_refine_hist.d_res_high                       1.25 
_refine_hist.d_res_low                        26.8 
# 
loop_
_refine_ls_restr.type 
_refine_ls_restr.dev_ideal 
_refine_ls_restr.dev_ideal_target 
_refine_ls_restr.weight 
_refine_ls_restr.number 
_refine_ls_restr.pdbx_refine_id 
_refine_ls_restr.pdbx_restraint_function 
r_bond_refined_d         0.015  0.022  ? 1227 'X-RAY DIFFRACTION' ? 
r_angle_refined_deg      1.736  1.987  ? 1677 'X-RAY DIFFRACTION' ? 
r_dihedral_angle_1_deg   6.770  5.000  ? 165  'X-RAY DIFFRACTION' ? 
r_dihedral_angle_2_deg   33.346 23.390 ? 59   'X-RAY DIFFRACTION' ? 
r_dihedral_angle_3_deg   16.167 15.000 ? 231  'X-RAY DIFFRACTION' ? 
r_dihedral_angle_4_deg   18.422 15.000 ? 11   'X-RAY DIFFRACTION' ? 
r_chiral_restr           0.120  0.200  ? 170  'X-RAY DIFFRACTION' ? 
r_gen_planes_refined     0.009  0.020  ? 980  'X-RAY DIFFRACTION' ? 
r_nbd_refined            0.259  0.200  ? 569  'X-RAY DIFFRACTION' ? 
r_nbtor_refined          0.311  0.200  ? 839  'X-RAY DIFFRACTION' ? 
r_xyhbond_nbd_refined    0.256  0.200  ? 174  'X-RAY DIFFRACTION' ? 
r_symmetry_vdw_refined   0.231  0.200  ? 41   'X-RAY DIFFRACTION' ? 
r_symmetry_hbond_refined 0.323  0.200  ? 24   'X-RAY DIFFRACTION' ? 
r_mcbond_it              1.115  1.500  ? 747  'X-RAY DIFFRACTION' ? 
r_mcangle_it             1.842  2.000  ? 1204 'X-RAY DIFFRACTION' ? 
r_scbond_it              2.877  3.000  ? 537  'X-RAY DIFFRACTION' ? 
r_scangle_it             4.096  4.500  ? 472  'X-RAY DIFFRACTION' ? 
# 
_refine_ls_shell.pdbx_total_number_of_bins_used   20 
_refine_ls_shell.d_res_high                       1.25 
_refine_ls_shell.d_res_low                        1.278 
_refine_ls_shell.number_reflns_R_work             1608 
_refine_ls_shell.R_factor_R_work                  0.369 
_refine_ls_shell.percent_reflns_obs               61.92 
_refine_ls_shell.R_factor_R_free                  0.336 
_refine_ls_shell.R_factor_R_free_error            ? 
_refine_ls_shell.percent_reflns_R_free            ? 
_refine_ls_shell.number_reflns_R_free             80 
_refine_ls_shell.number_reflns_all                ? 
_refine_ls_shell.R_factor_all                     ? 
_refine_ls_shell.number_reflns_obs                ? 
_refine_ls_shell.redundancy_reflns_obs            ? 
_refine_ls_shell.pdbx_refine_id                   'X-RAY DIFFRACTION' 
# 
_struct.entry_id                  2G3R 
_struct.title                     'Crystal Structure of 53BP1 tandem tudor domains at 1.2 A resolution' 
_struct.pdbx_model_details        ? 
_struct.pdbx_CASP_flag            ? 
_struct.pdbx_model_type_details   ? 
# 
_struct_keywords.entry_id        2G3R 
_struct_keywords.pdbx_keywords   'CELL CYCLE/TRANSCRIPTION' 
_struct_keywords.text            'TANDEM TUDOR DOMAINS, CELL CYCLE-TRANSCRIPTION COMPLEX' 
# 
loop_
_struct_asym.id 
_struct_asym.pdbx_blank_PDB_chainid_flag 
_struct_asym.pdbx_modified 
_struct_asym.entity_id 
_struct_asym.details 
A N N 1 ? 
B N N 2 ? 
C N N 3 ? 
# 
_struct_biol.id   1 
# 
loop_
_struct_conf.conf_type_id 
_struct_conf.id 
_struct_conf.pdbx_PDB_helix_id 
_struct_conf.beg_label_comp_id 
_struct_conf.beg_label_asym_id 
_struct_conf.beg_label_seq_id 
_struct_conf.pdbx_beg_PDB_ins_code 
_struct_conf.end_label_comp_id 
_struct_conf.end_label_asym_id 
_struct_conf.end_label_seq_id 
_struct_conf.pdbx_end_PDB_ins_code 
_struct_conf.beg_auth_comp_id 
_struct_conf.beg_auth_asym_id 
_struct_conf.beg_auth_seq_id 
_struct_conf.end_auth_comp_id 
_struct_conf.end_auth_asym_id 
_struct_conf.end_auth_seq_id 
_struct_conf.pdbx_PDB_helix_class 
_struct_conf.details 
_struct_conf.pdbx_PDB_helix_length 
HELX_P HELX_P1 1 SER A 109 ? ARG A 115 ? SER A 1589 ARG A 1595 1 ? 7 
HELX_P HELX_P2 2 LEU A 116 ? GLY A 121 ? LEU A 1596 GLY A 1601 1 ? 6 
# 
_struct_conf_type.id          HELX_P 
_struct_conf_type.criteria    ? 
_struct_conf_type.reference   ? 
# 
loop_
_struct_mon_prot_cis.pdbx_id 
_struct_mon_prot_cis.label_comp_id 
_struct_mon_prot_cis.label_seq_id 
_struct_mon_prot_cis.label_asym_id 
_struct_mon_prot_cis.label_alt_id 
_struct_mon_prot_cis.pdbx_PDB_ins_code 
_struct_mon_prot_cis.auth_comp_id 
_struct_mon_prot_cis.auth_seq_id 
_struct_mon_prot_cis.auth_asym_id 
_struct_mon_prot_cis.pdbx_label_comp_id_2 
_struct_mon_prot_cis.pdbx_label_seq_id_2 
_struct_mon_prot_cis.pdbx_label_asym_id_2 
_struct_mon_prot_cis.pdbx_PDB_ins_code_2 
_struct_mon_prot_cis.pdbx_auth_comp_id_2 
_struct_mon_prot_cis.pdbx_auth_seq_id_2 
_struct_mon_prot_cis.pdbx_auth_asym_id_2 
_struct_mon_prot_cis.pdbx_PDB_model_num 
_struct_mon_prot_cis.pdbx_omega_angle 
1 ASP 56 A . ? ASP 1536 A PRO 57 A ? PRO 1537 A 1 13.49 
2 ASP 56 A . ? ASP 1536 A PRO 57 A ? PRO 1537 A 1 -4.72 
# 
loop_
_struct_sheet.id 
_struct_sheet.type 
_struct_sheet.number_strands 
_struct_sheet.details 
A ? 5 ? 
B ? 5 ? 
# 
loop_
_struct_sheet_order.sheet_id 
_struct_sheet_order.range_id_1 
_struct_sheet_order.range_id_2 
_struct_sheet_order.offset 
_struct_sheet_order.sense 
A 1 2 ? anti-parallel 
A 2 3 ? anti-parallel 
A 3 4 ? anti-parallel 
A 4 5 ? anti-parallel 
B 1 2 ? anti-parallel 
B 2 3 ? anti-parallel 
B 3 4 ? anti-parallel 
B 4 5 ? anti-parallel 
# 
loop_
_struct_sheet_range.sheet_id 
_struct_sheet_range.id 
_struct_sheet_range.beg_label_comp_id 
_struct_sheet_range.beg_label_asym_id 
_struct_sheet_range.beg_label_seq_id 
_struct_sheet_range.pdbx_beg_PDB_ins_code 
_struct_sheet_range.end_label_comp_id 
_struct_sheet_range.end_label_asym_id 
_struct_sheet_range.end_label_seq_id 
_struct_sheet_range.pdbx_end_PDB_ins_code 
_struct_sheet_range.beg_auth_comp_id 
_struct_sheet_range.beg_auth_asym_id 
_struct_sheet_range.beg_auth_seq_id 
_struct_sheet_range.end_auth_comp_id 
_struct_sheet_range.end_auth_asym_id 
_struct_sheet_range.end_auth_seq_id 
A 1 GLU A 44  ? LEU A 48  ? GLU A 1524 LEU A 1528 
A 2 LYS A 34  ? PHE A 39  ? LYS A 1514 PHE A 1519 
A 3 PHE A 21  ? GLY A 31  ? PHE A 1501 GLY A 1511 
A 4 ARG A 10  ? LYS A 14  ? ARG A 1490 LYS A 1494 
A 5 ILE A 52  ? LEU A 53  ? ILE A 1532 LEU A 1533 
B 1 GLN A 97  ? LYS A 102 ? GLN A 1577 LYS A 1582 
B 2 GLU A 87  ? LYS A 94  ? GLU A 1567 LYS A 1574 
B 3 PHE A 73  ? GLU A 84  ? PHE A 1553 GLU A 1564 
B 4 GLU A 63  ? LEU A 67  ? GLU A 1543 LEU A 1547 
B 5 VAL A 106 ? ILE A 107 ? VAL A 1586 ILE A 1587 
# 
loop_
_pdbx_struct_sheet_hbond.sheet_id 
_pdbx_struct_sheet_hbond.range_id_1 
_pdbx_struct_sheet_hbond.range_id_2 
_pdbx_struct_sheet_hbond.range_1_label_atom_id 
_pdbx_struct_sheet_hbond.range_1_label_comp_id 
_pdbx_struct_sheet_hbond.range_1_label_asym_id 
_pdbx_struct_sheet_hbond.range_1_label_seq_id 
_pdbx_struct_sheet_hbond.range_1_PDB_ins_code 
_pdbx_struct_sheet_hbond.range_1_auth_atom_id 
_pdbx_struct_sheet_hbond.range_1_auth_comp_id 
_pdbx_struct_sheet_hbond.range_1_auth_asym_id 
_pdbx_struct_sheet_hbond.range_1_auth_seq_id 
_pdbx_struct_sheet_hbond.range_2_label_atom_id 
_pdbx_struct_sheet_hbond.range_2_label_comp_id 
_pdbx_struct_sheet_hbond.range_2_label_asym_id 
_pdbx_struct_sheet_hbond.range_2_label_seq_id 
_pdbx_struct_sheet_hbond.range_2_PDB_ins_code 
_pdbx_struct_sheet_hbond.range_2_auth_atom_id 
_pdbx_struct_sheet_hbond.range_2_auth_comp_id 
_pdbx_struct_sheet_hbond.range_2_auth_asym_id 
_pdbx_struct_sheet_hbond.range_2_auth_seq_id 
A 1 2 O CYS A 45 ? O CYS A 1525 N LEU A 37  ? N LEU A 1517 
A 2 3 O LYS A 36 ? O LYS A 1516 N THR A 27  ? N THR A 1507 
A 3 4 O TYR A 22 ? O TYR A 1502 N ALA A 13  ? N ALA A 1493 
A 4 5 N VAL A 12 ? N VAL A 1492 O LEU A 53  ? O LEU A 1533 
B 1 2 O LYS A 99 ? O LYS A 1579 N ILE A 92  ? N ILE A 1572 
B 2 3 O SER A 91 ? O SER A 1571 N LYS A 79  ? N LYS A 1559 
B 3 4 O GLY A 76 ? O GLY A 1556 N VAL A 64  ? N VAL A 1544 
B 4 5 N THR A 65 ? N THR A 1545 O ILE A 107 ? O ILE A 1587 
# 
_struct_site.id                   AC1 
_struct_site.pdbx_evidence_code   Software 
_struct_site.pdbx_auth_asym_id    A 
_struct_site.pdbx_auth_comp_id    SO4 
_struct_site.pdbx_auth_seq_id     201 
_struct_site.pdbx_auth_ins_code   ? 
_struct_site.pdbx_num_residues    8 
_struct_site.details              'BINDING SITE FOR RESIDUE SO4 A 201' 
# 
loop_
_struct_site_gen.id 
_struct_site_gen.site_id 
_struct_site_gen.pdbx_num_res 
_struct_site_gen.label_comp_id 
_struct_site_gen.label_asym_id 
_struct_site_gen.label_seq_id 
_struct_site_gen.pdbx_auth_ins_code 
_struct_site_gen.auth_comp_id 
_struct_site_gen.auth_asym_id 
_struct_site_gen.auth_seq_id 
_struct_site_gen.label_atom_id 
_struct_site_gen.label_alt_id 
_struct_site_gen.symmetry 
_struct_site_gen.details 
1 AC1 8 HOH C .  ? HOH A 50   . ? 1_555 ? 
2 AC1 8 HOH C .  ? HOH A 134  . ? 1_555 ? 
3 AC1 8 LYS A 79 ? LYS A 1559 . ? 1_555 ? 
4 AC1 8 LYS A 83 ? LYS A 1563 . ? 2_656 ? 
5 AC1 8 GLU A 84 ? GLU A 1564 . ? 2_656 ? 
6 AC1 8 SER A 85 ? SER A 1565 . ? 2_656 ? 
7 AC1 8 GLY A 86 ? GLY A 1566 . ? 2_656 ? 
8 AC1 8 ARG A 98 ? ARG A 1578 . ? 1_555 ? 
# 
_atom_sites.entry_id                    2G3R 
_atom_sites.fract_transf_matrix[1][1]   -0.00227869 
_atom_sites.fract_transf_matrix[1][2]   -0.00320446 
_atom_sites.fract_transf_matrix[1][3]   -0.02052742 
_atom_sites.fract_transf_matrix[2][1]   -0.00459148 
_atom_sites.fract_transf_matrix[2][2]   -0.01176785 
_atom_sites.fract_transf_matrix[2][3]   0.00234672 
_atom_sites.fract_transf_matrix[3][1]   -0.02732927 
_atom_sites.fract_transf_matrix[3][2]   0.00765630 
_atom_sites.fract_transf_matrix[3][3]   -0.01507790 
_atom_sites.fract_transf_vector[1]      0.249456 
_atom_sites.fract_transf_vector[2]      0.002126 
_atom_sites.fract_transf_vector[3]      0.385810 
# 
loop_
_atom_type.symbol 
C 
N 
O 
S 
# 
loop_
_atom_site.group_PDB 
_atom_site.id 
_atom_site.type_symbol 
_atom_site.label_atom_id 
_atom_site.label_alt_id 
_atom_site.label_comp_id 
_atom_site.label_asym_id 
_atom_site.label_entity_id 
_atom_site.label_seq_id 
_atom_site.pdbx_PDB_ins_code 
_atom_site.Cartn_x 
_atom_site.Cartn_y 
_atom_site.Cartn_z 
_atom_site.occupancy 
_atom_site.B_iso_or_equiv 
_atom_site.pdbx_formal_charge 
_atom_site.auth_seq_id 
_atom_site.auth_comp_id 
_atom_site.auth_asym_id 
_atom_site.auth_atom_id 
_atom_site.pdbx_PDB_model_num 
ATOM   1    N N   . SER A 1 5   ? -4.349  14.876  -13.396 1.00 30.81 ? 1485 SER A N   1 
ATOM   2    C CA  . SER A 1 5   ? -4.089  14.928  -11.929 1.00 30.31 ? 1485 SER A CA  1 
ATOM   3    C C   . SER A 1 5   ? -4.025  13.536  -11.303 1.00 29.68 ? 1485 SER A C   1 
ATOM   4    O O   . SER A 1 5   ? -4.298  12.519  -11.960 1.00 30.03 ? 1485 SER A O   1 
ATOM   5    C CB  . SER A 1 5   ? -5.160  15.768  -11.224 1.00 30.81 ? 1485 SER A CB  1 
ATOM   6    O OG  . SER A 1 5   ? -6.403  15.084  -11.189 1.00 32.81 ? 1485 SER A OG  1 
ATOM   7    N N   . PHE A 1 6   ? -3.660  13.504  -10.023 1.00 27.79 ? 1486 PHE A N   1 
ATOM   8    C CA  . PHE A 1 6   ? -3.578  12.257  -9.284  1.00 26.38 ? 1486 PHE A CA  1 
ATOM   9    C C   . PHE A 1 6   ? -4.819  12.000  -8.436  1.00 24.74 ? 1486 PHE A C   1 
ATOM   10   O O   . PHE A 1 6   ? -4.912  10.960  -7.786  1.00 23.34 ? 1486 PHE A O   1 
ATOM   11   C CB  . PHE A 1 6   ? -2.311  12.216  -8.414  1.00 27.77 ? 1486 PHE A CB  1 
ATOM   12   C CG  . PHE A 1 6   ? -1.027  12.293  -9.202  1.00 28.88 ? 1486 PHE A CG  1 
ATOM   13   C CD1 . PHE A 1 6   ? -0.126  13.325  -8.979  1.00 31.57 ? 1486 PHE A CD1 1 
ATOM   14   C CD2 . PHE A 1 6   ? -0.726  11.336  -10.170 1.00 30.51 ? 1486 PHE A CD2 1 
ATOM   15   C CE1 . PHE A 1 6   ? 1.058   13.413  -9.717  1.00 32.91 ? 1486 PHE A CE1 1 
ATOM   16   C CE2 . PHE A 1 6   ? 0.452   11.413  -10.919 1.00 32.38 ? 1486 PHE A CE2 1 
ATOM   17   C CZ  . PHE A 1 6   ? 1.351   12.456  -10.682 1.00 32.55 ? 1486 PHE A CZ  1 
ATOM   18   N N   . VAL A 1 7   ? -5.760  12.934  -8.420  1.00 22.61 ? 1487 VAL A N   1 
ATOM   19   C CA  . VAL A 1 7   ? -6.972  12.805  -7.608  1.00 21.10 ? 1487 VAL A CA  1 
ATOM   20   C C   . VAL A 1 7   ? -7.805  11.619  -8.083  1.00 20.23 ? 1487 VAL A C   1 
ATOM   21   O O   . VAL A 1 7   ? -8.092  11.478  -9.275  1.00 20.79 ? 1487 VAL A O   1 
ATOM   22   C CB  . VAL A 1 7   ? -7.816  14.120  -7.561  1.00 22.04 ? 1487 VAL A CB  1 
ATOM   23   C CG1 . VAL A 1 7   ? -9.160  13.879  -6.856  1.00 22.47 ? 1487 VAL A CG1 1 
ATOM   24   C CG2 . VAL A 1 7   ? -7.039  15.216  -6.861  1.00 22.85 ? 1487 VAL A CG2 1 
ATOM   25   N N   . GLY A 1 8   ? -8.159  10.738  -7.147  1.00 18.10 ? 1488 GLY A N   1 
ATOM   26   C CA  . GLY A 1 8   ? -8.990  9.608   -7.448  1.00 17.06 ? 1488 GLY A CA  1 
ATOM   27   C C   . GLY A 1 8   ? -8.178  8.340   -7.604  1.00 17.64 ? 1488 GLY A C   1 
ATOM   28   O O   . GLY A 1 8   ? -8.745  7.240   -7.656  1.00 19.25 ? 1488 GLY A O   1 
ATOM   29   N N   A LEU A 1 9   ? -6.855  8.484   -7.662  0.50 16.11 ? 1489 LEU A N   1 
ATOM   30   N N   B LEU A 1 9   ? -6.854  8.456   -7.718  0.50 16.80 ? 1489 LEU A N   1 
ATOM   31   C CA  A LEU A 1 9   ? -5.992  7.321   -7.825  0.50 15.75 ? 1489 LEU A CA  1 
ATOM   32   C CA  B LEU A 1 9   ? -6.074  7.230   -7.915  0.50 16.73 ? 1489 LEU A CA  1 
ATOM   33   C C   A LEU A 1 9   ? -5.831  6.510   -6.540  0.50 14.87 ? 1489 LEU A C   1 
ATOM   34   C C   B LEU A 1 9   ? -5.677  6.518   -6.628  0.50 15.46 ? 1489 LEU A C   1 
ATOM   35   O O   A LEU A 1 9   ? -5.815  7.052   -5.427  0.50 13.94 ? 1489 LEU A O   1 
ATOM   36   O O   B LEU A 1 9   ? -5.363  7.137   -5.605  0.50 14.49 ? 1489 LEU A O   1 
ATOM   37   C CB  A LEU A 1 9   ? -4.606  7.727   -8.325  0.50 16.12 ? 1489 LEU A CB  1 
ATOM   38   C CB  B LEU A 1 9   ? -4.874  7.395   -8.860  0.50 18.53 ? 1489 LEU A CB  1 
ATOM   39   C CG  A LEU A 1 9   ? -4.424  8.161   -9.798  0.50 18.22 ? 1489 LEU A CG  1 
ATOM   40   C CG  B LEU A 1 9   ? -3.879  8.554   -8.794  0.50 20.91 ? 1489 LEU A CG  1 
ATOM   41   C CD1 A LEU A 1 9   ? -2.976  8.604   -9.958  0.50 20.34 ? 1489 LEU A CD1 1 
ATOM   42   C CD1 B LEU A 1 9   ? -2.667  8.196   -7.987  0.50 22.43 ? 1489 LEU A CD1 1 
ATOM   43   C CD2 A LEU A 1 9   ? -4.769  7.085   -10.832 0.50 20.50 ? 1489 LEU A CD2 1 
ATOM   44   C CD2 B LEU A 1 9   ? -3.489  8.951   -10.211 0.50 20.64 ? 1489 LEU A CD2 1 
ATOM   45   N N   . ARG A 1 10  ? -5.728  5.195   -6.700  1.00 14.83 ? 1490 ARG A N   1 
ATOM   46   C CA  . ARG A 1 10  ? -5.344  4.323   -5.601  1.00 15.71 ? 1490 ARG A CA  1 
ATOM   47   C C   . ARG A 1 10  ? -3.855  4.287   -5.483  1.00 15.60 ? 1490 ARG A C   1 
ATOM   48   O O   . ARG A 1 10  ? -3.104  4.169   -6.451  1.00 16.80 ? 1490 ARG A O   1 
ATOM   49   C CB  . ARG A 1 10  ? -5.808  2.900   -5.851  1.00 17.89 ? 1490 ARG A CB  1 
ATOM   50   C CG  . ARG A 1 10  ? -7.169  2.631   -5.462  1.00 21.42 ? 1490 ARG A CG  1 
ATOM   51   C CD  . ARG A 1 10  ? -7.243  1.142   -5.160  1.00 23.49 ? 1490 ARG A CD  1 
ATOM   52   N NE  . ARG A 1 10  ? -8.411  0.927   -4.325  1.00 21.03 ? 1490 ARG A NE  1 
ATOM   53   C CZ  . ARG A 1 10  ? -8.366  0.891   -2.999  1.00 24.84 ? 1490 ARG A CZ  1 
ATOM   54   N NH1 . ARG A 1 10  ? -7.207  1.102   -2.368  1.00 27.82 ? 1490 ARG A NH1 1 
ATOM   55   N NH2 . ARG A 1 10  ? -9.471  0.675   -2.304  1.00 28.92 ? 1490 ARG A NH2 1 
ATOM   56   N N   . VAL A 1 11  ? -3.416  4.418   -4.246  1.00 13.04 ? 1491 VAL A N   1 
ATOM   57   C CA  . VAL A 1 11  ? -1.999  4.522   -3.941  1.00 13.61 ? 1491 VAL A CA  1 
ATOM   58   C C   . VAL A 1 11  ? -1.699  3.736   -2.648  1.00 12.82 ? 1491 VAL A C   1 
ATOM   59   O O   . VAL A 1 11  ? -2.633  3.251   -2.002  1.00 13.53 ? 1491 VAL A O   1 
ATOM   60   C CB  . VAL A 1 11  ? -1.610  6.015   -3.762  1.00 14.32 ? 1491 VAL A CB  1 
ATOM   61   C CG1 . VAL A 1 11  ? -1.859  6.826   -5.029  1.00 14.42 ? 1491 VAL A CG1 1 
ATOM   62   C CG2 . VAL A 1 11  ? -2.344  6.664   -2.587  1.00 13.66 ? 1491 VAL A CG2 1 
ATOM   63   N N   . VAL A 1 12  ? -0.412  3.672   -2.292  1.00 13.57 ? 1492 VAL A N   1 
ATOM   64   C CA  . VAL A 1 12  ? -0.026  3.142   -0.993  1.00 13.40 ? 1492 VAL A CA  1 
ATOM   65   C C   . VAL A 1 12  ? 0.800   4.244   -0.361  1.00 13.34 ? 1492 VAL A C   1 
ATOM   66   O O   . VAL A 1 12  ? 1.806   4.675   -0.917  1.00 14.80 ? 1492 VAL A O   1 
ATOM   67   C CB  . VAL A 1 12  ? 0.777   1.838   -1.130  1.00 14.69 ? 1492 VAL A CB  1 
ATOM   68   C CG1 . VAL A 1 12  ? 1.028   1.194   0.202   1.00 17.31 ? 1492 VAL A CG1 1 
ATOM   69   C CG2 . VAL A 1 12  ? 0.018   0.828   -2.089  1.00 16.59 ? 1492 VAL A CG2 1 
ATOM   70   N N   . ALA A 1 13  ? 0.338   4.747   0.771   1.00 12.49 ? 1493 ALA A N   1 
ATOM   71   C CA  . ALA A 1 13  ? 0.881   6.005   1.318   1.00 12.20 ? 1493 ALA A CA  1 
ATOM   72   C C   . ALA A 1 13  ? 1.339   5.860   2.745   1.00 12.31 ? 1493 ALA A C   1 
ATOM   73   O O   . ALA A 1 13  ? 0.720   5.150   3.547   1.00 12.50 ? 1493 ALA A O   1 
ATOM   74   C CB  . ALA A 1 13  ? -0.155  7.117   1.215   1.00 13.58 ? 1493 ALA A CB  1 
ATOM   75   N N   . LYS A 1 14  ? 2.420   6.571   3.095   1.00 13.02 ? 1494 LYS A N   1 
ATOM   76   C CA  . LYS A 1 14  ? 2.965   6.448   4.434   1.00 13.19 ? 1494 LYS A CA  1 
ATOM   77   C C   . LYS A 1 14  ? 2.125   7.135   5.473   1.00 14.19 ? 1494 LYS A C   1 
ATOM   78   O O   . LYS A 1 14  ? 1.610   8.272   5.282   1.00 14.19 ? 1494 LYS A O   1 
ATOM   79   C CB  . LYS A 1 14  ? 4.364   7.026   4.448   1.00 14.76 ? 1494 LYS A CB  1 
ATOM   80   C CG  . LYS A 1 14  ? 5.116   6.762   5.768   1.00 16.75 ? 1494 LYS A CG  1 
ATOM   81   C CD  . LYS A 1 14  ? 6.235   7.793   5.896   1.00 23.82 ? 1494 LYS A CD  1 
ATOM   82   C CE  . LYS A 1 14  ? 7.402   7.459   5.073   1.00 26.59 ? 1494 LYS A CE  1 
ATOM   83   N NZ  . LYS A 1 14  ? 8.640   8.015   5.774   1.00 27.10 ? 1494 LYS A NZ  1 
ATOM   84   N N   . TRP A 1 15  ? 1.963   6.446   6.586   1.00 13.54 ? 1495 TRP A N   1 
ATOM   85   C CA  . TRP A 1 15  ? 1.376   7.019   7.781   1.00 13.96 ? 1495 TRP A CA  1 
ATOM   86   C C   . TRP A 1 15  ? 2.531   7.439   8.665   1.00 15.05 ? 1495 TRP A C   1 
ATOM   87   O O   . TRP A 1 15  ? 3.301   6.594   9.141   1.00 14.32 ? 1495 TRP A O   1 
ATOM   88   C CB  . TRP A 1 15  ? 0.530   5.931   8.447   1.00 16.52 ? 1495 TRP A CB  1 
ATOM   89   C CG  . TRP A 1 15  ? -0.258  6.405   9.631   1.00 18.45 ? 1495 TRP A CG  1 
ATOM   90   C CD1 . TRP A 1 15  ? 0.031   6.185   10.933  1.00 22.57 ? 1495 TRP A CD1 1 
ATOM   91   C CD2 . TRP A 1 15  ? -1.460  7.200   9.593   1.00 23.13 ? 1495 TRP A CD2 1 
ATOM   92   N NE1 . TRP A 1 15  ? -0.923  6.806   11.736  1.00 24.68 ? 1495 TRP A NE1 1 
ATOM   93   C CE2 . TRP A 1 15  ? -1.858  7.409   10.931  1.00 25.22 ? 1495 TRP A CE2 1 
ATOM   94   C CE3 . TRP A 1 15  ? -2.269  7.710   8.553   1.00 22.66 ? 1495 TRP A CE3 1 
ATOM   95   C CZ2 . TRP A 1 15  ? -3.009  8.136   11.266  1.00 24.92 ? 1495 TRP A CZ2 1 
ATOM   96   C CZ3 . TRP A 1 15  ? -3.425  8.447   8.898   1.00 23.64 ? 1495 TRP A CZ3 1 
ATOM   97   C CH2 . TRP A 1 15  ? -3.776  8.638   10.239  1.00 23.37 ? 1495 TRP A CH2 1 
ATOM   98   N N   A SER A 1 16  ? 2.836   8.731   8.771   0.70 15.96 ? 1496 SER A N   1 
ATOM   99   N N   B SER A 1 16  ? 2.505   8.707   9.031   0.30 14.29 ? 1496 SER A N   1 
ATOM   100  C CA  A SER A 1 16  ? 4.168   9.172   9.275   0.70 17.54 ? 1496 SER A CA  1 
ATOM   101  C CA  B SER A 1 16  ? 3.638   9.301   9.678   0.30 14.82 ? 1496 SER A CA  1 
ATOM   102  C C   A SER A 1 16  ? 4.467   8.730   10.719  0.70 17.53 ? 1496 SER A C   1 
ATOM   103  C C   B SER A 1 16  ? 3.903   8.759   11.082  0.30 14.06 ? 1496 SER A C   1 
ATOM   104  O O   A SER A 1 16  ? 5.619   8.491   11.080  0.70 17.65 ? 1496 SER A O   1 
ATOM   105  O O   B SER A 1 16  ? 5.055   8.648   11.474  0.30 13.91 ? 1496 SER A O   1 
ATOM   106  C CB  A SER A 1 16  ? 4.293   10.708  9.162   0.70 17.53 ? 1496 SER A CB  1 
ATOM   107  C CB  B SER A 1 16  ? 3.506   10.816  9.664   0.30 14.86 ? 1496 SER A CB  1 
ATOM   108  O OG  A SER A 1 16  ? 3.302   11.364  9.933   0.70 23.80 ? 1496 SER A OG  1 
ATOM   109  O OG  B SER A 1 16  ? 4.773   11.436  9.591   0.30 17.64 ? 1496 SER A OG  1 
ATOM   110  N N   A SER A 1 17  ? 3.414   8.608   11.519  0.50 16.78 ? 1497 SER A N   1 
ATOM   111  N N   B SER A 1 17  ? 2.866   8.371   11.816  0.50 14.18 ? 1497 SER A N   1 
ATOM   112  C CA  A SER A 1 17  ? 3.512   8.255   12.937  0.50 17.51 ? 1497 SER A CA  1 
ATOM   113  C CA  B SER A 1 17  ? 3.130   7.995   13.189  0.50 15.99 ? 1497 SER A CA  1 
ATOM   114  C C   A SER A 1 17  ? 3.977   6.822   13.220  0.50 16.81 ? 1497 SER A C   1 
ATOM   115  C C   B SER A 1 17  ? 4.101   6.810   13.186  0.50 15.45 ? 1497 SER A C   1 
ATOM   116  O O   A SER A 1 17  ? 4.364   6.544   14.377  0.50 15.77 ? 1497 SER A O   1 
ATOM   117  O O   B SER A 1 17  ? 5.033   6.716   14.024  0.50 13.01 ? 1497 SER A O   1 
ATOM   118  C CB  A SER A 1 17  ? 2.165   8.467   13.628  0.50 18.05 ? 1497 SER A CB  1 
ATOM   119  C CB  B SER A 1 17  ? 1.829   7.679   13.915  0.50 16.94 ? 1497 SER A CB  1 
ATOM   120  O OG  A SER A 1 17  ? 1.849   9.836   13.767  0.50 22.70 ? 1497 SER A OG  1 
ATOM   121  O OG  B SER A 1 17  ? 1.232   6.498   13.471  0.50 20.58 ? 1497 SER A OG  1 
ATOM   122  N N   . ASN A 1 18  ? 3.908   5.912   12.238  1.00 15.37 ? 1498 ASN A N   1 
ATOM   123  C CA  . ASN A 1 18  ? 4.500   4.605   12.395  1.00 16.16 ? 1498 ASN A CA  1 
ATOM   124  C C   . ASN A 1 18  ? 5.441   4.185   11.263  1.00 15.47 ? 1498 ASN A C   1 
ATOM   125  O O   . ASN A 1 18  ? 6.111   3.175   11.344  1.00 16.02 ? 1498 ASN A O   1 
ATOM   126  C CB  . ASN A 1 18  ? 3.443   3.527   12.786  1.00 17.69 ? 1498 ASN A CB  1 
ATOM   127  C CG  . ASN A 1 18  ? 2.542   3.068   11.643  1.00 19.57 ? 1498 ASN A CG  1 
ATOM   128  O OD1 . ASN A 1 18  ? 1.650   2.221   11.858  1.00 24.05 ? 1498 ASN A OD1 1 
ATOM   129  N ND2 . ASN A 1 18  ? 2.725   3.592   10.462  1.00 14.05 ? 1498 ASN A ND2 1 
ATOM   130  N N   . GLY A 1 19  ? 5.526   4.974   10.186  1.00 13.66 ? 1499 GLY A N   1 
ATOM   131  C CA  . GLY A 1 19  ? 6.441   4.678   9.087   1.00 15.10 ? 1499 GLY A CA  1 
ATOM   132  C C   . GLY A 1 19  ? 5.906   3.667   8.086   1.00 13.50 ? 1499 GLY A C   1 
ATOM   133  O O   . GLY A 1 19  ? 6.524   3.518   7.028   1.00 15.44 ? 1499 GLY A O   1 
ATOM   134  N N   . TYR A 1 20  ? 4.758   3.052   8.370   1.00 12.86 ? 1500 TYR A N   1 
ATOM   135  C CA  . TYR A 1 20  ? 4.189   2.063   7.425   1.00 13.07 ? 1500 TYR A CA  1 
ATOM   136  C C   . TYR A 1 20  ? 3.392   2.720   6.329   1.00 12.79 ? 1500 TYR A C   1 
ATOM   137  O O   . TYR A 1 20  ? 2.809   3.797   6.549   1.00 13.63 ? 1500 TYR A O   1 
ATOM   138  C CB  . TYR A 1 20  ? 3.348   1.022   8.151   1.00 13.06 ? 1500 TYR A CB  1 
ATOM   139  C CG  . TYR A 1 20  ? 4.153   -0.096  8.814   1.00 12.46 ? 1500 TYR A CG  1 
ATOM   140  C CD1 . TYR A 1 20  ? 4.889   0.142   9.957   1.00 15.03 ? 1500 TYR A CD1 1 
ATOM   141  C CD2 . TYR A 1 20  ? 4.125   -1.376  8.329   1.00 13.17 ? 1500 TYR A CD2 1 
ATOM   142  C CE1 . TYR A 1 20  ? 5.635   -0.895  10.561  1.00 14.97 ? 1500 TYR A CE1 1 
ATOM   143  C CE2 . TYR A 1 20  ? 4.879   -2.396  8.905   1.00 13.29 ? 1500 TYR A CE2 1 
ATOM   144  C CZ  . TYR A 1 20  ? 5.593   -2.134  10.002  1.00 13.35 ? 1500 TYR A CZ  1 
ATOM   145  O OH  . TYR A 1 20  ? 6.332   -3.158  10.633  1.00 15.72 ? 1500 TYR A OH  1 
ATOM   146  N N   . PHE A 1 21  ? 3.315   2.076   5.182   1.00 13.91 ? 1501 PHE A N   1 
ATOM   147  C CA  . PHE A 1 21  ? 2.527   2.540   4.035   1.00 12.53 ? 1501 PHE A CA  1 
ATOM   148  C C   . PHE A 1 21  ? 1.311   1.645   3.894   1.00 12.68 ? 1501 PHE A C   1 
ATOM   149  O O   . PHE A 1 21  ? 1.373   0.415   3.953   1.00 12.56 ? 1501 PHE A O   1 
ATOM   150  C CB  . PHE A 1 21  ? 3.293   2.480   2.727   1.00 13.33 ? 1501 PHE A CB  1 
ATOM   151  C CG  . PHE A 1 21  ? 4.551   3.298   2.630   1.00 13.02 ? 1501 PHE A CG  1 
ATOM   152  C CD1 . PHE A 1 21  ? 5.682   3.037   3.424   1.00 15.39 ? 1501 PHE A CD1 1 
ATOM   153  C CD2 . PHE A 1 21  ? 4.613   4.302   1.658   1.00 14.75 ? 1501 PHE A CD2 1 
ATOM   154  C CE1 . PHE A 1 21  ? 6.835   3.794   3.281   1.00 14.02 ? 1501 PHE A CE1 1 
ATOM   155  C CE2 . PHE A 1 21  ? 5.782   5.024   1.483   1.00 14.88 ? 1501 PHE A CE2 1 
ATOM   156  C CZ  . PHE A 1 21  ? 6.889   4.787   2.306   1.00 14.40 ? 1501 PHE A CZ  1 
ATOM   157  N N   . TYR A 1 22  ? 0.166   2.281   3.702   1.00 12.60 ? 1502 TYR A N   1 
ATOM   158  C CA  . TYR A 1 22  ? -1.186  1.683   3.660   1.00 12.63 ? 1502 TYR A CA  1 
ATOM   159  C C   . TYR A 1 22  ? -1.892  2.041   2.375   1.00 13.31 ? 1502 TYR A C   1 
ATOM   160  O O   . TYR A 1 22  ? -1.762  3.164   1.861   1.00 13.00 ? 1502 TYR A O   1 
ATOM   161  C CB  . TYR A 1 22  ? -2.024  2.174   4.851   1.00 14.05 ? 1502 TYR A CB  1 
ATOM   162  C CG  . TYR A 1 22  ? -1.467  1.787   6.200   1.00 13.60 ? 1502 TYR A CG  1 
ATOM   163  C CD1 . TYR A 1 22  ? -0.426  2.516   6.804   1.00 13.15 ? 1502 TYR A CD1 1 
ATOM   164  C CD2 . TYR A 1 22  ? -1.910  0.626   6.842   1.00 14.52 ? 1502 TYR A CD2 1 
ATOM   165  C CE1 . TYR A 1 22  ? 0.086   2.161   8.058   1.00 13.67 ? 1502 TYR A CE1 1 
ATOM   166  C CE2 . TYR A 1 22  ? -1.356  0.240   8.080   1.00 14.18 ? 1502 TYR A CE2 1 
ATOM   167  C CZ  . TYR A 1 22  ? -0.368  1.014   8.652   1.00 14.11 ? 1502 TYR A CZ  1 
ATOM   168  O OH  . TYR A 1 22  ? 0.159   0.697   9.898   1.00 15.87 ? 1502 TYR A OH  1 
ATOM   169  N N   . SER A 1 23  ? -2.773  1.140   1.922   1.00 13.43 ? 1503 SER A N   1 
ATOM   170  C CA  A SER A 1 23  ? -3.522  1.439   0.734   0.50 13.01 ? 1503 SER A CA  1 
ATOM   171  C CA  B SER A 1 23  ? -3.631  1.374   0.764   0.50 13.34 ? 1503 SER A CA  1 
ATOM   172  C C   . SER A 1 23  ? -4.603  2.516   1.016   1.00 12.61 ? 1503 SER A C   1 
ATOM   173  O O   . SER A 1 23  ? -5.189  2.583   2.074   1.00 12.75 ? 1503 SER A O   1 
ATOM   174  C CB  A SER A 1 23  ? -4.122  0.143   0.196   0.50 14.25 ? 1503 SER A CB  1 
ATOM   175  C CB  B SER A 1 23  ? -4.443  0.097   0.452   0.50 14.21 ? 1503 SER A CB  1 
ATOM   176  O OG  A SER A 1 23  ? -4.876  -0.453  1.248   0.50 14.19 ? 1503 SER A OG  1 
ATOM   177  O OG  B SER A 1 23  ? -5.264  0.288   -0.697  0.50 14.98 ? 1503 SER A OG  1 
ATOM   178  N N   . GLY A 1 24  ? -4.827  3.368   0.016   1.00 12.76 ? 1504 GLY A N   1 
ATOM   179  C CA  . GLY A 1 24  ? -5.817  4.444   0.140   1.00 13.67 ? 1504 GLY A CA  1 
ATOM   180  C C   . GLY A 1 24  ? -5.948  5.089   -1.221  1.00 12.77 ? 1504 GLY A C   1 
ATOM   181  O O   . GLY A 1 24  ? -5.482  4.578   -2.235  1.00 12.83 ? 1504 GLY A O   1 
ATOM   182  N N   A LYS A 1 25  ? -6.646  6.215   -1.248  0.50 12.88 ? 1505 LYS A N   1 
ATOM   183  N N   B LYS A 1 25  ? -6.563  6.253   -1.210  0.50 13.05 ? 1505 LYS A N   1 
ATOM   184  C CA  A LYS A 1 25  ? -6.872  6.983   -2.483  0.50 12.60 ? 1505 LYS A CA  1 
ATOM   185  C CA  B LYS A 1 25  ? -6.880  6.974   -2.423  0.50 13.11 ? 1505 LYS A CA  1 
ATOM   186  C C   A LYS A 1 25  ? -6.635  8.472   -2.224  0.50 11.78 ? 1505 LYS A C   1 
ATOM   187  C C   B LYS A 1 25  ? -6.472  8.417   -2.226  0.50 12.24 ? 1505 LYS A C   1 
ATOM   188  O O   A LYS A 1 25  ? -7.111  9.058   -1.218  0.50 11.38 ? 1505 LYS A O   1 
ATOM   189  O O   B LYS A 1 25  ? -6.557  8.934   -1.126  0.50 12.49 ? 1505 LYS A O   1 
ATOM   190  C CB  A LYS A 1 25  ? -8.306  6.824   -3.051  0.50 12.63 ? 1505 LYS A CB  1 
ATOM   191  C CB  B LYS A 1 25  ? -8.387  6.934   -2.671  0.50 14.11 ? 1505 LYS A CB  1 
ATOM   192  C CG  A LYS A 1 25  ? -8.733  5.431   -3.447  0.50 12.81 ? 1505 LYS A CG  1 
ATOM   193  C CG  B LYS A 1 25  ? -8.767  7.469   -4.017  0.50 16.99 ? 1505 LYS A CG  1 
ATOM   194  C CD  A LYS A 1 25  ? -10.240 5.381   -3.739  0.50 15.40 ? 1505 LYS A CD  1 
ATOM   195  C CD  B LYS A 1 25  ? -10.156 7.006   -4.412  0.50 21.05 ? 1505 LYS A CD  1 
ATOM   196  C CE  A LYS A 1 25  ? -10.685 3.937   -3.990  0.50 17.71 ? 1505 LYS A CE  1 
ATOM   197  C CE  B LYS A 1 25  ? -11.226 7.652   -3.542  0.50 23.78 ? 1505 LYS A CE  1 
ATOM   198  N NZ  A LYS A 1 25  ? -11.971 3.901   -4.727  0.50 19.78 ? 1505 LYS A NZ  1 
ATOM   199  N NZ  B LYS A 1 25  ? -11.344 9.124   -3.762  0.50 24.89 ? 1505 LYS A NZ  1 
ATOM   200  N N   A ILE A 1 26  ? -5.958  9.109   -3.176  0.50 12.68 ? 1506 ILE A N   1 
ATOM   201  N N   B ILE A 1 26  ? -6.060  9.076   -3.305  0.50 12.78 ? 1506 ILE A N   1 
ATOM   202  C CA  A ILE A 1 26  ? -5.812  10.551  -3.074  0.50 12.18 ? 1506 ILE A CA  1 
ATOM   203  C CA  B ILE A 1 26  ? -5.841  10.516  -3.234  0.50 12.69 ? 1506 ILE A CA  1 
ATOM   204  C C   A ILE A 1 26  ? -7.173  11.184  -3.363  0.50 13.20 ? 1506 ILE A C   1 
ATOM   205  C C   B ILE A 1 26  ? -7.191  11.244  -3.434  0.50 13.35 ? 1506 ILE A C   1 
ATOM   206  O O   A ILE A 1 26  ? -7.826  10.847  -4.359  0.50 13.62 ? 1506 ILE A O   1 
ATOM   207  O O   B ILE A 1 26  ? -7.868  11.030  -4.443  0.50 13.89 ? 1506 ILE A O   1 
ATOM   208  C CB  A ILE A 1 26  ? -4.760  11.101  -4.049  0.50 13.35 ? 1506 ILE A CB  1 
ATOM   209  C CB  B ILE A 1 26  ? -4.813  10.942  -4.307  0.50 13.56 ? 1506 ILE A CB  1 
ATOM   210  C CG1 A ILE A 1 26  ? -3.361  10.665  -3.621  0.50 12.29 ? 1506 ILE A CG1 1 
ATOM   211  C CG1 B ILE A 1 26  ? -3.436  10.336  -4.006  0.50 14.49 ? 1506 ILE A CG1 1 
ATOM   212  C CG2 A ILE A 1 26  ? -4.815  12.636  -4.102  0.50 12.38 ? 1506 ILE A CG2 1 
ATOM   213  C CG2 B ILE A 1 26  ? -4.725  12.476  -4.427  0.50 12.14 ? 1506 ILE A CG2 1 
ATOM   214  C CD1 A ILE A 1 26  ? -2.320  10.896  -4.706  0.50 10.59 ? 1506 ILE A CD1 1 
ATOM   215  C CD1 B ILE A 1 26  ? -2.487  10.477  -5.172  0.50 14.27 ? 1506 ILE A CD1 1 
ATOM   216  N N   . THR A 1 27  ? -7.594  12.065  -2.471  1.00 13.12 ? 1507 THR A N   1 
ATOM   217  C CA  . THR A 1 27  ? -8.871  12.777  -2.600  1.00 14.37 ? 1507 THR A CA  1 
ATOM   218  C C   . THR A 1 27  ? -8.784  14.257  -2.919  1.00 14.19 ? 1507 THR A C   1 
ATOM   219  O O   . THR A 1 27  ? -9.798  14.844  -3.275  1.00 14.38 ? 1507 THR A O   1 
ATOM   220  C CB  . THR A 1 27  ? -9.691  12.600  -1.336  1.00 13.79 ? 1507 THR A CB  1 
ATOM   221  O OG1 . THR A 1 27  ? -8.992  13.160  -0.223  1.00 17.02 ? 1507 THR A OG1 1 
ATOM   222  C CG2 . THR A 1 27  ? -9.985  11.129  -1.125  1.00 16.48 ? 1507 THR A CG2 1 
ATOM   223  N N   A ARG A 1 28  ? -7.613  14.867  -2.733  0.50 14.00 ? 1508 ARG A N   1 
ATOM   224  N N   B ARG A 1 28  ? -7.592  14.847  -2.828  0.50 13.90 ? 1508 ARG A N   1 
ATOM   225  C CA  A ARG A 1 28  ? -7.439  16.289  -3.034  0.50 13.61 ? 1508 ARG A CA  1 
ATOM   226  C CA  B ARG A 1 28  ? -7.465  16.296  -2.980  0.50 13.26 ? 1508 ARG A CA  1 
ATOM   227  C C   A ARG A 1 28  ? -5.968  16.586  -3.236  0.50 13.23 ? 1508 ARG A C   1 
ATOM   228  C C   B ARG A 1 28  ? -5.999  16.686  -3.133  0.50 13.10 ? 1508 ARG A C   1 
ATOM   229  O O   A ARG A 1 28  ? -5.100  15.953  -2.622  0.50 12.09 ? 1508 ARG A O   1 
ATOM   230  O O   B ARG A 1 28  ? -5.153  16.205  -2.383  0.50 11.66 ? 1508 ARG A O   1 
ATOM   231  C CB  A ARG A 1 28  ? -8.004  17.174  -1.910  0.50 14.75 ? 1508 ARG A CB  1 
ATOM   232  C CB  B ARG A 1 28  ? -8.101  16.977  -1.756  0.50 14.26 ? 1508 ARG A CB  1 
ATOM   233  C CG  A ARG A 1 28  ? -8.377  18.579  -2.363  0.50 17.13 ? 1508 ARG A CG  1 
ATOM   234  C CG  B ARG A 1 28  ? -8.157  18.457  -1.819  0.50 15.62 ? 1508 ARG A CG  1 
ATOM   235  C CD  A ARG A 1 28  ? -8.537  19.531  -1.188  0.50 19.28 ? 1508 ARG A CD  1 
ATOM   236  C CD  B ARG A 1 28  ? -7.031  19.040  -1.059  0.50 17.08 ? 1508 ARG A CD  1 
ATOM   237  N NE  A ARG A 1 28  ? -9.176  18.939  -0.013  0.50 20.21 ? 1508 ARG A NE  1 
ATOM   238  N NE  B ARG A 1 28  ? -6.601  20.238  -1.741  0.50 18.30 ? 1508 ARG A NE  1 
ATOM   239  C CZ  A ARG A 1 28  ? -10.432 19.163  0.371   0.50 23.44 ? 1508 ARG A CZ  1 
ATOM   240  C CZ  B ARG A 1 28  ? -6.930  21.464  -1.381  0.50 17.44 ? 1508 ARG A CZ  1 
ATOM   241  N NH1 A ARG A 1 28  ? -11.215 19.975  -0.327  0.50 23.79 ? 1508 ARG A NH1 1 
ATOM   242  N NH1 B ARG A 1 28  ? -7.655  21.675  -0.290  0.50 18.86 ? 1508 ARG A NH1 1 
ATOM   243  N NH2 A ARG A 1 28  ? -10.906 18.575  1.466   0.50 22.69 ? 1508 ARG A NH2 1 
ATOM   244  N NH2 B ARG A 1 28  ? -6.490  22.466  -2.113  0.50 12.06 ? 1508 ARG A NH2 1 
ATOM   245  N N   . ASP A 1 29  ? -5.692  17.553  -4.095  1.00 12.67 ? 1509 ASP A N   1 
ATOM   246  C CA  . ASP A 1 29  ? -4.346  18.122  -4.221  1.00 12.79 ? 1509 ASP A CA  1 
ATOM   247  C C   . ASP A 1 29  ? -4.306  19.360  -3.287  1.00 11.85 ? 1509 ASP A C   1 
ATOM   248  O O   . ASP A 1 29  ? -4.946  20.376  -3.580  1.00 12.33 ? 1509 ASP A O   1 
ATOM   249  C CB  . ASP A 1 29  ? -4.072  18.501  -5.697  1.00 15.14 ? 1509 ASP A CB  1 
ATOM   250  C CG  . ASP A 1 29  ? -2.759  19.265  -5.887  1.00 16.25 ? 1509 ASP A CG  1 
ATOM   251  O OD1 . ASP A 1 29  ? -1.928  19.321  -4.961  1.00 15.28 ? 1509 ASP A OD1 1 
ATOM   252  O OD2 . ASP A 1 29  ? -2.580  19.833  -6.978  1.00 21.99 ? 1509 ASP A OD2 1 
ATOM   253  N N   . VAL A 1 30  ? -3.629  19.196  -2.146  1.00 11.24 ? 1510 VAL A N   1 
ATOM   254  C CA  . VAL A 1 30  ? -3.490  20.238  -1.074  1.00 11.61 ? 1510 VAL A CA  1 
ATOM   255  C C   . VAL A 1 30  ? -2.581  21.453  -1.539  1.00 10.10 ? 1510 VAL A C   1 
ATOM   256  O O   . VAL A 1 30  ? -2.655  22.610  -1.026  1.00 11.55 ? 1510 VAL A O   1 
ATOM   257  C CB  . VAL A 1 30  ? -3.053  19.572  0.284   1.00 12.56 ? 1510 VAL A CB  1 
ATOM   258  C CG1 . VAL A 1 30  ? -2.649  20.600  1.352   1.00 15.60 ? 1510 VAL A CG1 1 
ATOM   259  C CG2 . VAL A 1 30  ? -4.198  18.656  0.833   1.00 15.81 ? 1510 VAL A CG2 1 
ATOM   260  N N   . GLY A 1 31  ? -1.775  21.132  -2.560  1.00 10.72 ? 1511 GLY A N   1 
ATOM   261  C CA  . GLY A 1 31  ? -0.813  21.990  -3.203  1.00 10.17 ? 1511 GLY A CA  1 
ATOM   262  C C   . GLY A 1 31  ? 0.600   21.773  -2.712  1.00 8.67  ? 1511 GLY A C   1 
ATOM   263  O O   . GLY A 1 31  ? 0.830   21.224  -1.641  1.00 9.66  ? 1511 GLY A O   1 
ATOM   264  N N   . ALA A 1 32  ? 1.531   22.216  -3.537  1.00 10.29 ? 1512 ALA A N   1 
ATOM   265  C CA  . ALA A 1 32  ? 2.938   22.339  -3.182  1.00 10.60 ? 1512 ALA A CA  1 
ATOM   266  C C   . ALA A 1 32  ? 3.540   21.005  -2.783  1.00 12.86 ? 1512 ALA A C   1 
ATOM   267  O O   . ALA A 1 32  ? 4.416   20.952  -1.942  1.00 13.99 ? 1512 ALA A O   1 
ATOM   268  C CB  . ALA A 1 32  ? 3.153   23.423  -2.077  1.00 11.01 ? 1512 ALA A CB  1 
ATOM   269  N N   . GLY A 1 33  ? 3.059   19.920  -3.383  1.00 12.56 ? 1513 GLY A N   1 
ATOM   270  C CA  . GLY A 1 33  ? 3.610   18.591  -3.094  1.00 13.67 ? 1513 GLY A CA  1 
ATOM   271  C C   . GLY A 1 33  ? 2.903   17.827  -2.011  1.00 12.99 ? 1513 GLY A C   1 
ATOM   272  O O   . GLY A 1 33  ? 3.393   16.741  -1.616  1.00 15.62 ? 1513 GLY A O   1 
ATOM   273  N N   . LYS A 1 34  ? 1.768   18.318  -1.526  1.00 14.01 ? 1514 LYS A N   1 
ATOM   274  C CA  . LYS A 1 34  ? 0.983   17.670  -0.456  1.00 14.20 ? 1514 LYS A CA  1 
ATOM   275  C C   . LYS A 1 34  ? -0.354  17.210  -1.024  1.00 13.42 ? 1514 LYS A C   1 
ATOM   276  O O   . LYS A 1 34  ? -0.931  17.888  -1.872  1.00 11.91 ? 1514 LYS A O   1 
ATOM   277  C CB  . LYS A 1 34  ? 0.689   18.672  0.645   1.00 16.54 ? 1514 LYS A CB  1 
ATOM   278  C CG  . LYS A 1 34  ? 0.758   18.129  2.040   1.00 21.42 ? 1514 LYS A CG  1 
ATOM   279  C CD  . LYS A 1 34  ? 1.932   18.860  2.710   1.00 23.94 ? 1514 LYS A CD  1 
ATOM   280  C CE  . LYS A 1 34  ? 1.709   19.115  4.172   1.00 26.80 ? 1514 LYS A CE  1 
ATOM   281  N NZ  . LYS A 1 34  ? 2.773   20.003  4.727   1.00 25.49 ? 1514 LYS A NZ  1 
ATOM   282  N N   . TYR A 1 35  ? -0.856  16.082  -0.515  1.00 12.93 ? 1515 TYR A N   1 
ATOM   283  C CA  . TYR A 1 35  ? -2.119  15.503  -1.012  1.00 12.99 ? 1515 TYR A CA  1 
ATOM   284  C C   . TYR A 1 35  ? -2.923  15.040  0.154   1.00 13.23 ? 1515 TYR A C   1 
ATOM   285  O O   . TYR A 1 35  ? -2.351  14.607  1.159   1.00 16.07 ? 1515 TYR A O   1 
ATOM   286  C CB  . TYR A 1 35  ? -1.839  14.283  -1.914  1.00 13.69 ? 1515 TYR A CB  1 
ATOM   287  C CG  . TYR A 1 35  ? -1.120  14.662  -3.150  1.00 13.08 ? 1515 TYR A CG  1 
ATOM   288  C CD1 . TYR A 1 35  ? 0.298   14.717  -3.156  1.00 13.88 ? 1515 TYR A CD1 1 
ATOM   289  C CD2 . TYR A 1 35  ? -1.831  15.014  -4.305  1.00 14.76 ? 1515 TYR A CD2 1 
ATOM   290  C CE1 . TYR A 1 35  ? 0.973   15.107  -4.285  1.00 18.50 ? 1515 TYR A CE1 1 
ATOM   291  C CE2 . TYR A 1 35  ? -1.148  15.426  -5.442  1.00 17.10 ? 1515 TYR A CE2 1 
ATOM   292  C CZ  . TYR A 1 35  ? 0.255   15.462  -5.430  1.00 17.72 ? 1515 TYR A CZ  1 
ATOM   293  O OH  . TYR A 1 35  ? 0.946   15.875  -6.554  1.00 22.19 ? 1515 TYR A OH  1 
ATOM   294  N N   . LYS A 1 36  ? -4.240  15.135  0.036   1.00 12.60 ? 1516 LYS A N   1 
ATOM   295  C CA  . LYS A 1 36  ? -5.132  14.520  1.012   1.00 13.05 ? 1516 LYS A CA  1 
ATOM   296  C C   . LYS A 1 36  ? -5.348  13.054  0.634   1.00 12.39 ? 1516 LYS A C   1 
ATOM   297  O O   . LYS A 1 36  ? -5.628  12.745  -0.511  1.00 12.11 ? 1516 LYS A O   1 
ATOM   298  C CB  . LYS A 1 36  ? -6.444  15.255  1.124   1.00 13.69 ? 1516 LYS A CB  1 
ATOM   299  C CG  . LYS A 1 36  ? -7.157  14.821  2.363   1.00 19.45 ? 1516 LYS A CG  1 
ATOM   300  C CD  . LYS A 1 36  ? -8.299  15.774  2.712   1.00 23.71 ? 1516 LYS A CD  1 
ATOM   301  C CE  . LYS A 1 36  ? -7.851  17.237  2.938   1.00 26.96 ? 1516 LYS A CE  1 
ATOM   302  N NZ  . LYS A 1 36  ? -6.881  17.430  4.072   1.00 30.24 ? 1516 LYS A NZ  1 
ATOM   303  N N   A LEU A 1 37  ? -5.147  12.199  1.633   0.50 12.34 ? 1517 LEU A N   1 
ATOM   304  N N   B LEU A 1 37  ? -5.262  12.181  1.627   0.50 12.92 ? 1517 LEU A N   1 
ATOM   305  C CA  A LEU A 1 37  ? -5.379  10.768  1.550   0.50 12.96 ? 1517 LEU A CA  1 
ATOM   306  C CA  B LEU A 1 37  ? -5.251  10.744  1.432   0.50 13.91 ? 1517 LEU A CA  1 
ATOM   307  C C   A LEU A 1 37  ? -6.638  10.348  2.268   0.50 12.16 ? 1517 LEU A C   1 
ATOM   308  C C   B LEU A 1 37  ? -6.359  10.103  2.265   0.50 14.01 ? 1517 LEU A C   1 
ATOM   309  O O   A LEU A 1 37  ? -6.920  10.773  3.377   0.50 10.75 ? 1517 LEU A O   1 
ATOM   310  O O   B LEU A 1 37  ? -6.259  10.181  3.478   0.50 13.29 ? 1517 LEU A O   1 
ATOM   311  C CB  A LEU A 1 37  ? -4.211  9.983   2.153   0.50 14.21 ? 1517 LEU A CB  1 
ATOM   312  C CB  B LEU A 1 37  ? -3.891  10.254  1.937   0.50 15.10 ? 1517 LEU A CB  1 
ATOM   313  C CG  A LEU A 1 37  ? -3.111  9.494   1.202   0.50 14.04 ? 1517 LEU A CG  1 
ATOM   314  C CG  B LEU A 1 37  ? -3.209  9.022   1.363   0.50 14.41 ? 1517 LEU A CG  1 
ATOM   315  C CD1 A LEU A 1 37  ? -3.525  8.306   0.298   0.50 15.25 ? 1517 LEU A CD1 1 
ATOM   316  C CD1 B LEU A 1 37  ? -4.156  7.826   1.397   0.50 16.69 ? 1517 LEU A CD1 1 
ATOM   317  C CD2 A LEU A 1 37  ? -2.541  10.641  0.353   0.50 16.08 ? 1517 LEU A CD2 1 
ATOM   318  C CD2 B LEU A 1 37  ? -2.766  9.324   -0.072  0.50 16.46 ? 1517 LEU A CD2 1 
ATOM   319  N N   . LEU A 1 38  ? -7.348  9.437   1.624   1.00 13.43 ? 1518 LEU A N   1 
ATOM   320  C CA  . LEU A 1 38  ? -8.386  8.685   2.323   1.00 13.86 ? 1518 LEU A CA  1 
ATOM   321  C C   . LEU A 1 38  ? -7.887  7.252   2.306   1.00 13.84 ? 1518 LEU A C   1 
ATOM   322  O O   . LEU A 1 38  ? -7.907  6.599   1.289   1.00 13.92 ? 1518 LEU A O   1 
ATOM   323  C CB  . LEU A 1 38  ? -9.757  8.833   1.647   1.00 16.47 ? 1518 LEU A CB  1 
ATOM   324  C CG  . LEU A 1 38  ? -10.848 7.924   2.236   1.00 19.18 ? 1518 LEU A CG  1 
ATOM   325  C CD1 . LEU A 1 38  ? -11.207 8.276   3.654   1.00 19.19 ? 1518 LEU A CD1 1 
ATOM   326  C CD2 . LEU A 1 38  ? -12.093 7.974   1.353   1.00 19.43 ? 1518 LEU A CD2 1 
ATOM   327  N N   . PHE A 1 39  ? -7.441  6.810   3.470   1.00 13.25 ? 1519 PHE A N   1 
ATOM   328  C CA  . PHE A 1 39  ? -7.028  5.440   3.649   1.00 13.70 ? 1519 PHE A CA  1 
ATOM   329  C C   . PHE A 1 39  ? -8.221  4.513   3.619   1.00 14.00 ? 1519 PHE A C   1 
ATOM   330  O O   . PHE A 1 39  ? -9.345  4.900   3.925   1.00 15.03 ? 1519 PHE A O   1 
ATOM   331  C CB  . PHE A 1 39  ? -6.197  5.256   4.890   1.00 14.48 ? 1519 PHE A CB  1 
ATOM   332  C CG  . PHE A 1 39  ? -4.880  5.931   4.802   1.00 15.05 ? 1519 PHE A CG  1 
ATOM   333  C CD1 . PHE A 1 39  ? -4.679  7.169   5.352   1.00 17.93 ? 1519 PHE A CD1 1 
ATOM   334  C CD2 . PHE A 1 39  ? -3.845  5.317   4.185   1.00 15.71 ? 1519 PHE A CD2 1 
ATOM   335  C CE1 . PHE A 1 39  ? -3.421  7.798   5.275   1.00 16.59 ? 1519 PHE A CE1 1 
ATOM   336  C CE2 . PHE A 1 39  ? -2.582  5.910   4.097   1.00 16.80 ? 1519 PHE A CE2 1 
ATOM   337  C CZ  . PHE A 1 39  ? -2.389  7.176   4.645   1.00 17.51 ? 1519 PHE A CZ  1 
ATOM   338  N N   . ASP A 1 40  ? -7.948  3.270   3.224   1.00 14.97 ? 1520 ASP A N   1 
ATOM   339  C CA  . ASP A 1 40  ? -9.035  2.308   3.065   1.00 16.41 ? 1520 ASP A CA  1 
ATOM   340  C C   . ASP A 1 40  ? -9.810  1.989   4.363   1.00 17.98 ? 1520 ASP A C   1 
ATOM   341  O O   . ASP A 1 40  ? -10.920 1.466   4.304   1.00 19.43 ? 1520 ASP A O   1 
ATOM   342  C CB  . ASP A 1 40  ? -8.505  1.032   2.409   1.00 15.61 ? 1520 ASP A CB  1 
ATOM   343  C CG  . ASP A 1 40  ? -8.213  1.223   0.944   1.00 17.36 ? 1520 ASP A CG  1 
ATOM   344  O OD1 . ASP A 1 40  ? -8.524  2.258   0.347   1.00 19.96 ? 1520 ASP A OD1 1 
ATOM   345  O OD2 . ASP A 1 40  ? -7.528  0.350   0.386   1.00 18.71 ? 1520 ASP A OD2 1 
ATOM   346  N N   A ASP A 1 41  ? -9.222  2.290   5.520   0.70 20.17 ? 1521 ASP A N   1 
ATOM   347  N N   B ASP A 1 41  ? -9.228  2.286   5.522   0.30 19.01 ? 1521 ASP A N   1 
ATOM   348  C CA  A ASP A 1 41  ? -9.956  2.145   6.794   0.70 21.58 ? 1521 ASP A CA  1 
ATOM   349  C CA  B ASP A 1 41  ? -9.956  2.193   6.800   0.30 19.81 ? 1521 ASP A CA  1 
ATOM   350  C C   A ASP A 1 41  ? -10.806 3.400   7.110   0.70 21.55 ? 1521 ASP A C   1 
ATOM   351  C C   B ASP A 1 41  ? -11.033 3.265   6.851   0.30 20.32 ? 1521 ASP A C   1 
ATOM   352  O O   A ASP A 1 41  ? -11.581 3.456   8.098   0.70 21.02 ? 1521 ASP A O   1 
ATOM   353  O O   B ASP A 1 41  ? -12.110 3.078   7.428   0.30 20.55 ? 1521 ASP A O   1 
ATOM   354  C CB  A ASP A 1 41  ? -9.033  1.698   7.957   0.70 23.30 ? 1521 ASP A CB  1 
ATOM   355  C CB  B ASP A 1 41  ? -8.997  2.426   7.968   0.30 19.70 ? 1521 ASP A CB  1 
ATOM   356  C CG  A ASP A 1 41  ? -7.676  2.411   7.979   0.70 23.64 ? 1521 ASP A CG  1 
ATOM   357  C CG  B ASP A 1 41  ? -8.036  3.564   7.700   0.30 19.50 ? 1521 ASP A CG  1 
ATOM   358  O OD1 A ASP A 1 41  ? -7.505  3.429   7.268   0.70 23.82 ? 1521 ASP A OD1 1 
ATOM   359  O OD1 B ASP A 1 41  ? -8.492  4.621   7.247   0.30 17.10 ? 1521 ASP A OD1 1 
ATOM   360  O OD2 A ASP A 1 41  ? -6.791  1.969   8.747   0.70 28.29 ? 1521 ASP A OD2 1 
ATOM   361  O OD2 B ASP A 1 41  ? -6.824  3.403   7.928   0.30 19.36 ? 1521 ASP A OD2 1 
ATOM   362  N N   . GLY A 1 42  ? -10.723 4.410   6.251   1.00 20.62 ? 1522 GLY A N   1 
ATOM   363  C CA  . GLY A 1 42  ? -11.520 5.612   6.443   1.00 22.02 ? 1522 GLY A CA  1 
ATOM   364  C C   . GLY A 1 42  ? -10.764 6.714   7.189   1.00 21.41 ? 1522 GLY A C   1 
ATOM   365  O O   . GLY A 1 42  ? -11.357 7.772   7.426   1.00 22.76 ? 1522 GLY A O   1 
ATOM   366  N N   . TYR A 1 43  ? -9.514  6.469   7.599   1.00 22.62 ? 1523 TYR A N   1 
ATOM   367  C CA  . TYR A 1 43  ? -8.643  7.507   8.214   1.00 22.62 ? 1523 TYR A CA  1 
ATOM   368  C C   . TYR A 1 43  ? -8.184  8.460   7.099   1.00 23.07 ? 1523 TYR A C   1 
ATOM   369  O O   . TYR A 1 43  ? -7.959  8.063   5.943   1.00 19.97 ? 1523 TYR A O   1 
ATOM   370  C CB  . TYR A 1 43  ? -7.375  6.912   8.891   1.00 24.17 ? 1523 TYR A CB  1 
ATOM   371  C CG  . TYR A 1 43  ? -7.504  6.260   10.281  1.00 27.19 ? 1523 TYR A CG  1 
ATOM   372  C CD1 . TYR A 1 43  ? -8.164  5.038   10.460  1.00 27.25 ? 1523 TYR A CD1 1 
ATOM   373  C CD2 . TYR A 1 43  ? -6.911  6.856   11.407  1.00 29.01 ? 1523 TYR A CD2 1 
ATOM   374  C CE1 . TYR A 1 43  ? -8.259  4.433   11.730  1.00 29.24 ? 1523 TYR A CE1 1 
ATOM   375  C CE2 . TYR A 1 43  ? -7.003  6.271   12.679  1.00 29.39 ? 1523 TYR A CE2 1 
ATOM   376  C CZ  . TYR A 1 43  ? -7.675  5.067   12.835  1.00 28.89 ? 1523 TYR A CZ  1 
ATOM   377  O OH  . TYR A 1 43  ? -7.744  4.500   14.094  1.00 28.80 ? 1523 TYR A OH  1 
ATOM   378  N N   . GLU A 1 44  ? -8.014  9.723   7.437   1.00 23.98 ? 1524 GLU A N   1 
ATOM   379  C CA  . GLU A 1 44  ? -7.560  10.689  6.451   1.00 25.76 ? 1524 GLU A CA  1 
ATOM   380  C C   . GLU A 1 44  ? -6.465  11.553  7.014   1.00 25.76 ? 1524 GLU A C   1 
ATOM   381  O O   . GLU A 1 44  ? -6.511  11.972  8.181   1.00 26.84 ? 1524 GLU A O   1 
ATOM   382  C CB  . GLU A 1 44  ? -8.691  11.584  5.965   1.00 26.47 ? 1524 GLU A CB  1 
ATOM   383  C CG  . GLU A 1 44  ? -9.900  10.861  5.447   1.00 29.75 ? 1524 GLU A CG  1 
ATOM   384  C CD  . GLU A 1 44  ? -11.076 11.782  5.222   1.00 33.22 ? 1524 GLU A CD  1 
ATOM   385  O OE1 . GLU A 1 44  ? -11.343 12.128  4.049   1.00 36.38 ? 1524 GLU A OE1 1 
ATOM   386  O OE2 . GLU A 1 44  ? -11.736 12.174  6.216   1.00 34.20 ? 1524 GLU A OE2 1 
ATOM   387  N N   . CYS A 1 45  ? -5.495  11.850  6.169   1.00 24.68 ? 1525 CYS A N   1 
ATOM   388  C CA  . CYS A 1 45  ? -4.433  12.749  6.532   1.00 24.16 ? 1525 CYS A CA  1 
ATOM   389  C C   . CYS A 1 45  ? -3.853  13.372  5.269   1.00 22.37 ? 1525 CYS A C   1 
ATOM   390  O O   . CYS A 1 45  ? -4.105  12.910  4.138   1.00 18.94 ? 1525 CYS A O   1 
ATOM   391  C CB  . CYS A 1 45  ? -3.368  12.014  7.366   1.00 24.58 ? 1525 CYS A CB  1 
ATOM   392  S SG  . CYS A 1 45  ? -2.154  10.991  6.569   1.00 29.12 ? 1525 CYS A SG  1 
ATOM   393  N N   . ASP A 1 46  ? -3.124  14.459  5.454   1.00 20.45 ? 1526 ASP A N   1 
ATOM   394  C CA  . ASP A 1 46  ? -2.309  14.987  4.378   1.00 19.32 ? 1526 ASP A CA  1 
ATOM   395  C C   . ASP A 1 46  ? -0.985  14.287  4.374   1.00 17.97 ? 1526 ASP A C   1 
ATOM   396  O O   . ASP A 1 46  ? -0.395  13.994  5.441   1.00 18.09 ? 1526 ASP A O   1 
ATOM   397  C CB  . ASP A 1 46  ? -2.069  16.465  4.567   1.00 19.08 ? 1526 ASP A CB  1 
ATOM   398  C CG  . ASP A 1 46  ? -3.307  17.269  4.330   1.00 20.94 ? 1526 ASP A CG  1 
ATOM   399  O OD1 . ASP A 1 46  ? -4.330  16.692  3.916   1.00 22.49 ? 1526 ASP A OD1 1 
ATOM   400  O OD2 . ASP A 1 46  ? -3.251  18.484  4.556   1.00 21.77 ? 1526 ASP A OD2 1 
ATOM   401  N N   . VAL A 1 47  ? -0.507  13.957  3.174   1.00 15.23 ? 1527 VAL A N   1 
ATOM   402  C CA  . VAL A 1 47  ? 0.726   13.239  2.983   1.00 14.85 ? 1527 VAL A CA  1 
ATOM   403  C C   . VAL A 1 47  ? 1.553   13.906  1.901   1.00 14.33 ? 1527 VAL A C   1 
ATOM   404  O O   . VAL A 1 47  ? 1.015   14.345  0.887   1.00 13.91 ? 1527 VAL A O   1 
ATOM   405  C CB  . VAL A 1 47  ? 0.433   11.738  2.581   1.00 16.26 ? 1527 VAL A CB  1 
ATOM   406  C CG1 . VAL A 1 47  ? 1.716   10.917  2.438   1.00 16.03 ? 1527 VAL A CG1 1 
ATOM   407  C CG2 . VAL A 1 47  ? -0.494  11.115  3.602   1.00 17.72 ? 1527 VAL A CG2 1 
ATOM   408  N N   A LEU A 1 48  ? 2.868   13.987  2.088   0.50 14.95 ? 1528 LEU A N   1 
ATOM   409  N N   B LEU A 1 48  ? 2.859   13.933  2.096   0.50 14.68 ? 1528 LEU A N   1 
ATOM   410  C CA  A LEU A 1 48  ? 3.750   14.520  1.044   0.50 15.27 ? 1528 LEU A CA  1 
ATOM   411  C CA  B LEU A 1 48  ? 3.791   14.415  1.093   0.50 14.73 ? 1528 LEU A CA  1 
ATOM   412  C C   A LEU A 1 48  ? 3.876   13.530  -0.108  0.50 14.88 ? 1528 LEU A C   1 
ATOM   413  C C   B LEU A 1 48  ? 3.806   13.485  -0.122  0.50 14.58 ? 1528 LEU A C   1 
ATOM   414  O O   A LEU A 1 48  ? 3.965   12.312  0.096   0.50 13.83 ? 1528 LEU A O   1 
ATOM   415  O O   B LEU A 1 48  ? 3.730   12.245  0.026   0.50 13.54 ? 1528 LEU A O   1 
ATOM   416  C CB  A LEU A 1 48  ? 5.156   14.819  1.569   0.50 16.53 ? 1528 LEU A CB  1 
ATOM   417  C CB  B LEU A 1 48  ? 5.189   14.466  1.701   0.50 15.60 ? 1528 LEU A CB  1 
ATOM   418  C CG  A LEU A 1 48  ? 5.442   16.079  2.380   0.50 18.68 ? 1528 LEU A CG  1 
ATOM   419  C CG  B LEU A 1 48  ? 5.447   15.500  2.800   0.50 16.68 ? 1528 LEU A CG  1 
ATOM   420  C CD1 A LEU A 1 48  ? 5.274   15.794  3.848   0.50 22.82 ? 1528 LEU A CD1 1 
ATOM   421  C CD1 B LEU A 1 48  ? 6.783   15.179  3.423   0.50 18.19 ? 1528 LEU A CD1 1 
ATOM   422  C CD2 A LEU A 1 48  ? 6.862   16.512  2.104   0.50 20.20 ? 1528 LEU A CD2 1 
ATOM   423  C CD2 B LEU A 1 48  ? 5.431   16.924  2.230   0.50 17.16 ? 1528 LEU A CD2 1 
ATOM   424  N N   . GLY A 1 49  ? 3.928   14.054  -1.320  1.00 14.16 ? 1529 GLY A N   1 
ATOM   425  C CA  . GLY A 1 49  ? 4.003   13.244  -2.505  1.00 15.66 ? 1529 GLY A CA  1 
ATOM   426  C C   . GLY A 1 49  ? 5.136   12.247  -2.411  1.00 15.87 ? 1529 GLY A C   1 
ATOM   427  O O   . GLY A 1 49  ? 4.982   11.123  -2.897  1.00 15.31 ? 1529 GLY A O   1 
ATOM   428  N N   . LYS A 1 50  ? 6.257   12.625  -1.777  1.00 16.37 ? 1530 LYS A N   1 
ATOM   429  C CA  . LYS A 1 50  ? 7.409   11.716  -1.649  1.00 18.27 ? 1530 LYS A CA  1 
ATOM   430  C C   . LYS A 1 50  ? 7.096   10.466  -0.836  1.00 18.27 ? 1530 LYS A C   1 
ATOM   431  O O   . LYS A 1 50  ? 7.814   9.466   -0.923  1.00 20.27 ? 1530 LYS A O   1 
ATOM   432  C CB  . LYS A 1 50  ? 8.614   12.425  -1.003  1.00 18.87 ? 1530 LYS A CB  1 
ATOM   433  C CG  . LYS A 1 50  ? 8.433   12.761  0.466   1.00 21.44 ? 1530 LYS A CG  1 
ATOM   434  C CD  . LYS A 1 50  ? 9.732   13.285  1.128   1.00 22.02 ? 1530 LYS A CD  1 
ATOM   435  C CE  . LYS A 1 50  ? 10.465  12.168  1.858   1.00 28.69 ? 1530 LYS A CE  1 
ATOM   436  N NZ  . LYS A 1 50  ? 9.722   11.653  3.056   1.00 32.61 ? 1530 LYS A NZ  1 
ATOM   437  N N   . ASP A 1 51  ? 6.036   10.546  -0.051  1.00 16.00 ? 1531 ASP A N   1 
ATOM   438  C CA  . ASP A 1 51  ? 5.587   9.419   0.805   1.00 15.56 ? 1531 ASP A CA  1 
ATOM   439  C C   . ASP A 1 51  ? 4.373   8.690   0.207   1.00 14.38 ? 1531 ASP A C   1 
ATOM   440  O O   . ASP A 1 51  ? 3.764   7.895   0.908   1.00 13.86 ? 1531 ASP A O   1 
ATOM   441  C CB  . ASP A 1 51  ? 5.221   9.908   2.202   1.00 17.50 ? 1531 ASP A CB  1 
ATOM   442  C CG  . ASP A 1 51  ? 6.415   10.491  2.986   1.00 21.46 ? 1531 ASP A CG  1 
ATOM   443  O OD1 . ASP A 1 51  ? 7.529   10.041  2.766   1.00 22.92 ? 1531 ASP A OD1 1 
ATOM   444  O OD2 . ASP A 1 51  ? 6.205   11.400  3.818   1.00 24.84 ? 1531 ASP A OD2 1 
ATOM   445  N N   . ILE A 1 52  ? 4.064   8.936   -1.060  1.00 13.18 ? 1532 ILE A N   1 
ATOM   446  C CA  . ILE A 1 52  ? 2.960   8.276   -1.742  1.00 13.22 ? 1532 ILE A CA  1 
ATOM   447  C C   . ILE A 1 52  ? 3.461   7.454   -2.898  1.00 13.83 ? 1532 ILE A C   1 
ATOM   448  O O   . ILE A 1 52  ? 4.229   7.991   -3.716  1.00 15.65 ? 1532 ILE A O   1 
ATOM   449  C CB  . ILE A 1 52  ? 1.926   9.342   -2.261  1.00 12.82 ? 1532 ILE A CB  1 
ATOM   450  C CG1 . ILE A 1 52  ? 1.318   10.133  -1.102  1.00 14.38 ? 1532 ILE A CG1 1 
ATOM   451  C CG2 . ILE A 1 52  ? 0.860   8.657   -3.078  1.00 14.84 ? 1532 ILE A CG2 1 
ATOM   452  C CD1 . ILE A 1 52  ? 0.470   11.358  -1.553  1.00 14.45 ? 1532 ILE A CD1 1 
ATOM   453  N N   . LEU A 1 53  ? 3.096   6.168   -2.943  1.00 13.99 ? 1533 LEU A N   1 
ATOM   454  C CA  . LEU A 1 53  ? 3.512   5.262   -3.997  1.00 14.22 ? 1533 LEU A CA  1 
ATOM   455  C C   . LEU A 1 53  ? 2.369   4.987   -4.905  1.00 14.61 ? 1533 LEU A C   1 
ATOM   456  O O   . LEU A 1 53  ? 1.308   4.570   -4.485  1.00 14.01 ? 1533 LEU A O   1 
ATOM   457  C CB  . LEU A 1 53  ? 4.043   3.942   -3.400  1.00 15.05 ? 1533 LEU A CB  1 
ATOM   458  C CG  . LEU A 1 53  ? 5.105   4.077   -2.317  1.00 14.82 ? 1533 LEU A CG  1 
ATOM   459  C CD1 . LEU A 1 53  ? 5.328   2.748   -1.604  1.00 14.59 ? 1533 LEU A CD1 1 
ATOM   460  C CD2 . LEU A 1 53  ? 6.387   4.599   -2.927  1.00 16.59 ? 1533 LEU A CD2 1 
ATOM   461  N N   A LEU A 1 54  ? 2.568   5.173   -6.218  0.50 14.92 ? 1534 LEU A N   1 
ATOM   462  N N   B LEU A 1 54  ? 2.605   5.320   -6.167  0.50 15.22 ? 1534 LEU A N   1 
ATOM   463  C CA  A LEU A 1 54  ? 1.520   4.853   -7.208  0.50 17.15 ? 1534 LEU A CA  1 
ATOM   464  C CA  B LEU A 1 54  ? 1.605   5.194   -7.174  0.50 17.25 ? 1534 LEU A CA  1 
ATOM   465  C C   A LEU A 1 54  ? 1.539   3.388   -7.592  0.50 17.30 ? 1534 LEU A C   1 
ATOM   466  C C   B LEU A 1 54  ? 1.799   3.809   -7.742  0.50 17.31 ? 1534 LEU A C   1 
ATOM   467  O O   A LEU A 1 54  ? 1.890   3.036   -8.708  0.50 18.56 ? 1534 LEU A O   1 
ATOM   468  O O   B LEU A 1 54  ? 2.321   3.646   -8.840  0.50 18.76 ? 1534 LEU A O   1 
ATOM   469  C CB  A LEU A 1 54  ? 1.655   5.706   -8.488  0.50 17.52 ? 1534 LEU A CB  1 
ATOM   470  C CB  B LEU A 1 54  ? 1.794   6.269   -8.250  0.50 17.58 ? 1534 LEU A CB  1 
ATOM   471  C CG  A LEU A 1 54  ? 1.300   7.188   -8.405  0.50 19.36 ? 1534 LEU A CG  1 
ATOM   472  C CG  B LEU A 1 54  ? 0.694   6.171   -9.302  0.50 18.14 ? 1534 LEU A CG  1 
ATOM   473  C CD1 A LEU A 1 54  ? 0.895   7.677   -9.801  0.50 20.39 ? 1534 LEU A CD1 1 
ATOM   474  C CD1 B LEU A 1 54  ? -0.672  6.483   -8.719  0.50 20.34 ? 1534 LEU A CD1 1 
ATOM   475  C CD2 A LEU A 1 54  ? 0.193   7.459   -7.403  0.50 23.23 ? 1534 LEU A CD2 1 
ATOM   476  C CD2 B LEU A 1 54  ? 1.021   7.071   -10.482 0.50 18.52 ? 1534 LEU A CD2 1 
ATOM   477  N N   A CYS A 1 55  ? 1.201   2.506   -6.671  0.50 17.68 ? 1535 CYS A N   1 
ATOM   478  N N   B CYS A 1 55  ? 1.479   2.798   -6.942  0.50 17.40 ? 1535 CYS A N   1 
ATOM   479  C CA  A CYS A 1 55  ? 1.104   1.107   -7.057  0.50 17.51 ? 1535 CYS A CA  1 
ATOM   480  C CA  B CYS A 1 55  ? 1.336   1.448   -7.439  0.50 18.32 ? 1535 CYS A CA  1 
ATOM   481  C C   A CYS A 1 55  ? -0.179  0.476   -6.579  0.50 16.91 ? 1535 CYS A C   1 
ATOM   482  C C   B CYS A 1 55  ? 0.067   0.853   -6.862  0.50 17.88 ? 1535 CYS A C   1 
ATOM   483  O O   A CYS A 1 55  ? -0.358  0.155   -5.399  0.50 18.81 ? 1535 CYS A O   1 
ATOM   484  O O   B CYS A 1 55  ? -0.166  0.847   -5.650  0.50 18.90 ? 1535 CYS A O   1 
ATOM   485  C CB  A CYS A 1 55  ? 2.349   0.316   -6.666  0.50 17.86 ? 1535 CYS A CB  1 
ATOM   486  C CB  B CYS A 1 55  ? 2.571   0.568   -7.168  0.50 17.73 ? 1535 CYS A CB  1 
ATOM   487  S SG  A CYS A 1 55  ? 2.808   0.571   -5.003  0.50 16.21 ? 1535 CYS A SG  1 
ATOM   488  S SG  B CYS A 1 55  ? 3.443   0.695   -5.564  0.50 19.27 ? 1535 CYS A SG  1 
ATOM   489  N N   A ASP A 1 56  ? -1.089  0.345   -7.531  0.50 16.70 ? 1536 ASP A N   1 
ATOM   490  N N   B ASP A 1 56  ? -0.812  0.486   -7.778  0.50 17.94 ? 1536 ASP A N   1 
ATOM   491  C CA  A ASP A 1 56  ? -2.346  -0.355  -7.345  0.50 15.86 ? 1536 ASP A CA  1 
ATOM   492  C CA  B ASP A 1 56  ? -1.957  -0.314  -7.445  0.50 18.48 ? 1536 ASP A CA  1 
ATOM   493  C C   A ASP A 1 56  ? -2.385  -1.403  -8.454  0.50 16.34 ? 1536 ASP A C   1 
ATOM   494  C C   B ASP A 1 56  ? -2.051  -1.352  -8.536  0.50 17.46 ? 1536 ASP A C   1 
ATOM   495  O O   A ASP A 1 56  ? -2.917  -1.123  -9.538  0.50 16.04 ? 1536 ASP A O   1 
ATOM   496  O O   B ASP A 1 56  ? -2.219  -0.999  -9.715  0.50 16.23 ? 1536 ASP A O   1 
ATOM   497  C CB  A ASP A 1 56  ? -3.509  0.597   -7.558  0.50 16.39 ? 1536 ASP A CB  1 
ATOM   498  C CB  B ASP A 1 56  ? -3.260  0.455   -7.393  0.50 19.34 ? 1536 ASP A CB  1 
ATOM   499  C CG  A ASP A 1 56  ? -4.846  -0.113  -7.553  0.50 14.91 ? 1536 ASP A CG  1 
ATOM   500  C CG  B ASP A 1 56  ? -4.390  -0.440  -6.997  0.50 21.52 ? 1536 ASP A CG  1 
ATOM   501  O OD1 A ASP A 1 56  ? -5.785  0.483   -8.112  0.50 18.72 ? 1536 ASP A OD1 1 
ATOM   502  O OD1 B ASP A 1 56  ? -4.131  -1.325  -6.156  0.50 19.66 ? 1536 ASP A OD1 1 
ATOM   503  O OD2 A ASP A 1 56  ? -4.955  -1.226  -6.936  0.50 14.23 ? 1536 ASP A OD2 1 
ATOM   504  O OD2 B ASP A 1 56  ? -5.510  -0.291  -7.522  0.50 23.05 ? 1536 ASP A OD2 1 
ATOM   505  N N   . PRO A 1 57  ? -1.881  -2.637  -8.183  1.00 15.02 ? 1537 PRO A N   1 
ATOM   506  C CA  . PRO A 1 57  ? -1.521  -3.246  -6.903  1.00 14.91 ? 1537 PRO A CA  1 
ATOM   507  C C   . PRO A 1 57  ? -0.046  -3.025  -6.579  1.00 14.22 ? 1537 PRO A C   1 
ATOM   508  O O   . PRO A 1 57  ? 0.799   -2.601  -7.403  1.00 15.06 ? 1537 PRO A O   1 
ATOM   509  C CB  . PRO A 1 57  ? -1.672  -4.763  -7.197  1.00 15.64 ? 1537 PRO A CB  1 
ATOM   510  C CG  . PRO A 1 57  ? -1.386  -4.851  -8.654  1.00 17.87 ? 1537 PRO A CG  1 
ATOM   511  C CD  . PRO A 1 57  ? -1.859  -3.622  -9.298  1.00 16.33 ? 1537 PRO A CD  1 
ATOM   512  N N   . ILE A 1 58  ? 0.313   -3.366  -5.342  1.00 13.83 ? 1538 ILE A N   1 
ATOM   513  C CA  . ILE A 1 58  ? 1.750   -3.474  -5.023  1.00 14.95 ? 1538 ILE A CA  1 
ATOM   514  C C   . ILE A 1 58  ? 2.450   -4.520  -5.927  1.00 15.03 ? 1538 ILE A C   1 
ATOM   515  O O   . ILE A 1 58  ? 1.852   -5.577  -6.158  1.00 14.39 ? 1538 ILE A O   1 
ATOM   516  C CB  . ILE A 1 58  ? 1.927   -3.870  -3.522  1.00 14.18 ? 1538 ILE A CB  1 
ATOM   517  C CG1 . ILE A 1 58  ? 1.302   -2.766  -2.639  1.00 15.20 ? 1538 ILE A CG1 1 
ATOM   518  C CG2 . ILE A 1 58  ? 3.370   -4.157  -3.184  1.00 14.90 ? 1538 ILE A CG2 1 
ATOM   519  C CD1 . ILE A 1 58  ? 1.044   -3.283  -1.238  1.00 16.79 ? 1538 ILE A CD1 1 
ATOM   520  N N   . PRO A 1 59  ? 3.629   -4.270  -6.453  1.00 14.27 ? 1539 PRO A N   1 
ATOM   521  C CA  . PRO A 1 59  ? 4.116   -5.115  -7.538  1.00 15.25 ? 1539 PRO A CA  1 
ATOM   522  C C   . PRO A 1 59  ? 4.497   -6.512  -7.150  1.00 13.71 ? 1539 PRO A C   1 
ATOM   523  O O   . PRO A 1 59  ? 4.822   -6.781  -6.004  1.00 15.11 ? 1539 PRO A O   1 
ATOM   524  C CB  . PRO A 1 59  ? 5.317   -4.333  -8.069  1.00 16.11 ? 1539 PRO A CB  1 
ATOM   525  C CG  . PRO A 1 59  ? 5.185   -2.966  -7.569  1.00 17.35 ? 1539 PRO A CG  1 
ATOM   526  C CD  . PRO A 1 59  ? 4.440   -3.034  -6.277  1.00 15.54 ? 1539 PRO A CD  1 
ATOM   527  N N   . LEU A 1 60  ? 4.400   -7.412  -8.127  1.00 14.15 ? 1540 LEU A N   1 
ATOM   528  C CA  . LEU A 1 60  ? 4.949   -8.721  -7.974  1.00 12.79 ? 1540 LEU A CA  1 
ATOM   529  C C   . LEU A 1 60  ? 6.402   -8.628  -7.536  1.00 14.33 ? 1540 LEU A C   1 
ATOM   530  O O   . LEU A 1 60  ? 7.132   -7.706  -7.918  1.00 15.32 ? 1540 LEU A O   1 
ATOM   531  C CB  . LEU A 1 60  ? 4.937   -9.491  -9.328  1.00 13.94 ? 1540 LEU A CB  1 
ATOM   532  C CG  . LEU A 1 60  ? 3.552   -9.731  -9.897  1.00 12.88 ? 1540 LEU A CG  1 
ATOM   533  C CD1 . LEU A 1 60  ? 3.703   -10.325 -11.329 1.00 14.03 ? 1540 LEU A CD1 1 
ATOM   534  C CD2 . LEU A 1 60  ? 2.747   -10.670 -9.017  1.00 13.33 ? 1540 LEU A CD2 1 
ATOM   535  N N   . ASP A 1 61  ? 6.812   -9.594  -6.745  1.00 14.15 ? 1541 ASP A N   1 
ATOM   536  C CA  . ASP A 1 61  ? 8.190   -9.755  -6.279  1.00 16.16 ? 1541 ASP A CA  1 
ATOM   537  C C   . ASP A 1 61  ? 8.593   -8.727  -5.210  1.00 16.34 ? 1541 ASP A C   1 
ATOM   538  O O   . ASP A 1 61  ? 9.765   -8.706  -4.810  1.00 22.28 ? 1541 ASP A O   1 
ATOM   539  C CB  . ASP A 1 61  ? 9.165   -9.946  -7.450  1.00 17.27 ? 1541 ASP A CB  1 
ATOM   540  C CG  . ASP A 1 61  ? 8.872   -11.227 -8.202  1.00 21.55 ? 1541 ASP A CG  1 
ATOM   541  O OD1 . ASP A 1 61  ? 8.783   -12.295 -7.550  1.00 23.41 ? 1541 ASP A OD1 1 
ATOM   542  O OD2 . ASP A 1 61  ? 8.730   -11.164 -9.438  1.00 27.85 ? 1541 ASP A OD2 1 
ATOM   543  N N   . THR A 1 62  ? 7.667   -7.898  -4.789  1.00 16.00 ? 1542 THR A N   1 
ATOM   544  C CA  . THR A 1 62  ? 7.914   -6.931  -3.685  1.00 16.27 ? 1542 THR A CA  1 
ATOM   545  C C   . THR A 1 62  ? 7.815   -7.627  -2.327  1.00 14.12 ? 1542 THR A C   1 
ATOM   546  O O   . THR A 1 62  ? 6.938   -8.457  -2.123  1.00 14.32 ? 1542 THR A O   1 
ATOM   547  C CB  . THR A 1 62  ? 6.806   -5.834  -3.705  1.00 13.71 ? 1542 THR A CB  1 
ATOM   548  O OG1 . THR A 1 62  ? 6.698   -5.197  -4.977  1.00 20.23 ? 1542 THR A OG1 1 
ATOM   549  C CG2 . THR A 1 62  ? 7.025   -4.766  -2.630  1.00 18.26 ? 1542 THR A CG2 1 
ATOM   550  N N   A GLU A 1 63  ? 8.694   -7.229  -1.412  0.50 13.44 ? 1543 GLU A N   1 
ATOM   551  N N   B GLU A 1 63  ? 8.725   -7.376  -1.389  0.50 13.76 ? 1543 GLU A N   1 
ATOM   552  C CA  A GLU A 1 63  ? 8.586   -7.598  -0.012  0.50 13.21 ? 1543 GLU A CA  1 
ATOM   553  C CA  B GLU A 1 63  ? 8.516   -7.893  -0.030  0.50 13.50 ? 1543 GLU A CA  1 
ATOM   554  C C   A GLU A 1 63  ? 7.521   -6.765  0.678   0.50 12.96 ? 1543 GLU A C   1 
ATOM   555  C C   B GLU A 1 63  ? 7.613   -6.896  0.684   0.50 13.11 ? 1543 GLU A C   1 
ATOM   556  O O   A GLU A 1 63  ? 7.536   -5.541  0.609   0.50 14.18 ? 1543 GLU A O   1 
ATOM   557  O O   B GLU A 1 63  ? 7.848   -5.697  0.614   0.50 12.98 ? 1543 GLU A O   1 
ATOM   558  C CB  A GLU A 1 63  ? 9.951   -7.438  0.699   0.50 11.90 ? 1543 GLU A CB  1 
ATOM   559  C CB  B GLU A 1 63  ? 9.849   -8.072  0.726   0.50 14.50 ? 1543 GLU A CB  1 
ATOM   560  C CG  A GLU A 1 63  ? 9.940   -8.217  2.005   0.50 16.28 ? 1543 GLU A CG  1 
ATOM   561  C CG  B GLU A 1 63  ? 9.647   -8.682  2.114   0.50 17.79 ? 1543 GLU A CG  1 
ATOM   562  C CD  A GLU A 1 63  ? 11.128  -7.973  2.866   0.50 15.68 ? 1543 GLU A CD  1 
ATOM   563  C CD  B GLU A 1 63  ? 10.836  -8.463  3.022   0.50 19.96 ? 1543 GLU A CD  1 
ATOM   564  O OE1 A GLU A 1 63  ? 10.932  -7.488  4.004   0.50 17.08 ? 1543 GLU A OE1 1 
ATOM   565  O OE1 B GLU A 1 63  ? 11.113  -7.303  3.421   0.50 18.77 ? 1543 GLU A OE1 1 
ATOM   566  O OE2 A GLU A 1 63  ? 12.250  -8.322  2.420   0.50 18.76 ? 1543 GLU A OE2 1 
ATOM   567  O OE2 B GLU A 1 63  ? 11.527  -9.479  3.296   0.50 20.92 ? 1543 GLU A OE2 1 
ATOM   568  N N   . VAL A 1 64  ? 6.589   -7.429  1.339   1.00 13.54 ? 1544 VAL A N   1 
ATOM   569  C CA  . VAL A 1 64  ? 5.500   -6.716  1.999   1.00 13.07 ? 1544 VAL A CA  1 
ATOM   570  C C   . VAL A 1 64  ? 5.344   -7.239  3.433   1.00 12.39 ? 1544 VAL A C   1 
ATOM   571  O O   . VAL A 1 64  ? 6.021   -8.228  3.819   1.00 12.17 ? 1544 VAL A O   1 
ATOM   572  C CB  . VAL A 1 64  ? 4.216   -6.898  1.210   1.00 12.83 ? 1544 VAL A CB  1 
ATOM   573  C CG1 . VAL A 1 64  ? 4.308   -6.330  -0.207  1.00 13.27 ? 1544 VAL A CG1 1 
ATOM   574  C CG2 . VAL A 1 64  ? 3.710   -8.317  1.168   1.00 13.23 ? 1544 VAL A CG2 1 
ATOM   575  N N   . THR A 1 65  ? 4.439   -6.614  4.161   1.00 12.39 ? 1545 THR A N   1 
ATOM   576  C CA  . THR A 1 65  ? 4.041   -7.081  5.462   1.00 12.06 ? 1545 THR A CA  1 
ATOM   577  C C   . THR A 1 65  ? 2.564   -7.519  5.402   1.00 12.52 ? 1545 THR A C   1 
ATOM   578  O O   . THR A 1 65  ? 1.668   -6.765  5.007   1.00 14.43 ? 1545 THR A O   1 
ATOM   579  C CB  . THR A 1 65  ? 4.189   -5.942  6.486   1.00 12.31 ? 1545 THR A CB  1 
ATOM   580  O OG1 . THR A 1 65  ? 5.585   -5.582  6.500   1.00 13.48 ? 1545 THR A OG1 1 
ATOM   581  C CG2 . THR A 1 65  ? 3.841   -6.377  7.858   1.00 14.03 ? 1545 THR A CG2 1 
ATOM   582  N N   . ALA A 1 66  ? 2.387   -8.780  5.748   1.00 12.48 ? 1546 ALA A N   1 
ATOM   583  C CA  . ALA A 1 66  ? 1.072   -9.411  5.702   1.00 13.34 ? 1546 ALA A CA  1 
ATOM   584  C C   . ALA A 1 66  ? 0.519   -9.461  7.111   1.00 12.68 ? 1546 ALA A C   1 
ATOM   585  O O   . ALA A 1 66  ? 1.221   -9.819  8.085   1.00 13.84 ? 1546 ALA A O   1 
ATOM   586  C CB  . ALA A 1 66  ? 1.129   -10.784 5.112   1.00 15.54 ? 1546 ALA A CB  1 
ATOM   587  N N   . LEU A 1 67  ? -0.766  -9.148  7.202   1.00 13.83 ? 1547 LEU A N   1 
ATOM   588  C CA  . LEU A 1 67  ? -1.446  -9.090  8.489   1.00 15.77 ? 1547 LEU A CA  1 
ATOM   589  C C   . LEU A 1 67  ? -2.276  -10.349 8.696   1.00 16.13 ? 1547 LEU A C   1 
ATOM   590  O O   . LEU A 1 67  ? -3.154  -10.678 7.865   1.00 16.67 ? 1547 LEU A O   1 
ATOM   591  C CB  . LEU A 1 67  ? -2.340  -7.850  8.544   1.00 16.91 ? 1547 LEU A CB  1 
ATOM   592  C CG  . LEU A 1 67  ? -1.657  -6.505  8.251   1.00 21.87 ? 1547 LEU A CG  1 
ATOM   593  C CD1 . LEU A 1 67  ? -2.622  -5.362  8.590   1.00 21.71 ? 1547 LEU A CD1 1 
ATOM   594  C CD2 . LEU A 1 67  ? -0.326  -6.333  8.937   1.00 27.25 ? 1547 LEU A CD2 1 
ATOM   595  N N   A SER A 1 68  ? -2.013  -11.073 9.779   0.50 16.23 ? 1548 SER A N   1 
ATOM   596  N N   B SER A 1 68  ? -1.997  -11.074 9.785   0.50 16.03 ? 1548 SER A N   1 
ATOM   597  C CA  A SER A 1 68  ? -2.786  -12.271 10.106  0.50 17.77 ? 1548 SER A CA  1 
ATOM   598  C CA  B SER A 1 68  ? -2.781  -12.250 10.194  0.50 17.47 ? 1548 SER A CA  1 
ATOM   599  C C   A SER A 1 68  ? -3.944  -11.913 11.064  0.50 18.96 ? 1548 SER A C   1 
ATOM   600  C C   B SER A 1 68  ? -4.056  -11.811 10.902  0.50 18.99 ? 1548 SER A C   1 
ATOM   601  O O   A SER A 1 68  ? -3.932  -10.893 11.741  0.50 18.40 ? 1548 SER A O   1 
ATOM   602  O O   B SER A 1 68  ? -4.222  -10.647 11.271  0.50 19.11 ? 1548 SER A O   1 
ATOM   603  C CB  A SER A 1 68  ? -1.864  -13.360 10.670  0.50 18.54 ? 1548 SER A CB  1 
ATOM   604  C CB  B SER A 1 68  ? -1.984  -13.156 11.150  0.50 17.52 ? 1548 SER A CB  1 
ATOM   605  O OG  A SER A 1 68  ? -0.882  -13.718 9.716   0.50 20.56 ? 1548 SER A OG  1 
ATOM   606  O OG  B SER A 1 68  ? -2.033  -12.711 12.499  0.50 17.78 ? 1548 SER A OG  1 
ATOM   607  N N   . GLU A 1 69  ? -4.971  -12.765 11.105  1.00 21.10 ? 1549 GLU A N   1 
ATOM   608  C CA  . GLU A 1 69  ? -6.243  -12.415 11.747  1.00 24.38 ? 1549 GLU A CA  1 
ATOM   609  C C   . GLU A 1 69  ? -6.180  -12.154 13.263  1.00 24.46 ? 1549 GLU A C   1 
ATOM   610  O O   . GLU A 1 69  ? -7.142  -11.606 13.849  1.00 27.19 ? 1549 GLU A O   1 
ATOM   611  C CB  . GLU A 1 69  ? -7.337  -13.447 11.406  1.00 25.81 ? 1549 GLU A CB  1 
ATOM   612  C CG  . GLU A 1 69  ? -8.126  -13.099 10.145  1.00 31.81 ? 1549 GLU A CG  1 
ATOM   613  C CD  . GLU A 1 69  ? -7.353  -13.331 8.869   1.00 38.42 ? 1549 GLU A CD  1 
ATOM   614  O OE1 . GLU A 1 69  ? -7.536  -12.543 7.910   1.00 39.80 ? 1549 GLU A OE1 1 
ATOM   615  O OE2 . GLU A 1 69  ? -6.557  -14.299 8.817   1.00 41.17 ? 1549 GLU A OE2 1 
ATOM   616  N N   A ASP A 1 70  ? -5.060  -12.506 13.882  0.30 23.77 ? 1550 ASP A N   1 
ATOM   617  N N   B ASP A 1 70  ? -5.095  -12.584 13.921  0.70 24.06 ? 1550 ASP A N   1 
ATOM   618  C CA  A ASP A 1 70  ? -4.912  -12.449 15.334  0.30 22.76 ? 1550 ASP A CA  1 
ATOM   619  C CA  B ASP A 1 70  ? -4.950  -12.398 15.381  0.70 23.54 ? 1550 ASP A CA  1 
ATOM   620  C C   A ASP A 1 70  ? -3.945  -11.334 15.780  0.30 21.99 ? 1550 ASP A C   1 
ATOM   621  C C   B ASP A 1 70  ? -3.896  -11.338 15.768  0.70 22.12 ? 1550 ASP A C   1 
ATOM   622  O O   A ASP A 1 70  ? -3.353  -11.406 16.875  0.30 21.68 ? 1550 ASP A O   1 
ATOM   623  O O   B ASP A 1 70  ? -3.204  -11.439 16.802  0.70 21.35 ? 1550 ASP A O   1 
ATOM   624  C CB  A ASP A 1 70  ? -4.423  -13.815 15.826  0.30 22.63 ? 1550 ASP A CB  1 
ATOM   625  C CB  B ASP A 1 70  ? -4.701  -13.729 16.117  0.70 24.31 ? 1550 ASP A CB  1 
ATOM   626  C CG  A ASP A 1 70  ? -3.409  -14.435 14.885  0.30 22.10 ? 1550 ASP A CG  1 
ATOM   627  C CG  B ASP A 1 70  ? -3.715  -14.655 15.397  0.70 24.64 ? 1550 ASP A CG  1 
ATOM   628  O OD1 A ASP A 1 70  ? -3.011  -15.601 15.092  0.30 22.44 ? 1550 ASP A OD1 1 
ATOM   629  O OD1 B ASP A 1 70  ? -3.273  -14.369 14.253  0.70 25.26 ? 1550 ASP A OD1 1 
ATOM   630  O OD2 A ASP A 1 70  ? -3.013  -13.734 13.929  0.30 17.63 ? 1550 ASP A OD2 1 
ATOM   631  O OD2 B ASP A 1 70  ? -3.391  -15.707 15.998  0.70 26.99 ? 1550 ASP A OD2 1 
ATOM   632  N N   . GLU A 1 71  ? -3.805  -10.310 14.921  1.00 21.45 ? 1551 GLU A N   1 
ATOM   633  C CA  . GLU A 1 71  ? -2.890  -9.171  15.127  1.00 21.20 ? 1551 GLU A CA  1 
ATOM   634  C C   . GLU A 1 71  ? -1.417  -9.565  15.149  1.00 19.19 ? 1551 GLU A C   1 
ATOM   635  O O   . GLU A 1 71  ? -0.621  -8.952  15.872  1.00 19.99 ? 1551 GLU A O   1 
ATOM   636  C CB  . GLU A 1 71  ? -3.276  -8.328  16.344  1.00 22.42 ? 1551 GLU A CB  1 
ATOM   637  C CG  . GLU A 1 71  ? -4.663  -7.701  16.182  1.00 26.50 ? 1551 GLU A CG  1 
ATOM   638  C CD  . GLU A 1 71  ? -4.978  -6.740  17.280  1.00 31.51 ? 1551 GLU A CD  1 
ATOM   639  O OE1 . GLU A 1 71  ? -5.315  -5.581  16.957  1.00 35.92 ? 1551 GLU A OE1 1 
ATOM   640  O OE2 . GLU A 1 71  ? -4.877  -7.137  18.461  1.00 35.48 ? 1551 GLU A OE2 1 
ATOM   641  N N   . TYR A 1 72  ? -1.059  -10.592 14.406  1.00 15.92 ? 1552 TYR A N   1 
ATOM   642  C CA  . TYR A 1 72  ? 0.352   -10.854 14.118  1.00 14.55 ? 1552 TYR A CA  1 
ATOM   643  C C   . TYR A 1 72  ? 0.641   -10.335 12.738  1.00 13.77 ? 1552 TYR A C   1 
ATOM   644  O O   . TYR A 1 72  ? -0.269  -10.144 11.888  1.00 15.01 ? 1552 TYR A O   1 
ATOM   645  C CB  . TYR A 1 72  ? 0.718   -12.348 14.226  1.00 15.05 ? 1552 TYR A CB  1 
ATOM   646  C CG  . TYR A 1 72  ? 0.610   -12.866 15.645  1.00 15.79 ? 1552 TYR A CG  1 
ATOM   647  C CD1 . TYR A 1 72  ? -0.613  -13.326 16.148  1.00 16.11 ? 1552 TYR A CD1 1 
ATOM   648  C CD2 . TYR A 1 72  ? 1.732   -12.923 16.470  1.00 15.57 ? 1552 TYR A CD2 1 
ATOM   649  C CE1 . TYR A 1 72  ? -0.713  -13.802 17.432  1.00 17.05 ? 1552 TYR A CE1 1 
ATOM   650  C CE2 . TYR A 1 72  ? 1.634   -13.384 17.763  1.00 15.95 ? 1552 TYR A CE2 1 
ATOM   651  C CZ  . TYR A 1 72  ? 0.404   -13.817 18.249  1.00 16.43 ? 1552 TYR A CZ  1 
ATOM   652  O OH  . TYR A 1 72  ? 0.283   -14.288 19.532  1.00 16.94 ? 1552 TYR A OH  1 
ATOM   653  N N   A PHE A 1 73  ? 1.930   -10.125 12.487  0.50 13.40 ? 1553 PHE A N   1 
ATOM   654  N N   B PHE A 1 73  ? 1.901   -10.045 12.476  0.50 13.09 ? 1553 PHE A N   1 
ATOM   655  C CA  A PHE A 1 73  ? 2.487   -9.536  11.261  0.50 12.98 ? 1553 PHE A CA  1 
ATOM   656  C CA  B PHE A 1 73  ? 2.330   -9.636  11.143  0.50 12.46 ? 1553 PHE A CA  1 
ATOM   657  C C   A PHE A 1 73  ? 3.661   -10.390 10.846  0.50 12.37 ? 1553 PHE A C   1 
ATOM   658  C C   B PHE A 1 73  ? 3.693   -10.245 10.829  0.50 12.18 ? 1553 PHE A C   1 
ATOM   659  O O   A PHE A 1 73  ? 4.273   -11.044 11.712  0.50 11.38 ? 1553 PHE A O   1 
ATOM   660  O O   B PHE A 1 73  ? 4.443   -10.623 11.723  0.50 10.71 ? 1553 PHE A O   1 
ATOM   661  C CB  A PHE A 1 73  ? 3.025   -8.131  11.566  0.50 14.21 ? 1553 PHE A CB  1 
ATOM   662  C CB  B PHE A 1 73  ? 2.254   -8.100  10.971  0.50 13.65 ? 1553 PHE A CB  1 
ATOM   663  C CG  A PHE A 1 73  ? 1.995   -7.185  12.035  0.50 15.49 ? 1553 PHE A CG  1 
ATOM   664  C CG  B PHE A 1 73  ? 3.104   -7.327  11.931  0.50 12.92 ? 1553 PHE A CG  1 
ATOM   665  C CD1 A PHE A 1 73  ? 1.330   -6.346  11.153  0.50 18.42 ? 1553 PHE A CD1 1 
ATOM   666  C CD1 B PHE A 1 73  ? 2.721   -7.107  13.261  0.50 14.03 ? 1553 PHE A CD1 1 
ATOM   667  C CD2 A PHE A 1 73  ? 1.673   -7.119  13.384  0.50 14.33 ? 1553 PHE A CD2 1 
ATOM   668  C CD2 B PHE A 1 73  ? 4.279   -6.744  11.479  0.50 13.46 ? 1553 PHE A CD2 1 
ATOM   669  C CE1 A PHE A 1 73  ? 0.354   -5.448  11.619  0.50 20.40 ? 1553 PHE A CE1 1 
ATOM   670  C CE1 B PHE A 1 73  ? 3.520   -6.364  14.111  0.50 13.94 ? 1553 PHE A CE1 1 
ATOM   671  C CE2 A PHE A 1 73  ? 0.715   -6.219  13.851  0.50 16.07 ? 1553 PHE A CE2 1 
ATOM   672  C CE2 B PHE A 1 73  ? 5.074   -5.967  12.327  0.50 14.99 ? 1553 PHE A CE2 1 
ATOM   673  C CZ  A PHE A 1 73  ? 0.052   -5.402  12.959  0.50 18.55 ? 1553 PHE A CZ  1 
ATOM   674  C CZ  B PHE A 1 73  ? 4.709   -5.800  13.641  0.50 14.21 ? 1553 PHE A CZ  1 
ATOM   675  N N   . SER A 1 74  ? 3.972   -10.366 9.542   1.00 12.63 ? 1554 SER A N   1 
ATOM   676  C CA  . SER A 1 74  ? 5.171   -11.029 9.088   1.00 12.94 ? 1554 SER A CA  1 
ATOM   677  C C   . SER A 1 74  ? 5.507   -10.517 7.704   1.00 12.69 ? 1554 SER A C   1 
ATOM   678  O O   . SER A 1 74  ? 4.631   -9.945  7.017   1.00 14.22 ? 1554 SER A O   1 
ATOM   679  C CB  . SER A 1 74  ? 4.978   -12.543 9.036   1.00 14.18 ? 1554 SER A CB  1 
ATOM   680  O OG  . SER A 1 74  ? 3.890   -12.894 8.187   1.00 14.74 ? 1554 SER A OG  1 
ATOM   681  N N   . ALA A 1 75  ? 6.768   -10.647 7.310   1.00 12.52 ? 1555 ALA A N   1 
ATOM   682  C CA  . ALA A 1 75  ? 7.177   -10.342 5.953   1.00 12.25 ? 1555 ALA A CA  1 
ATOM   683  C C   . ALA A 1 75  ? 6.852   -11.472 4.995   1.00 12.75 ? 1555 ALA A C   1 
ATOM   684  O O   . ALA A 1 75  ? 6.876   -12.662 5.347   1.00 13.60 ? 1555 ALA A O   1 
ATOM   685  C CB  . ALA A 1 75  ? 8.673   -10.046 5.941   1.00 14.11 ? 1555 ALA A CB  1 
ATOM   686  N N   . GLY A 1 76  ? 6.574   -11.096 3.751   1.00 12.87 ? 1556 GLY A N   1 
ATOM   687  C CA  . GLY A 1 76  ? 6.411   -12.093 2.675   1.00 14.30 ? 1556 GLY A CA  1 
ATOM   688  C C   . GLY A 1 76  ? 6.635   -11.427 1.342   1.00 12.60 ? 1556 GLY A C   1 
ATOM   689  O O   . GLY A 1 76  ? 6.854   -10.215 1.265   1.00 13.69 ? 1556 GLY A O   1 
ATOM   690  N N   . VAL A 1 77  ? 6.569   -12.207 0.280   1.00 13.41 ? 1557 VAL A N   1 
ATOM   691  C CA  . VAL A 1 77  ? 6.885   -11.704 -1.085  1.00 13.95 ? 1557 VAL A CA  1 
ATOM   692  C C   . VAL A 1 77  ? 5.625   -11.876 -1.937  1.00 12.68 ? 1557 VAL A C   1 
ATOM   693  O O   . VAL A 1 77  ? 5.006   -12.932 -1.956  1.00 12.85 ? 1557 VAL A O   1 
ATOM   694  C CB  . VAL A 1 77  ? 8.109   -12.426 -1.695  1.00 13.57 ? 1557 VAL A CB  1 
ATOM   695  C CG1 . VAL A 1 77  ? 8.304   -11.947 -3.147  1.00 14.42 ? 1557 VAL A CG1 1 
ATOM   696  C CG2 . VAL A 1 77  ? 9.339   -12.101 -0.843  1.00 15.02 ? 1557 VAL A CG2 1 
ATOM   697  N N   . VAL A 1 78  ? 5.261   -10.818 -2.634  1.00 12.58 ? 1558 VAL A N   1 
ATOM   698  C CA  . VAL A 1 78  ? 4.079   -10.906 -3.543  1.00 12.74 ? 1558 VAL A CA  1 
ATOM   699  C C   . VAL A 1 78  ? 4.399   -11.819 -4.742  1.00 11.56 ? 1558 VAL A C   1 
ATOM   700  O O   . VAL A 1 78  ? 5.397   -11.598 -5.473  1.00 12.85 ? 1558 VAL A O   1 
ATOM   701  C CB  . VAL A 1 78  ? 3.694   -9.538  -4.055  1.00 12.97 ? 1558 VAL A CB  1 
ATOM   702  C CG1 . VAL A 1 78  ? 2.500   -9.600  -5.011  1.00 13.67 ? 1558 VAL A CG1 1 
ATOM   703  C CG2 . VAL A 1 78  ? 3.381   -8.584  -2.891  1.00 13.58 ? 1558 VAL A CG2 1 
ATOM   704  N N   . LYS A 1 79  ? 3.614   -12.881 -4.884  1.00 11.30 ? 1559 LYS A N   1 
ATOM   705  C CA  . LYS A 1 79  ? 3.754   -13.784 -6.024  1.00 12.88 ? 1559 LYS A CA  1 
ATOM   706  C C   . LYS A 1 79  ? 2.530   -13.809 -6.922  1.00 10.39 ? 1559 LYS A C   1 
ATOM   707  O O   . LYS A 1 79  ? 2.638   -14.420 -8.005  1.00 12.21 ? 1559 LYS A O   1 
ATOM   708  C CB  . LYS A 1 79  ? 4.072   -15.185 -5.531  1.00 12.61 ? 1559 LYS A CB  1 
ATOM   709  C CG  . LYS A 1 79  ? 5.469   -15.291 -4.848  1.00 14.50 ? 1559 LYS A CG  1 
ATOM   710  C CD  . LYS A 1 79  ? 6.635   -14.934 -5.760  1.00 16.63 ? 1559 LYS A CD  1 
ATOM   711  C CE  . LYS A 1 79  ? 7.948   -15.091 -5.009  1.00 19.73 ? 1559 LYS A CE  1 
ATOM   712  N NZ  . LYS A 1 79  ? 9.083   -14.813 -5.922  1.00 23.59 ? 1559 LYS A NZ  1 
ATOM   713  N N   . GLY A 1 80  ? 1.465   -13.144 -6.567  1.00 10.97 ? 1560 GLY A N   1 
ATOM   714  C CA  . GLY A 1 80  ? 0.297   -13.114 -7.458  1.00 12.55 ? 1560 GLY A CA  1 
ATOM   715  C C   . GLY A 1 80  ? -0.643  -11.991 -7.084  1.00 11.51 ? 1560 GLY A C   1 
ATOM   716  O O   . GLY A 1 80  ? -0.648  -11.519 -5.936  1.00 11.62 ? 1560 GLY A O   1 
ATOM   717  N N   . HIS A 1 81  ? -1.438  -11.588 -8.072  1.00 11.43 ? 1561 HIS A N   1 
ATOM   718  C CA  . HIS A 1 81  ? -2.575  -10.719 -7.899  1.00 11.31 ? 1561 HIS A CA  1 
ATOM   719  C C   . HIS A 1 81  ? -3.760  -11.375 -8.528  1.00 11.84 ? 1561 HIS A C   1 
ATOM   720  O O   . HIS A 1 81  ? -3.668  -11.938 -9.594  1.00 12.15 ? 1561 HIS A O   1 
ATOM   721  C CB  . HIS A 1 81  ? -2.410  -9.378  -8.614  1.00 12.79 ? 1561 HIS A CB  1 
ATOM   722  C CG  . HIS A 1 81  ? -1.069  -8.688  -8.482  1.00 13.29 ? 1561 HIS A CG  1 
ATOM   723  N ND1 . HIS A 1 81  ? -0.464  -8.235  -7.319  1.00 16.42 ? 1561 HIS A ND1 1 
ATOM   724  C CD2 . HIS A 1 81  ? -0.352  -8.186  -9.506  1.00 11.51 ? 1561 HIS A CD2 1 
ATOM   725  C CE1 . HIS A 1 81  ? 0.637   -7.564  -7.670  1.00 11.72 ? 1561 HIS A CE1 1 
ATOM   726  N NE2 . HIS A 1 81  ? 0.718   -7.521  -8.980  1.00 17.16 ? 1561 HIS A NE2 1 
ATOM   727  N N   A ARG A 1 82  ? -4.897  -11.243 -7.877  0.50 12.95 ? 1562 ARG A N   1 
ATOM   728  N N   B ARG A 1 82  ? -4.942  -11.210 -7.958  0.50 12.86 ? 1562 ARG A N   1 
ATOM   729  C CA  A ARG A 1 82  ? -6.154  -11.762 -8.387  0.50 13.18 ? 1562 ARG A CA  1 
ATOM   730  C CA  B ARG A 1 82  ? -6.186  -11.763 -8.541  0.50 14.01 ? 1562 ARG A CA  1 
ATOM   731  C C   A ARG A 1 82  ? -7.278  -10.793 -8.209  0.50 12.82 ? 1562 ARG A C   1 
ATOM   732  C C   B ARG A 1 82  ? -7.329  -10.828 -8.221  0.50 13.13 ? 1562 ARG A C   1 
ATOM   733  O O   A ARG A 1 82  ? -7.308  -10.072 -7.183  0.50 12.65 ? 1562 ARG A O   1 
ATOM   734  O O   B ARG A 1 82  ? -7.536  -10.588 -7.031  0.50 12.51 ? 1562 ARG A O   1 
ATOM   735  C CB  A ARG A 1 82  ? -6.507  -13.073 -7.680  0.50 13.45 ? 1562 ARG A CB  1 
ATOM   736  C CB  B ARG A 1 82  ? -6.442  -13.161 -7.951  0.50 13.20 ? 1562 ARG A CB  1 
ATOM   737  C CG  A ARG A 1 82  ? -7.912  -13.590 -8.017  0.50 17.55 ? 1562 ARG A CG  1 
ATOM   738  C CG  B ARG A 1 82  ? -7.474  -13.998 -8.648  0.50 15.95 ? 1562 ARG A CG  1 
ATOM   739  C CD  A ARG A 1 82  ? -7.915  -14.443 -9.257  0.50 23.18 ? 1562 ARG A CD  1 
ATOM   740  C CD  B ARG A 1 82  ? -7.751  -15.271 -7.871  0.50 18.63 ? 1562 ARG A CD  1 
ATOM   741  N NE  A ARG A 1 82  ? -6.734  -14.199 -10.062 0.50 22.78 ? 1562 ARG A NE  1 
ATOM   742  N NE  B ARG A 1 82  ? -8.705  -16.106 -8.611  0.50 26.61 ? 1562 ARG A NE  1 
ATOM   743  C CZ  A ARG A 1 82  ? -5.749  -15.068 -10.211 0.50 23.43 ? 1562 ARG A CZ  1 
ATOM   744  C CZ  B ARG A 1 82  ? -10.032 -16.010 -8.526  0.50 26.24 ? 1562 ARG A CZ  1 
ATOM   745  N NH1 A ARG A 1 82  ? -5.855  -16.246 -9.658  0.50 15.49 ? 1562 ARG A NH1 1 
ATOM   746  N NH1 B ARG A 1 82  ? -10.594 -15.133 -7.701  0.50 27.77 ? 1562 ARG A NH1 1 
ATOM   747  N NH2 A ARG A 1 82  ? -4.684  -14.765 -10.936 0.50 24.92 ? 1562 ARG A NH2 1 
ATOM   748  N NH2 B ARG A 1 82  ? -10.804 -16.812 -9.244  0.50 28.41 ? 1562 ARG A NH2 1 
ATOM   749  N N   A LYS A 1 83  ? -8.195  -10.846 -9.178  0.50 12.03 ? 1563 LYS A N   1 
ATOM   750  N N   B LYS A 1 83  ? -8.022  -10.316 -9.249  0.50 12.89 ? 1563 LYS A N   1 
ATOM   751  C CA  A LYS A 1 83  ? -9.475  -10.206 -9.026  0.50 13.77 ? 1563 LYS A CA  1 
ATOM   752  C CA  B LYS A 1 83  ? -9.235  -9.537  -9.072  0.50 14.53 ? 1563 LYS A CA  1 
ATOM   753  C C   A LYS A 1 83  ? -10.502 -11.273 -8.763  0.50 15.04 ? 1563 LYS A C   1 
ATOM   754  C C   B LYS A 1 83  ? -10.426 -10.502 -9.017  0.50 16.37 ? 1563 LYS A C   1 
ATOM   755  O O   A LYS A 1 83  ? -10.608 -12.243 -9.519  0.50 15.03 ? 1563 LYS A O   1 
ATOM   756  O O   B LYS A 1 83  ? -10.605 -11.367 -9.915  0.50 15.75 ? 1563 LYS A O   1 
ATOM   757  C CB  A LYS A 1 83  ? -9.838  -9.525  -10.356 0.50 13.65 ? 1563 LYS A CB  1 
ATOM   758  C CB  B LYS A 1 83  ? -9.450  -8.613  -10.278 0.50 15.64 ? 1563 LYS A CB  1 
ATOM   759  C CG  A LYS A 1 83  ? -8.970  -8.316  -10.725 0.50 15.35 ? 1563 LYS A CG  1 
ATOM   760  C CG  B LYS A 1 83  ? -8.597  -7.373  -10.334 0.50 16.08 ? 1563 LYS A CG  1 
ATOM   761  C CD  A LYS A 1 83  ? -8.621  -7.419  -9.555  0.50 21.27 ? 1563 LYS A CD  1 
ATOM   762  C CD  B LYS A 1 83  ? -8.605  -6.549  -9.043  0.50 19.70 ? 1563 LYS A CD  1 
ATOM   763  C CE  A LYS A 1 83  ? -9.549  -6.243  -9.471  0.50 24.50 ? 1563 LYS A CE  1 
ATOM   764  C CE  B LYS A 1 83  ? -9.951  -5.870  -8.804  0.50 20.51 ? 1563 LYS A CE  1 
ATOM   765  N NZ  A LYS A 1 83  ? -10.946 -6.692  -9.411  0.50 24.08 ? 1563 LYS A NZ  1 
ATOM   766  N NZ  B LYS A 1 83  ? -10.171 -4.786  -9.789  0.50 19.88 ? 1563 LYS A NZ  1 
ATOM   767  N N   A GLU A 1 84  ? -11.304 -11.036 -7.727  0.50 17.56 ? 1564 GLU A N   1 
ATOM   768  N N   B GLU A 1 84  ? -11.286 -10.334 -8.014  0.50 18.16 ? 1564 GLU A N   1 
ATOM   769  C CA  A GLU A 1 84  ? -12.512 -11.815 -7.461  0.50 21.11 ? 1564 GLU A CA  1 
ATOM   770  C CA  B GLU A 1 84  ? -12.451 -11.189 -7.923  0.50 21.04 ? 1564 GLU A CA  1 
ATOM   771  C C   A GLU A 1 84  ? -13.637 -10.852 -6.994  0.50 21.78 ? 1564 GLU A C   1 
ATOM   772  C C   B GLU A 1 84  ? -13.561 -10.423 -7.263  0.50 21.53 ? 1564 GLU A C   1 
ATOM   773  O O   A GLU A 1 84  ? -13.475 -10.256 -5.939  0.50 21.75 ? 1564 GLU A O   1 
ATOM   774  O O   B GLU A 1 84  ? -13.377 -9.609  -6.351  0.50 21.33 ? 1564 GLU A O   1 
ATOM   775  C CB  A GLU A 1 84  ? -12.192 -12.790 -6.336  0.50 21.40 ? 1564 GLU A CB  1 
ATOM   776  C CB  B GLU A 1 84  ? -12.142 -12.479 -7.156  0.50 20.38 ? 1564 GLU A CB  1 
ATOM   777  C CG  A GLU A 1 84  ? -11.320 -13.954 -6.727  0.50 22.94 ? 1564 GLU A CG  1 
ATOM   778  C CG  B GLU A 1 84  ? -13.290 -13.486 -7.040  0.50 24.26 ? 1564 GLU A CG  1 
ATOM   779  C CD  A GLU A 1 84  ? -12.119 -15.245 -6.813  0.50 26.76 ? 1564 GLU A CD  1 
ATOM   780  C CD  B GLU A 1 84  ? -13.510 -14.265 -8.316  0.50 26.12 ? 1564 GLU A CD  1 
ATOM   781  O OE1 A GLU A 1 84  ? -13.179 -15.248 -7.475  0.50 29.74 ? 1564 GLU A OE1 1 
ATOM   782  O OE1 B GLU A 1 84  ? -12.539 -14.859 -8.838  0.50 28.64 ? 1564 GLU A OE1 1 
ATOM   783  O OE2 A GLU A 1 84  ? -11.684 -16.253 -6.215  0.50 28.43 ? 1564 GLU A OE2 1 
ATOM   784  O OE2 B GLU A 1 84  ? -14.660 -14.291 -8.793  0.50 29.23 ? 1564 GLU A OE2 1 
ATOM   785  N N   . SER A 1 85  ? -14.743 -10.688 -7.753  1.00 23.70 ? 1565 SER A N   1 
ATOM   786  C CA  . SER A 1 85  ? -15.894 -9.874  -7.334  1.00 24.85 ? 1565 SER A CA  1 
ATOM   787  C C   . SER A 1 85  ? -15.575 -8.366  -7.141  1.00 26.03 ? 1565 SER A C   1 
ATOM   788  O O   . SER A 1 85  ? -16.075 -7.727  -6.207  1.00 27.26 ? 1565 SER A O   1 
ATOM   789  C CB  . SER A 1 85  ? -16.548 -10.482 -6.080  1.00 27.06 ? 1565 SER A CB  1 
ATOM   790  O OG  . SER A 1 85  ? -16.684 -11.898 -6.210  1.00 29.21 ? 1565 SER A OG  1 
ATOM   791  N N   . GLY A 1 86  ? -14.723 -7.806  -7.999  1.00 25.02 ? 1566 GLY A N   1 
ATOM   792  C CA  . GLY A 1 86  ? -14.338 -6.395  -7.912  1.00 24.29 ? 1566 GLY A CA  1 
ATOM   793  C C   . GLY A 1 86  ? -13.294 -6.064  -6.844  1.00 22.94 ? 1566 GLY A C   1 
ATOM   794  O O   . GLY A 1 86  ? -12.941 -4.892  -6.643  1.00 26.17 ? 1566 GLY A O   1 
ATOM   795  N N   A GLU A 1 87  ? -12.811 -7.086  -6.143  0.50 22.03 ? 1567 GLU A N   1 
ATOM   796  N N   B GLU A 1 87  ? -12.774 -7.113  -6.206  0.50 22.03 ? 1567 GLU A N   1 
ATOM   797  C CA  A GLU A 1 87  ? -11.840 -6.900  -5.069  0.50 19.54 ? 1567 GLU A CA  1 
ATOM   798  C CA  B GLU A 1 87  ? -11.846 -6.994  -5.086  0.50 19.50 ? 1567 GLU A CA  1 
ATOM   799  C C   A GLU A 1 87  ? -10.485 -7.464  -5.491  0.50 17.88 ? 1567 GLU A C   1 
ATOM   800  C C   B GLU A 1 87  ? -10.471 -7.578  -5.417  0.50 17.83 ? 1567 GLU A C   1 
ATOM   801  O O   A GLU A 1 87  ? -10.425 -8.356  -6.316  0.50 16.20 ? 1567 GLU A O   1 
ATOM   802  O O   B GLU A 1 87  ? -10.392 -8.628  -6.077  0.50 16.48 ? 1567 GLU A O   1 
ATOM   803  C CB  A GLU A 1 87  ? -12.348 -7.577  -3.784  0.50 20.16 ? 1567 GLU A CB  1 
ATOM   804  C CB  B GLU A 1 87  ? -12.432 -7.717  -3.869  0.50 19.89 ? 1567 GLU A CB  1 
ATOM   805  C CG  A GLU A 1 87  ? -13.707 -7.016  -3.298  0.50 22.85 ? 1567 GLU A CG  1 
ATOM   806  C CG  B GLU A 1 87  ? -13.888 -7.339  -3.591  0.50 22.54 ? 1567 GLU A CG  1 
ATOM   807  C CD  A GLU A 1 87  ? -14.573 -8.050  -2.581  0.50 26.33 ? 1567 GLU A CD  1 
ATOM   808  C CD  B GLU A 1 87  ? -14.105 -6.867  -2.171  0.50 26.33 ? 1567 GLU A CD  1 
ATOM   809  O OE1 A GLU A 1 87  ? -14.092 -8.680  -1.618  0.50 28.57 ? 1567 GLU A OE1 1 
ATOM   810  O OE1 B GLU A 1 87  ? -13.114 -6.735  -1.416  0.50 29.31 ? 1567 GLU A OE1 1 
ATOM   811  O OE2 A GLU A 1 87  ? -15.743 -8.236  -2.984  0.50 28.09 ? 1567 GLU A OE2 1 
ATOM   812  O OE2 B GLU A 1 87  ? -15.269 -6.599  -1.826  0.50 28.23 ? 1567 GLU A OE2 1 
ATOM   813  N N   . LEU A 1 88  ? -9.431  -6.904  -4.929  1.00 15.85 ? 1568 LEU A N   1 
ATOM   814  C CA  . LEU A 1 88  ? -8.054  -7.366  -5.192  1.00 15.58 ? 1568 LEU A CA  1 
ATOM   815  C C   . LEU A 1 88  ? -7.574  -8.295  -4.096  1.00 15.08 ? 1568 LEU A C   1 
ATOM   816  O O   . LEU A 1 88  ? -7.704  -8.004  -2.898  1.00 15.50 ? 1568 LEU A O   1 
ATOM   817  C CB  . LEU A 1 88  ? -7.098  -6.188  -5.247  1.00 15.59 ? 1568 LEU A CB  1 
ATOM   818  C CG  . LEU A 1 88  ? -5.601  -6.473  -5.282  1.00 14.36 ? 1568 LEU A CG  1 
ATOM   819  C CD1 . LEU A 1 88  ? -5.255  -7.075  -6.662  1.00 15.64 ? 1568 LEU A CD1 1 
ATOM   820  C CD2 . LEU A 1 88  ? -4.824  -5.194  -5.106  1.00 18.09 ? 1568 LEU A CD2 1 
ATOM   821  N N   . TYR A 1 89  ? -6.962  -9.416  -4.460  1.00 13.68 ? 1569 TYR A N   1 
ATOM   822  C CA  . TYR A 1 89  ? -6.266  -10.321 -3.521  1.00 13.75 ? 1569 TYR A CA  1 
ATOM   823  C C   . TYR A 1 89  ? -4.802  -10.473 -3.936  1.00 13.09 ? 1569 TYR A C   1 
ATOM   824  O O   . TYR A 1 89  ? -4.504  -10.502 -5.132  1.00 12.92 ? 1569 TYR A O   1 
ATOM   825  C CB  . TYR A 1 89  ? -6.966  -11.679 -3.539  1.00 14.47 ? 1569 TYR A CB  1 
ATOM   826  C CG  . TYR A 1 89  ? -8.406  -11.578 -3.117  1.00 15.89 ? 1569 TYR A CG  1 
ATOM   827  C CD1 . TYR A 1 89  ? -9.384  -11.341 -4.043  1.00 16.98 ? 1569 TYR A CD1 1 
ATOM   828  C CD2 . TYR A 1 89  ? -8.732  -11.620 -1.773  1.00 17.24 ? 1569 TYR A CD2 1 
ATOM   829  C CE1 . TYR A 1 89  ? -10.750 -11.202 -3.618  1.00 17.59 ? 1569 TYR A CE1 1 
ATOM   830  C CE2 . TYR A 1 89  ? -10.068 -11.514 -1.349  1.00 20.20 ? 1569 TYR A CE2 1 
ATOM   831  C CZ  . TYR A 1 89  ? -11.030 -11.280 -2.269  1.00 18.86 ? 1569 TYR A CZ  1 
ATOM   832  O OH  . TYR A 1 89  ? -12.357 -11.161 -1.825  1.00 20.49 ? 1569 TYR A OH  1 
ATOM   833  N N   . TYR A 1 90  ? -3.946  -10.595 -2.940  1.00 12.23 ? 1570 TYR A N   1 
ATOM   834  C CA  . TYR A 1 90  ? -2.535  -10.820 -3.106  1.00 11.23 ? 1570 TYR A CA  1 
ATOM   835  C C   . TYR A 1 90  ? -2.223  -12.234 -2.711  1.00 12.71 ? 1570 TYR A C   1 
ATOM   836  O O   . TYR A 1 90  ? -2.688  -12.719 -1.672  1.00 13.26 ? 1570 TYR A O   1 
ATOM   837  C CB  . TYR A 1 90  ? -1.731  -9.930  -2.163  1.00 13.24 ? 1570 TYR A CB  1 
ATOM   838  C CG  . TYR A 1 90  ? -1.728  -8.470  -2.555  1.00 13.37 ? 1570 TYR A CG  1 
ATOM   839  C CD1 . TYR A 1 90  ? -2.640  -7.539  -2.027  1.00 13.58 ? 1570 TYR A CD1 1 
ATOM   840  C CD2 . TYR A 1 90  ? -0.807  -7.999  -3.492  1.00 13.25 ? 1570 TYR A CD2 1 
ATOM   841  C CE1 . TYR A 1 90  ? -2.594  -6.203  -2.377  1.00 13.95 ? 1570 TYR A CE1 1 
ATOM   842  C CE2 . TYR A 1 90  ? -0.740  -6.699  -3.864  1.00 13.71 ? 1570 TYR A CE2 1 
ATOM   843  C CZ  . TYR A 1 90  ? -1.634  -5.809  -3.285  1.00 14.01 ? 1570 TYR A CZ  1 
ATOM   844  O OH  . TYR A 1 90  ? -1.558  -4.489  -3.706  1.00 15.37 ? 1570 TYR A OH  1 
ATOM   845  N N   . SER A 1 91  ? -1.412  -12.929 -3.497  1.00 12.13 ? 1571 SER A N   1 
ATOM   846  C CA  . SER A 1 91  ? -0.830  -14.189 -3.075  1.00 12.78 ? 1571 SER A CA  1 
ATOM   847  C C   . SER A 1 91  ? 0.570   -13.872 -2.561  1.00 12.92 ? 1571 SER A C   1 
ATOM   848  O O   . SER A 1 91  ? 1.364   -13.285 -3.290  1.00 12.71 ? 1571 SER A O   1 
ATOM   849  C CB  . SER A 1 91  ? -0.767  -15.145 -4.271  1.00 12.66 ? 1571 SER A CB  1 
ATOM   850  O OG  . SER A 1 91  ? -0.070  -16.331 -3.900  1.00 14.33 ? 1571 SER A OG  1 
ATOM   851  N N   A ILE A 1 92  ? 0.820   -14.225 -1.291  0.50 12.46 ? 1572 ILE A N   1 
ATOM   852  N N   B ILE A 1 92  ? 0.840   -14.224 -1.298  0.50 12.53 ? 1572 ILE A N   1 
ATOM   853  C CA  A ILE A 1 92  ? 2.011   -13.819 -0.562  0.50 13.04 ? 1572 ILE A CA  1 
ATOM   854  C CA  B ILE A 1 92  ? 2.075   -13.823 -0.647  0.50 13.18 ? 1572 ILE A CA  1 
ATOM   855  C C   A ILE A 1 92  ? 2.777   -15.092 -0.183  0.50 12.43 ? 1572 ILE A C   1 
ATOM   856  C C   B ILE A 1 92  ? 2.811   -15.051 -0.129  0.50 12.39 ? 1572 ILE A C   1 
ATOM   857  O O   A ILE A 1 92  ? 2.155   -16.050 0.327   0.50 12.72 ? 1572 ILE A O   1 
ATOM   858  O O   B ILE A 1 92  ? 2.236   -15.921 0.542   0.50 12.64 ? 1572 ILE A O   1 
ATOM   859  C CB  A ILE A 1 92  ? 1.635   -13.034 0.741   0.50 12.82 ? 1572 ILE A CB  1 
ATOM   860  C CB  B ILE A 1 92  ? 1.826   -12.838 0.516   0.50 13.58 ? 1572 ILE A CB  1 
ATOM   861  C CG1 A ILE A 1 92  ? 0.867   -11.752 0.386   0.50 13.21 ? 1572 ILE A CG1 1 
ATOM   862  C CG1 B ILE A 1 92  ? 1.414   -11.490 -0.049  0.50 14.40 ? 1572 ILE A CG1 1 
ATOM   863  C CG2 A ILE A 1 92  ? 2.902   -12.793 1.633   0.50 13.50 ? 1572 ILE A CG2 1 
ATOM   864  C CG2 B ILE A 1 92  ? 3.105   -12.568 1.312   0.50 12.39 ? 1572 ILE A CG2 1 
ATOM   865  C CD1 A ILE A 1 92  ? 1.678   -10.809 -0.568  0.50 10.67 ? 1572 ILE A CD1 1 
ATOM   866  C CD1 B ILE A 1 92  ? 0.835   -10.577 0.970   0.50 17.51 ? 1572 ILE A CD1 1 
ATOM   867  N N   . GLU A 1 93  ? 4.080   -15.145 -0.487  1.00 12.81 ? 1573 GLU A N   1 
ATOM   868  C CA  . GLU A 1 93  ? 4.912   -16.316 -0.155  1.00 13.79 ? 1573 GLU A CA  1 
ATOM   869  C C   . GLU A 1 93  ? 5.718   -16.040 1.098   1.00 15.40 ? 1573 GLU A C   1 
ATOM   870  O O   . GLU A 1 93  ? 6.395   -15.027 1.217   1.00 14.52 ? 1573 GLU A O   1 
ATOM   871  C CB  . GLU A 1 93  ? 5.834   -16.629 -1.312  1.00 13.88 ? 1573 GLU A CB  1 
ATOM   872  C CG  . GLU A 1 93  ? 6.532   -17.969 -1.206  1.00 18.84 ? 1573 GLU A CG  1 
ATOM   873  C CD  . GLU A 1 93  ? 7.206   -18.278 -2.497  1.00 23.09 ? 1573 GLU A CD  1 
ATOM   874  O OE1 . GLU A 1 93  ? 8.437   -18.228 -2.504  1.00 30.21 ? 1573 GLU A OE1 1 
ATOM   875  O OE2 . GLU A 1 93  ? 6.510   -18.517 -3.511  1.00 23.84 ? 1573 GLU A OE2 1 
ATOM   876  N N   . LYS A 1 94  ? 5.668   -16.984 2.028   1.00 16.06 ? 1574 LYS A N   1 
ATOM   877  C CA  . LYS A 1 94  ? 6.523   -16.894 3.221   1.00 17.50 ? 1574 LYS A CA  1 
ATOM   878  C C   . LYS A 1 94  ? 7.062   -18.300 3.416   1.00 18.90 ? 1574 LYS A C   1 
ATOM   879  O O   . LYS A 1 94  ? 6.290   -19.252 3.456   1.00 17.63 ? 1574 LYS A O   1 
ATOM   880  C CB  . LYS A 1 94  ? 5.738   -16.419 4.437   1.00 17.60 ? 1574 LYS A CB  1 
ATOM   881  C CG  . LYS A 1 94  ? 6.574   -16.355 5.768   1.00 17.21 ? 1574 LYS A CG  1 
ATOM   882  C CD  . LYS A 1 94  ? 5.679   -15.945 6.953   1.00 18.81 ? 1574 LYS A CD  1 
ATOM   883  C CE  . LYS A 1 94  ? 6.409   -15.813 8.296   1.00 18.02 ? 1574 LYS A CE  1 
ATOM   884  N NZ  . LYS A 1 94  ? 7.122   -17.053 8.697   1.00 19.65 ? 1574 LYS A NZ  1 
ATOM   885  N N   . GLU A 1 95  ? 8.392   -18.421 3.463   1.00 19.43 ? 1575 GLU A N   1 
ATOM   886  C CA  . GLU A 1 95  ? 9.047   -19.722 3.638   1.00 21.23 ? 1575 GLU A CA  1 
ATOM   887  C C   . GLU A 1 95  ? 8.554   -20.791 2.665   1.00 21.14 ? 1575 GLU A C   1 
ATOM   888  O O   . GLU A 1 95  ? 8.375   -21.959 3.037   1.00 22.37 ? 1575 GLU A O   1 
ATOM   889  C CB  . GLU A 1 95  ? 8.899   -20.187 5.092   1.00 21.15 ? 1575 GLU A CB  1 
ATOM   890  C CG  . GLU A 1 95  ? 9.826   -19.428 6.040   1.00 27.40 ? 1575 GLU A CG  1 
ATOM   891  C CD  . GLU A 1 95  ? 9.669   -19.850 7.479   1.00 33.29 ? 1575 GLU A CD  1 
ATOM   892  O OE1 . GLU A 1 95  ? 10.309  -20.848 7.883   1.00 36.36 ? 1575 GLU A OE1 1 
ATOM   893  O OE2 . GLU A 1 95  ? 8.921   -19.168 8.213   1.00 36.18 ? 1575 GLU A OE2 1 
ATOM   894  N N   . GLY A 1 96  ? 8.344   -20.396 1.411   1.00 21.47 ? 1576 GLY A N   1 
ATOM   895  C CA  . GLY A 1 96  ? 8.043   -21.352 0.362   1.00 21.15 ? 1576 GLY A CA  1 
ATOM   896  C C   . GLY A 1 96  ? 6.568   -21.666 0.217   1.00 21.08 ? 1576 GLY A C   1 
ATOM   897  O O   . GLY A 1 96  ? 6.194   -22.387 -0.697  1.00 22.10 ? 1576 GLY A O   1 
ATOM   898  N N   . GLN A 1 97  ? 5.732   -21.122 1.097   1.00 20.02 ? 1577 GLN A N   1 
ATOM   899  C CA  . GLN A 1 97  ? 4.303   -21.380 1.076   1.00 18.85 ? 1577 GLN A CA  1 
ATOM   900  C C   . GLN A 1 97  ? 3.573   -20.100 0.703   1.00 17.10 ? 1577 GLN A C   1 
ATOM   901  O O   . GLN A 1 97  ? 3.934   -19.032 1.199   1.00 17.57 ? 1577 GLN A O   1 
ATOM   902  C CB  . GLN A 1 97  ? 3.818   -21.840 2.451   1.00 20.28 ? 1577 GLN A CB  1 
ATOM   903  C CG  . GLN A 1 97  ? 2.298   -22.093 2.536   1.00 25.48 ? 1577 GLN A CG  1 
ATOM   904  C CD  . GLN A 1 97  ? 1.949   -23.504 3.011   1.00 33.22 ? 1577 GLN A CD  1 
ATOM   905  O OE1 . GLN A 1 97  ? 1.180   -23.687 3.960   1.00 36.45 ? 1577 GLN A OE1 1 
ATOM   906  N NE2 . GLN A 1 97  ? 2.521   -24.506 2.353   1.00 33.81 ? 1577 GLN A NE2 1 
ATOM   907  N N   . ARG A 1 98  ? 2.539   -20.237 -0.107  1.00 15.68 ? 1578 ARG A N   1 
ATOM   908  C CA  . ARG A 1 98  ? 1.755   -19.061 -0.515  1.00 15.26 ? 1578 ARG A CA  1 
ATOM   909  C C   . ARG A 1 98  ? 0.402   -19.016 0.174   1.00 15.95 ? 1578 ARG A C   1 
ATOM   910  O O   . ARG A 1 98  ? -0.226  -20.058 0.379   1.00 18.98 ? 1578 ARG A O   1 
ATOM   911  C CB  . ARG A 1 98  ? 1.591   -18.998 -2.044  1.00 16.02 ? 1578 ARG A CB  1 
ATOM   912  C CG  . ARG A 1 98  ? 2.923   -18.903 -2.781  1.00 15.61 ? 1578 ARG A CG  1 
ATOM   913  C CD  . ARG A 1 98  ? 2.690   -18.780 -4.256  1.00 17.24 ? 1578 ARG A CD  1 
ATOM   914  N NE  . ARG A 1 98  ? 3.966   -18.750 -4.948  1.00 16.89 ? 1578 ARG A NE  1 
ATOM   915  C CZ  . ARG A 1 98  ? 4.080   -18.520 -6.249  1.00 15.38 ? 1578 ARG A CZ  1 
ATOM   916  N NH1 . ARG A 1 98  ? 2.990   -18.243 -6.992  1.00 17.27 ? 1578 ARG A NH1 1 
ATOM   917  N NH2 . ARG A 1 98  ? 5.279   -18.512 -6.796  1.00 17.80 ? 1578 ARG A NH2 1 
ATOM   918  N N   . LYS A 1 99  ? -0.028  -17.833 0.574   1.00 15.29 ? 1579 LYS A N   1 
ATOM   919  C CA  . LYS A 1 99  ? -1.334  -17.637 1.175   1.00 14.78 ? 1579 LYS A CA  1 
ATOM   920  C C   . LYS A 1 99  ? -1.968  -16.398 0.547   1.00 14.55 ? 1579 LYS A C   1 
ATOM   921  O O   . LYS A 1 99  ? -1.234  -15.436 0.223   1.00 14.54 ? 1579 LYS A O   1 
ATOM   922  C CB  . LYS A 1 99  ? -1.143  -17.453 2.692   1.00 16.49 ? 1579 LYS A CB  1 
ATOM   923  C CG  . LYS A 1 99  ? -2.375  -17.342 3.487   1.00 18.28 ? 1579 LYS A CG  1 
ATOM   924  C CD  . LYS A 1 99  ? -2.014  -17.550 4.969   1.00 20.37 ? 1579 LYS A CD  1 
ATOM   925  C CE  . LYS A 1 99  ? -3.279  -17.640 5.779   1.00 22.71 ? 1579 LYS A CE  1 
ATOM   926  N NZ  . LYS A 1 99  ? -2.987  -17.900 7.196   1.00 25.00 ? 1579 LYS A NZ  1 
ATOM   927  N N   . TRP A 1 100 ? -3.290  -16.356 0.447   1.00 14.42 ? 1580 TRP A N   1 
ATOM   928  C CA  . TRP A 1 100 ? -4.006  -15.229 -0.074  1.00 13.50 ? 1580 TRP A CA  1 
ATOM   929  C C   . TRP A 1 100 ? -4.328  -14.204 0.998   1.00 15.04 ? 1580 TRP A C   1 
ATOM   930  O O   . TRP A 1 100 ? -4.626  -14.578 2.150   1.00 14.69 ? 1580 TRP A O   1 
ATOM   931  C CB  . TRP A 1 100 ? -5.294  -15.709 -0.799  1.00 15.06 ? 1580 TRP A CB  1 
ATOM   932  C CG  . TRP A 1 100 ? -5.018  -16.459 -2.038  1.00 14.35 ? 1580 TRP A CG  1 
ATOM   933  C CD1 . TRP A 1 100 ? -5.000  -17.812 -2.192  1.00 16.10 ? 1580 TRP A CD1 1 
ATOM   934  C CD2 . TRP A 1 100 ? -4.708  -15.887 -3.311  1.00 14.77 ? 1580 TRP A CD2 1 
ATOM   935  N NE1 . TRP A 1 100 ? -4.708  -18.126 -3.506  1.00 16.48 ? 1580 TRP A NE1 1 
ATOM   936  C CE2 . TRP A 1 100 ? -4.507  -16.958 -4.203  1.00 15.49 ? 1580 TRP A CE2 1 
ATOM   937  C CE3 . TRP A 1 100 ? -4.589  -14.585 -3.772  1.00 14.10 ? 1580 TRP A CE3 1 
ATOM   938  C CZ2 . TRP A 1 100 ? -4.192  -16.774 -5.574  1.00 15.65 ? 1580 TRP A CZ2 1 
ATOM   939  C CZ3 . TRP A 1 100 ? -4.280  -14.402 -5.133  1.00 15.19 ? 1580 TRP A CZ3 1 
ATOM   940  C CH2 . TRP A 1 100 ? -4.062  -15.491 -6.001  1.00 14.78 ? 1580 TRP A CH2 1 
ATOM   941  N N   . TYR A 1 101 ? -4.298  -12.924 0.646   1.00 14.40 ? 1581 TYR A N   1 
ATOM   942  C CA  . TYR A 1 101 ? -4.633  -11.838 1.538   1.00 14.13 ? 1581 TYR A CA  1 
ATOM   943  C C   . TYR A 1 101 ? -5.443  -10.806 0.820   1.00 15.21 ? 1581 TYR A C   1 
ATOM   944  O O   . TYR A 1 101 ? -5.159  -10.474 -0.347  1.00 15.02 ? 1581 TYR A O   1 
ATOM   945  C CB  . TYR A 1 101 ? -3.372  -11.143 2.055   1.00 15.25 ? 1581 TYR A CB  1 
ATOM   946  C CG  . TYR A 1 101 ? -2.538  -12.007 2.981   1.00 13.60 ? 1581 TYR A CG  1 
ATOM   947  C CD1 . TYR A 1 101 ? -1.601  -12.921 2.523   1.00 14.24 ? 1581 TYR A CD1 1 
ATOM   948  C CD2 . TYR A 1 101 ? -2.736  -11.925 4.376   1.00 14.99 ? 1581 TYR A CD2 1 
ATOM   949  C CE1 . TYR A 1 101 ? -0.868  -13.703 3.405   1.00 14.63 ? 1581 TYR A CE1 1 
ATOM   950  C CE2 . TYR A 1 101 ? -2.026  -12.722 5.232   1.00 14.35 ? 1581 TYR A CE2 1 
ATOM   951  C CZ  . TYR A 1 101 ? -1.093  -13.555 4.749   1.00 14.97 ? 1581 TYR A CZ  1 
ATOM   952  O OH  . TYR A 1 101 ? -0.401  -14.305 5.676   1.00 17.45 ? 1581 TYR A OH  1 
ATOM   953  N N   . LYS A 1 102 ? -6.456  -10.272 1.473   1.00 16.25 ? 1582 LYS A N   1 
ATOM   954  C CA  . LYS A 1 102 ? -7.195  -9.171  0.969   1.00 18.13 ? 1582 LYS A CA  1 
ATOM   955  C C   . LYS A 1 102 ? -6.299  -7.933  0.918   1.00 18.04 ? 1582 LYS A C   1 
ATOM   956  O O   . LYS A 1 102 ? -5.307  -7.822  1.643   1.00 15.96 ? 1582 LYS A O   1 
ATOM   957  C CB  . LYS A 1 102 ? -8.434  -8.944  1.879   1.00 19.23 ? 1582 LYS A CB  1 
ATOM   958  C CG  . LYS A 1 102 ? -9.334  -10.151 1.979   1.00 23.74 ? 1582 LYS A CG  1 
ATOM   959  C CD  . LYS A 1 102 ? -10.512 -9.819  2.875   1.00 29.55 ? 1582 LYS A CD  1 
ATOM   960  C CE  . LYS A 1 102 ? -11.471 -10.986 2.884   1.00 32.36 ? 1582 LYS A CE  1 
ATOM   961  N NZ  . LYS A 1 102 ? -11.956 -11.299 1.511   1.00 36.78 ? 1582 LYS A NZ  1 
ATOM   962  N N   . ARG A 1 103 ? -6.679  -6.954  0.120   1.00 18.18 ? 1583 ARG A N   1 
ATOM   963  C CA  . ARG A 1 103 ? -5.933  -5.748  0.010   1.00 17.40 ? 1583 ARG A CA  1 
ATOM   964  C C   . ARG A 1 103 ? -5.612  -5.102  1.370   1.00 17.47 ? 1583 ARG A C   1 
ATOM   965  O O   . ARG A 1 103 ? -4.452  -4.683  1.586   1.00 17.97 ? 1583 ARG A O   1 
ATOM   966  C CB  . ARG A 1 103 ? -6.716  -4.770  -0.874  1.00 17.97 ? 1583 ARG A CB  1 
ATOM   967  C CG  . ARG A 1 103 ? -5.948  -3.510  -1.099  1.00 16.72 ? 1583 ARG A CG  1 
ATOM   968  C CD  . ARG A 1 103 ? -6.856  -2.442  -1.699  1.00 17.44 ? 1583 ARG A CD  1 
ATOM   969  N NE  . ARG A 1 103 ? -7.312  -2.697  -3.058  1.00 18.78 ? 1583 ARG A NE  1 
ATOM   970  C CZ  . ARG A 1 103 ? -6.626  -2.322  -4.114  1.00 15.11 ? 1583 ARG A CZ  1 
ATOM   971  N NH1 . ARG A 1 103 ? -5.387  -1.895  -4.024  1.00 19.28 ? 1583 ARG A NH1 1 
ATOM   972  N NH2 . ARG A 1 103 ? -7.134  -2.478  -5.329  1.00 18.12 ? 1583 ARG A NH2 1 
ATOM   973  N N   A MET A 1 104 ? -6.566  -4.965  2.282   0.50 18.08 ? 1584 MET A N   1 
ATOM   974  N N   B MET A 1 104 ? -6.591  -5.153  2.270   0.50 18.11 ? 1584 MET A N   1 
ATOM   975  C CA  A MET A 1 104 ? -6.201  -4.281  3.523   0.50 18.02 ? 1584 MET A CA  1 
ATOM   976  C CA  B MET A 1 104 ? -6.481  -4.541  3.579   0.50 18.21 ? 1584 MET A CA  1 
ATOM   977  C C   A MET A 1 104 ? -5.246  -5.068  4.434   0.50 17.63 ? 1584 MET A C   1 
ATOM   978  C C   B MET A 1 104 ? -5.525  -5.212  4.550   0.50 17.59 ? 1584 MET A C   1 
ATOM   979  O O   A MET A 1 104 ? -4.724  -4.482  5.382   0.50 17.01 ? 1584 MET A O   1 
ATOM   980  O O   B MET A 1 104 ? -5.243  -4.700  5.611   0.50 15.74 ? 1584 MET A O   1 
ATOM   981  C CB  A MET A 1 104 ? -7.436  -3.798  4.297   0.50 18.05 ? 1584 MET A CB  1 
ATOM   982  C CB  B MET A 1 104 ? -7.870  -4.451  4.168   0.50 19.10 ? 1584 MET A CB  1 
ATOM   983  C CG  A MET A 1 104 ? -8.032  -2.548  3.677   0.50 21.21 ? 1584 MET A CG  1 
ATOM   984  C CG  B MET A 1 104 ? -8.577  -3.291  3.584   0.50 23.87 ? 1584 MET A CG  1 
ATOM   985  S SD  A MET A 1 104 ? -9.422  -1.848  4.609   0.50 20.35 ? 1584 MET A SD  1 
ATOM   986  S SD  B MET A 1 104 ? -7.876  -1.813  4.323   0.50 31.52 ? 1584 MET A SD  1 
ATOM   987  C CE  A MET A 1 104 ? -8.618  -1.352  6.137   0.50 19.25 ? 1584 MET A CE  1 
ATOM   988  C CE  B MET A 1 104 ? -9.153  -1.570  5.501   0.50 12.75 ? 1584 MET A CE  1 
ATOM   989  N N   . ALA A 1 105 ? -5.021  -6.357  4.162   1.00 15.77 ? 1585 ALA A N   1 
ATOM   990  C CA  . ALA A 1 105 ? -4.116  -7.148  4.956   1.00 15.65 ? 1585 ALA A CA  1 
ATOM   991  C C   . ALA A 1 105 ? -2.700  -7.092  4.447   1.00 14.77 ? 1585 ALA A C   1 
ATOM   992  O O   . ALA A 1 105 ? -1.918  -7.864  4.920   1.00 15.79 ? 1585 ALA A O   1 
ATOM   993  C CB  . ALA A 1 105 ? -4.625  -8.611  5.087   1.00 15.68 ? 1585 ALA A CB  1 
ATOM   994  N N   . VAL A 1 106 ? -2.406  -6.202  3.493   1.00 13.05 ? 1586 VAL A N   1 
ATOM   995  C CA  . VAL A 1 106 ? -1.058  -6.099  2.996   1.00 13.34 ? 1586 VAL A CA  1 
ATOM   996  C C   . VAL A 1 106 ? -0.610  -4.638  3.102   1.00 15.26 ? 1586 VAL A C   1 
ATOM   997  O O   . VAL A 1 106 ? -1.299  -3.683  2.605   1.00 14.74 ? 1586 VAL A O   1 
ATOM   998  C CB  . VAL A 1 106 ? -0.986  -6.559  1.515   1.00 14.76 ? 1586 VAL A CB  1 
ATOM   999  C CG1 . VAL A 1 106 ? 0.435   -6.410  0.995   1.00 14.96 ? 1586 VAL A CG1 1 
ATOM   1000 C CG2 . VAL A 1 106 ? -1.476  -8.005  1.417   1.00 15.30 ? 1586 VAL A CG2 1 
ATOM   1001 N N   . ILE A 1 107 ? 0.482   -4.430  3.845   1.00 13.73 ? 1587 ILE A N   1 
ATOM   1002 C CA  . ILE A 1 107 ? 1.013   -3.087  4.088   1.00 13.67 ? 1587 ILE A CA  1 
ATOM   1003 C C   . ILE A 1 107 ? 2.495   -3.125  3.815   1.00 13.27 ? 1587 ILE A C   1 
ATOM   1004 O O   . ILE A 1 107 ? 3.076   -4.218  3.584   1.00 14.61 ? 1587 ILE A O   1 
ATOM   1005 C CB  . ILE A 1 107 ? 0.633   -2.568  5.527   1.00 13.67 ? 1587 ILE A CB  1 
ATOM   1006 C CG1 . ILE A 1 107 ? 1.326   -3.428  6.607   1.00 13.89 ? 1587 ILE A CG1 1 
ATOM   1007 C CG2 . ILE A 1 107 ? -0.893  -2.612  5.665   1.00 13.72 ? 1587 ILE A CG2 1 
ATOM   1008 C CD1 . ILE A 1 107 ? 1.104   -2.937  8.005   1.00 13.77 ? 1587 ILE A CD1 1 
ATOM   1009 N N   . LEU A 1 108 ? 3.171   -1.981  3.861   1.00 13.26 ? 1588 LEU A N   1 
ATOM   1010 C CA  . LEU A 1 108 ? 4.629   -1.938  3.666   1.00 12.77 ? 1588 LEU A CA  1 
ATOM   1011 C C   . LEU A 1 108 ? 5.256   -1.306  4.869   1.00 13.35 ? 1588 LEU A C   1 
ATOM   1012 O O   . LEU A 1 108 ? 4.811   -0.225  5.324   1.00 12.63 ? 1588 LEU A O   1 
ATOM   1013 C CB  . LEU A 1 108 ? 4.935   -1.068  2.452   1.00 13.19 ? 1588 LEU A CB  1 
ATOM   1014 C CG  . LEU A 1 108 ? 4.248   -1.463  1.153   1.00 14.48 ? 1588 LEU A CG  1 
ATOM   1015 C CD1 . LEU A 1 108 ? 4.627   -0.506  0.027   1.00 16.60 ? 1588 LEU A CD1 1 
ATOM   1016 C CD2 . LEU A 1 108 ? 4.656   -2.894  0.776   1.00 18.07 ? 1588 LEU A CD2 1 
ATOM   1017 N N   . SER A 1 109 ? 6.277   -1.937  5.412   1.00 13.34 ? 1589 SER A N   1 
ATOM   1018 C CA  . SER A 1 109 ? 7.069   -1.276  6.424   1.00 13.97 ? 1589 SER A CA  1 
ATOM   1019 C C   . SER A 1 109 ? 7.809   -0.069  5.820   1.00 12.95 ? 1589 SER A C   1 
ATOM   1020 O O   . SER A 1 109 ? 7.782   0.127   4.594   1.00 12.54 ? 1589 SER A O   1 
ATOM   1021 C CB  . SER A 1 109 ? 8.031   -2.281  7.053   1.00 14.68 ? 1589 SER A CB  1 
ATOM   1022 O OG  . SER A 1 109 ? 9.047   -2.449  6.094   1.00 15.92 ? 1589 SER A OG  1 
ATOM   1023 N N   . LEU A 1 110 ? 8.451   0.719   6.679   1.00 12.90 ? 1590 LEU A N   1 
ATOM   1024 C CA  . LEU A 1 110 ? 9.178   1.883   6.200   1.00 12.79 ? 1590 LEU A CA  1 
ATOM   1025 C C   . LEU A 1 110 ? 10.228  1.426   5.217   1.00 13.47 ? 1590 LEU A C   1 
ATOM   1026 O O   . LEU A 1 110 ? 10.402  2.046   4.131   1.00 13.74 ? 1590 LEU A O   1 
ATOM   1027 C CB  . LEU A 1 110 ? 9.876   2.573   7.384   1.00 13.38 ? 1590 LEU A CB  1 
ATOM   1028 C CG  . LEU A 1 110 ? 10.693  3.803   7.006   1.00 13.87 ? 1590 LEU A CG  1 
ATOM   1029 C CD1 . LEU A 1 110 ? 9.806   4.932   6.424   1.00 16.75 ? 1590 LEU A CD1 1 
ATOM   1030 C CD2 . LEU A 1 110 ? 11.435  4.299   8.249   1.00 15.93 ? 1590 LEU A CD2 1 
ATOM   1031 N N   A GLU A 1 111 ? 10.936  0.349   5.539   0.50 14.08 ? 1591 GLU A N   1 
ATOM   1032 N N   B GLU A 1 111 ? 10.976  0.381   5.542   0.50 13.80 ? 1591 GLU A N   1 
ATOM   1033 C CA  A GLU A 1 111 ? 12.003  -0.136  4.693   0.50 14.72 ? 1591 GLU A CA  1 
ATOM   1034 C CA  B GLU A 1 111 ? 11.990  -0.126  4.647   0.50 14.49 ? 1591 GLU A CA  1 
ATOM   1035 C C   A GLU A 1 111 ? 11.487  -0.768  3.392   0.50 14.86 ? 1591 GLU A C   1 
ATOM   1036 C C   B GLU A 1 111 ? 11.347  -0.564  3.314   0.50 14.20 ? 1591 GLU A C   1 
ATOM   1037 O O   A GLU A 1 111 ? 12.174  -0.712  2.355   0.50 14.95 ? 1591 GLU A O   1 
ATOM   1038 O O   B GLU A 1 111 ? 11.779  -0.199  2.201   0.50 12.49 ? 1591 GLU A O   1 
ATOM   1039 C CB  A GLU A 1 111 ? 12.889  -1.100  5.469   0.50 15.53 ? 1591 GLU A CB  1 
ATOM   1040 C CB  B GLU A 1 111 ? 12.688  -1.293  5.343   0.50 14.87 ? 1591 GLU A CB  1 
ATOM   1041 C CG  A GLU A 1 111 ? 14.112  -1.549  4.694   0.50 19.29 ? 1591 GLU A CG  1 
ATOM   1042 C CG  B GLU A 1 111 ? 13.769  -1.970  4.509   0.50 17.24 ? 1591 GLU A CG  1 
ATOM   1043 C CD  A GLU A 1 111 ? 15.203  -2.127  5.573   0.50 23.33 ? 1591 GLU A CD  1 
ATOM   1044 C CD  B GLU A 1 111 ? 14.516  -3.068  5.252   0.50 17.35 ? 1591 GLU A CD  1 
ATOM   1045 O OE1 A GLU A 1 111 ? 14.883  -2.950  6.454   0.50 24.62 ? 1591 GLU A OE1 1 
ATOM   1046 O OE1 B GLU A 1 111 ? 13.870  -3.810  6.023   0.50 23.92 ? 1591 GLU A OE1 1 
ATOM   1047 O OE2 A GLU A 1 111 ? 16.387  -1.780  5.363   0.50 25.55 ? 1591 GLU A OE2 1 
ATOM   1048 O OE2 B GLU A 1 111 ? 15.740  -3.203  5.020   0.50 22.81 ? 1591 GLU A OE2 1 
ATOM   1049 N N   . GLN A 1 112 ? 10.303  -1.371  3.450   1.00 20.00 ? 1592 GLN A N   1 
ATOM   1050 C CA  . GLN A 1 112 ? 9.672   -1.935  2.250   1.00 20.00 ? 1592 GLN A CA  1 
ATOM   1051 C C   . GLN A 1 112 ? 9.103   -0.877  1.318   1.00 20.00 ? 1592 GLN A C   1 
ATOM   1052 O O   . GLN A 1 112 ? 9.255   -0.974  0.121   1.00 14.97 ? 1592 GLN A O   1 
ATOM   1053 C CB  . GLN A 1 112 ? 8.585   -2.952  2.610   1.00 20.00 ? 1592 GLN A CB  1 
ATOM   1054 C CG  . GLN A 1 112 ? 9.118   -4.167  3.309   1.00 20.00 ? 1592 GLN A CG  1 
ATOM   1055 C CD  . GLN A 1 112 ? 8.046   -4.954  4.030   1.00 20.00 ? 1592 GLN A CD  1 
ATOM   1056 O OE1 . GLN A 1 112 ? 6.954   -4.470  4.275   1.00 20.00 ? 1592 GLN A OE1 1 
ATOM   1057 N NE2 . GLN A 1 112 ? 8.384   -6.179  4.392   1.00 20.00 ? 1592 GLN A NE2 1 
ATOM   1058 N N   . GLY A 1 113 ? 8.453   0.136   1.863   1.00 13.71 ? 1593 GLY A N   1 
ATOM   1059 C CA  . GLY A 1 113 ? 7.982   1.209   1.011   1.00 14.39 ? 1593 GLY A CA  1 
ATOM   1060 C C   . GLY A 1 113 ? 9.070   2.120   0.462   1.00 15.13 ? 1593 GLY A C   1 
ATOM   1061 O O   . GLY A 1 113 ? 8.954   2.571   -0.677  1.00 14.88 ? 1593 GLY A O   1 
ATOM   1062 N N   . ASN A 1 114 ? 10.078  2.430   1.259   1.00 15.27 ? 1594 ASN A N   1 
ATOM   1063 C CA  . ASN A 1 114 ? 11.149  3.244   0.758   1.00 17.18 ? 1594 ASN A CA  1 
ATOM   1064 C C   . ASN A 1 114 ? 11.787  2.623   -0.484  1.00 17.20 ? 1594 ASN A C   1 
ATOM   1065 O O   . ASN A 1 114 ? 12.205  3.401   -1.372  1.00 18.49 ? 1594 ASN A O   1 
ATOM   1066 C CB  . ASN A 1 114 ? 12.187  3.470   1.865   1.00 18.12 ? 1594 ASN A CB  1 
ATOM   1067 C CG  . ASN A 1 114 ? 11.799  4.590   2.824   1.00 17.63 ? 1594 ASN A CG  1 
ATOM   1068 O OD1 . ASN A 1 114 ? 10.810  5.286   2.659   1.00 20.89 ? 1594 ASN A OD1 1 
ATOM   1069 N ND2 . ASN A 1 114 ? 12.610  4.745   3.887   1.00 21.49 ? 1594 ASN A ND2 1 
ATOM   1070 N N   A ARG A 1 115 ? 11.896  1.301   -0.570  0.80 16.68 ? 1595 ARG A N   1 
ATOM   1071 N N   B ARG A 1 115 ? 11.775  1.290   -0.588  0.20 16.18 ? 1595 ARG A N   1 
ATOM   1072 C CA  A ARG A 1 115 ? 12.563  0.650   -1.715  0.80 16.86 ? 1595 ARG A CA  1 
ATOM   1073 C CA  B ARG A 1 115 ? 12.280  0.534   -1.749  0.20 15.42 ? 1595 ARG A CA  1 
ATOM   1074 C C   A ARG A 1 115 ? 11.887  1.016   -3.027  0.80 17.46 ? 1595 ARG A C   1 
ATOM   1075 C C   B ARG A 1 115 ? 11.484  0.743   -3.046  0.20 14.95 ? 1595 ARG A C   1 
ATOM   1076 O O   A ARG A 1 115 ? 12.476  0.946   -4.101  0.80 18.52 ? 1595 ARG A O   1 
ATOM   1077 O O   B ARG A 1 115 ? 11.957  0.387   -4.128  0.20 13.85 ? 1595 ARG A O   1 
ATOM   1078 C CB  A ARG A 1 115 ? 12.524  -0.876  -1.579  0.80 19.01 ? 1595 ARG A CB  1 
ATOM   1079 C CB  B ARG A 1 115 ? 12.279  -0.971  -1.435  0.20 15.95 ? 1595 ARG A CB  1 
ATOM   1080 C CG  A ARG A 1 115 ? 13.483  -1.482  -0.586  0.80 20.45 ? 1595 ARG A CG  1 
ATOM   1081 C CG  B ARG A 1 115 ? 13.306  -1.418  -0.410  0.20 16.28 ? 1595 ARG A CG  1 
ATOM   1082 C CD  A ARG A 1 115 ? 13.263  -2.977  -0.565  0.80 25.14 ? 1595 ARG A CD  1 
ATOM   1083 C CD  B ARG A 1 115 ? 13.429  -2.932  -0.431  0.20 16.95 ? 1595 ARG A CD  1 
ATOM   1084 N NE  A ARG A 1 115 ? 14.105  -3.615  0.439   0.80 28.51 ? 1595 ARG A NE  1 
ATOM   1085 N NE  B ARG A 1 115 ? 13.794  -3.487  0.870   0.20 16.02 ? 1595 ARG A NE  1 
ATOM   1086 C CZ  A ARG A 1 115 ? 13.659  -4.404  1.407   0.80 28.37 ? 1595 ARG A CZ  1 
ATOM   1087 C CZ  B ARG A 1 115 ? 15.034  -3.550  1.351   0.20 17.08 ? 1595 ARG A CZ  1 
ATOM   1088 N NH1 A ARG A 1 115 ? 12.358  -4.672  1.501   0.80 27.51 ? 1595 ARG A NH1 1 
ATOM   1089 N NH1 B ARG A 1 115 ? 16.058  -3.097  0.639   0.20 19.77 ? 1595 ARG A NH1 1 
ATOM   1090 N NH2 A ARG A 1 115 ? 14.512  -4.931  2.280   0.80 30.69 ? 1595 ARG A NH2 1 
ATOM   1091 N NH2 B ARG A 1 115 ? 15.247  -4.080  2.547   0.20 18.28 ? 1595 ARG A NH2 1 
ATOM   1092 N N   A LEU A 1 116 ? 10.618  1.401   -2.928  0.50 15.75 ? 1596 LEU A N   1 
ATOM   1093 N N   B LEU A 1 116 ? 10.281  1.300   -2.939  0.50 14.38 ? 1596 LEU A N   1 
ATOM   1094 C CA  A LEU A 1 116 ? 9.782   1.613   -4.116  0.50 15.36 ? 1596 LEU A CA  1 
ATOM   1095 C CA  B LEU A 1 116 ? 9.449   1.520   -4.113  0.50 14.64 ? 1596 LEU A CA  1 
ATOM   1096 C C   A LEU A 1 116 ? 9.637   3.069   -4.538  0.50 15.00 ? 1596 LEU A C   1 
ATOM   1097 C C   B LEU A 1 116 ? 9.410   2.994   -4.526  0.50 14.65 ? 1596 LEU A C   1 
ATOM   1098 O O   A LEU A 1 116 ? 9.066   3.347   -5.597  0.50 14.70 ? 1596 LEU A O   1 
ATOM   1099 O O   B LEU A 1 116 ? 8.773   3.358   -5.517  0.50 13.91 ? 1596 LEU A O   1 
ATOM   1100 C CB  A LEU A 1 116 ? 8.360   1.068   -3.867  0.50 14.25 ? 1596 LEU A CB  1 
ATOM   1101 C CB  B LEU A 1 116 ? 8.041   0.999   -3.837  0.50 13.57 ? 1596 LEU A CB  1 
ATOM   1102 C CG  A LEU A 1 116 ? 8.096   -0.446  -3.880  0.50 18.01 ? 1596 LEU A CG  1 
ATOM   1103 C CG  B LEU A 1 116 ? 7.971   -0.504  -3.565  0.50 15.59 ? 1596 LEU A CG  1 
ATOM   1104 C CD1 A LEU A 1 116 ? 8.899   -1.186  -2.835  0.50 20.10 ? 1596 LEU A CD1 1 
ATOM   1105 C CD1 B LEU A 1 116 ? 6.608   -0.885  -3.087  0.50 14.88 ? 1596 LEU A CD1 1 
ATOM   1106 C CD2 A LEU A 1 116 ? 6.604   -0.790  -3.739  0.50 17.38 ? 1596 LEU A CD2 1 
ATOM   1107 C CD2 B LEU A 1 116 ? 8.338   -1.284  -4.852  0.50 17.55 ? 1596 LEU A CD2 1 
ATOM   1108 N N   A ARG A 1 117 ? 10.095  3.997   -3.711  0.50 15.14 ? 1597 ARG A N   1 
ATOM   1109 N N   B ARG A 1 117 ? 10.100  3.834   -3.770  0.50 14.90 ? 1597 ARG A N   1 
ATOM   1110 C CA  A ARG A 1 117 ? 9.864   5.404   -3.993  0.50 16.10 ? 1597 ARG A CA  1 
ATOM   1111 C CA  B ARG A 1 117 ? 10.120  5.264   -4.028  0.50 16.14 ? 1597 ARG A CA  1 
ATOM   1112 C C   A ARG A 1 117 ? 10.487  5.867   -5.309  0.50 16.10 ? 1597 ARG A C   1 
ATOM   1113 C C   B ARG A 1 117 ? 10.640  5.644   -5.406  0.50 16.22 ? 1597 ARG A C   1 
ATOM   1114 O O   A ARG A 1 117 ? 9.906   6.679   -6.016  0.50 16.61 ? 1597 ARG A O   1 
ATOM   1115 O O   B ARG A 1 117 ? 10.007  6.393   -6.146  0.50 16.40 ? 1597 ARG A O   1 
ATOM   1116 C CB  A ARG A 1 117 ? 10.383  6.260   -2.848  0.50 15.64 ? 1597 ARG A CB  1 
ATOM   1117 C CB  B ARG A 1 117 ? 11.012  5.943   -3.002  0.50 15.49 ? 1597 ARG A CB  1 
ATOM   1118 C CG  A ARG A 1 117 ? 9.576   6.122   -1.572  0.50 18.64 ? 1597 ARG A CG  1 
ATOM   1119 C CG  B ARG A 1 117 ? 10.280  6.332   -1.777  0.50 18.83 ? 1597 ARG A CG  1 
ATOM   1120 C CD  A ARG A 1 117 ? 10.155  6.953   -0.434  0.50 22.19 ? 1597 ARG A CD  1 
ATOM   1121 C CD  B ARG A 1 117 ? 11.214  7.056   -0.817  0.50 22.60 ? 1597 ARG A CD  1 
ATOM   1122 N NE  A ARG A 1 117 ? 11.518  6.545   -0.101  0.50 23.20 ? 1597 ARG A NE  1 
ATOM   1123 N NE  B ARG A 1 117 ? 10.457  7.881   0.113   0.50 27.13 ? 1597 ARG A NE  1 
ATOM   1124 C CZ  A ARG A 1 117 ? 12.346  7.238   0.678   0.50 25.50 ? 1597 ARG A CZ  1 
ATOM   1125 C CZ  B ARG A 1 117 ? 9.438   7.435   0.842   0.50 27.09 ? 1597 ARG A CZ  1 
ATOM   1126 N NH1 A ARG A 1 117 ? 11.954  8.382   1.219   0.50 25.02 ? 1597 ARG A NH1 1 
ATOM   1127 N NH1 B ARG A 1 117 ? 9.056   6.167   0.751   0.50 29.59 ? 1597 ARG A NH1 1 
ATOM   1128 N NH2 A ARG A 1 117 ? 13.567  6.776   0.915   0.50 25.32 ? 1597 ARG A NH2 1 
ATOM   1129 N NH2 B ARG A 1 117 ? 8.804   8.260   1.660   0.50 28.35 ? 1597 ARG A NH2 1 
ATOM   1130 N N   A GLU A 1 118 ? 11.688  5.379   -5.621  0.50 16.48 ? 1598 GLU A N   1 
ATOM   1131 N N   B GLU A 1 118 ? 11.836  5.172   -5.734  0.50 16.23 ? 1598 GLU A N   1 
ATOM   1132 C CA  A GLU A 1 118 ? 12.325  5.736   -6.901  0.50 17.78 ? 1598 GLU A CA  1 
ATOM   1133 C CA  B GLU A 1 118 ? 12.487  5.652   -6.958  0.50 17.44 ? 1598 GLU A CA  1 
ATOM   1134 C C   A GLU A 1 118 ? 11.357  5.512   -8.061  0.50 17.80 ? 1598 GLU A C   1 
ATOM   1135 C C   B GLU A 1 118 ? 11.610  5.395   -8.187  0.50 17.85 ? 1598 GLU A C   1 
ATOM   1136 O O   A GLU A 1 118 ? 11.067  6.430   -8.838  0.50 17.88 ? 1598 GLU A O   1 
ATOM   1137 O O   B GLU A 1 118 ? 11.571  6.217   -9.099  0.50 18.01 ? 1598 GLU A O   1 
ATOM   1138 C CB  A GLU A 1 118 ? 13.583  4.889   -7.115  0.50 18.51 ? 1598 GLU A CB  1 
ATOM   1139 C CB  B GLU A 1 118 ? 13.879  5.029   -7.105  0.50 18.05 ? 1598 GLU A CB  1 
ATOM   1140 C CG  A GLU A 1 118 ? 14.235  5.066   -8.483  0.50 21.67 ? 1598 GLU A CG  1 
ATOM   1141 C CG  B GLU A 1 118 ? 14.775  5.706   -8.127  0.50 20.91 ? 1598 GLU A CG  1 
ATOM   1142 C CD  A GLU A 1 118 ? 15.024  3.836   -8.918  0.50 25.89 ? 1598 GLU A CD  1 
ATOM   1143 C CD  B GLU A 1 118 ? 16.248  5.441   -7.859  0.50 23.97 ? 1598 GLU A CD  1 
ATOM   1144 O OE1 A GLU A 1 118 ? 14.502  2.702   -8.780  0.50 29.00 ? 1598 GLU A OE1 1 
ATOM   1145 O OE1 B GLU A 1 118 ? 16.575  4.362   -7.312  0.50 26.32 ? 1598 GLU A OE1 1 
ATOM   1146 O OE2 A GLU A 1 118 ? 16.160  4.006   -9.402  0.50 28.07 ? 1598 GLU A OE2 1 
ATOM   1147 O OE2 B GLU A 1 118 ? 17.082  6.307   -8.197  0.50 26.36 ? 1598 GLU A OE2 1 
ATOM   1148 N N   . GLN A 1 119 ? 10.891  4.272   -8.197  1.00 16.93 ? 1599 GLN A N   1 
ATOM   1149 C CA  . GLN A 1 119 ? 10.080  3.885   -9.343  1.00 18.36 ? 1599 GLN A CA  1 
ATOM   1150 C C   . GLN A 1 119 ? 8.641   4.367   -9.238  1.00 17.98 ? 1599 GLN A C   1 
ATOM   1151 O O   . GLN A 1 119 ? 8.003   4.678   -10.251 1.00 19.12 ? 1599 GLN A O   1 
ATOM   1152 C CB  . GLN A 1 119 ? 10.088  2.373   -9.521  1.00 19.63 ? 1599 GLN A CB  1 
ATOM   1153 C CG  . GLN A 1 119 ? 10.978  1.793   -10.584 1.00 26.64 ? 1599 GLN A CG  1 
ATOM   1154 C CD  . GLN A 1 119 ? 10.577  0.348   -10.879 1.00 30.75 ? 1599 GLN A CD  1 
ATOM   1155 O OE1 . GLN A 1 119 ? 10.791  -0.545  -10.057 1.00 32.74 ? 1599 GLN A OE1 1 
ATOM   1156 N NE2 . GLN A 1 119 ? 9.954   0.123   -12.036 1.00 35.08 ? 1599 GLN A NE2 1 
ATOM   1157 N N   . TYR A 1 120 ? 8.106   4.443   -8.020  1.00 15.74 ? 1600 TYR A N   1 
ATOM   1158 C CA  . TYR A 1 120 ? 6.665   4.646   -7.864  1.00 15.89 ? 1600 TYR A CA  1 
ATOM   1159 C C   . TYR A 1 120 ? 6.263   5.901   -7.118  1.00 14.82 ? 1600 TYR A C   1 
ATOM   1160 O O   . TYR A 1 120 ? 5.065   6.226   -7.048  1.00 15.42 ? 1600 TYR A O   1 
ATOM   1161 C CB  . TYR A 1 120 ? 5.992   3.423   -7.197  1.00 16.92 ? 1600 TYR A CB  1 
ATOM   1162 C CG  . TYR A 1 120 ? 6.084   2.176   -7.998  1.00 16.56 ? 1600 TYR A CG  1 
ATOM   1163 C CD1 . TYR A 1 120 ? 7.105   1.259   -7.760  1.00 17.01 ? 1600 TYR A CD1 1 
ATOM   1164 C CD2 . TYR A 1 120 ? 5.207   1.916   -9.036  1.00 18.23 ? 1600 TYR A CD2 1 
ATOM   1165 C CE1 . TYR A 1 120 ? 7.235   0.077   -8.514  1.00 18.50 ? 1600 TYR A CE1 1 
ATOM   1166 C CE2 . TYR A 1 120 ? 5.331   0.760   -9.803  1.00 21.48 ? 1600 TYR A CE2 1 
ATOM   1167 C CZ  . TYR A 1 120 ? 6.324   -0.140  -9.527  1.00 19.79 ? 1600 TYR A CZ  1 
ATOM   1168 O OH  . TYR A 1 120 ? 6.452   -1.281  -10.288 1.00 23.22 ? 1600 TYR A OH  1 
ATOM   1169 N N   . GLY A 1 121 ? 7.215   6.584   -6.529  1.00 14.99 ? 1601 GLY A N   1 
ATOM   1170 C CA  . GLY A 1 121 ? 6.877   7.677   -5.653  1.00 16.55 ? 1601 GLY A CA  1 
ATOM   1171 C C   . GLY A 1 121 ? 6.406   8.926   -6.374  1.00 17.18 ? 1601 GLY A C   1 
ATOM   1172 O O   . GLY A 1 121 ? 6.771   9.178   -7.538  1.00 17.29 ? 1601 GLY A O   1 
ATOM   1173 N N   . LEU A 1 122 ? 5.618   9.736   -5.667  1.00 18.14 ? 1602 LEU A N   1 
ATOM   1174 C CA  . LEU A 1 122 ? 5.095   11.004  -6.217  1.00 20.60 ? 1602 LEU A CA  1 
ATOM   1175 C C   . LEU A 1 122 ? 5.899   12.222  -5.764  1.00 21.49 ? 1602 LEU A C   1 
ATOM   1176 O O   . LEU A 1 122 ? 5.385   13.372  -5.759  1.00 23.25 ? 1602 LEU A O   1 
ATOM   1177 C CB  . LEU A 1 122 ? 3.625   11.179  -5.837  1.00 21.19 ? 1602 LEU A CB  1 
ATOM   1178 C CG  . LEU A 1 122 ? 2.638   10.214  -6.469  1.00 22.18 ? 1602 LEU A CG  1 
ATOM   1179 C CD1 . LEU A 1 122 ? 1.205   10.669  -6.136  1.00 25.65 ? 1602 LEU A CD1 1 
ATOM   1180 C CD2 . LEU A 1 122 ? 2.836   10.157  -7.993  1.00 25.55 ? 1602 LEU A CD2 1 
ATOM   1181 N N   . GLY A 1 123 ? 7.150   11.993  -5.379  1.00 22.69 ? 1603 GLY A N   1 
ATOM   1182 C CA  . GLY A 1 123 ? 8.054   13.104  -5.041  1.00 24.54 ? 1603 GLY A CA  1 
ATOM   1183 C C   . GLY A 1 123 ? 8.569   13.909  -6.223  1.00 25.77 ? 1603 GLY A C   1 
ATOM   1184 O O   . GLY A 1 123 ? 8.183   13.675  -7.377  1.00 27.03 ? 1603 GLY A O   1 
HETATM 1185 S S   . SO4 B 2 .   ? 8.759   -17.861 -8.273  0.50 25.32 ? 201  SO4 A S   1 
HETATM 1186 O O1  . SO4 B 2 .   ? 10.062  -18.474 -8.592  0.50 26.84 ? 201  SO4 A O1  1 
HETATM 1187 O O2  . SO4 B 2 .   ? 8.399   -18.275 -6.925  0.50 28.71 ? 201  SO4 A O2  1 
HETATM 1188 O O3  . SO4 B 2 .   ? 8.914   -16.423 -8.396  0.50 26.02 ? 201  SO4 A O3  1 
HETATM 1189 O O4  . SO4 B 2 .   ? 7.769   -18.313 -9.250  0.50 25.99 ? 201  SO4 A O4  1 
HETATM 1190 O O   . HOH C 3 .   ? -3.083  -1.462  3.125   1.00 13.69 ? 1    HOH A O   1 
HETATM 1191 O O   . HOH C 3 .   ? -2.579  -3.132  0.188   1.00 13.71 ? 2    HOH A O   1 
HETATM 1192 O O   . HOH C 3 .   ? 1.461   -12.352 9.205   1.00 16.53 ? 3    HOH A O   1 
HETATM 1193 O O   . HOH C 3 .   ? -4.390  1.327   -3.019  1.00 15.87 ? 4    HOH A O   1 
HETATM 1194 O O   . HOH C 3 .   ? 2.429   -16.981 3.169   1.00 21.30 ? 5    HOH A O   1 
HETATM 1195 O O   . HOH C 3 .   ? -5.728  1.431   4.572   1.00 19.70 ? 6    HOH A O   1 
HETATM 1196 O O   . HOH C 3 .   ? 4.019   -13.185 5.405   1.00 16.51 ? 7    HOH A O   1 
HETATM 1197 O O   A HOH C 3 .   ? -5.914  -13.658 4.571   0.50 14.71 ? 8    HOH A O   1 
HETATM 1198 O O   B HOH C 3 .   ? -5.102  -14.370 4.746   0.50 15.07 ? 8    HOH A O   1 
HETATM 1199 O O   . HOH C 3 .   ? -0.208  -6.776  17.337  1.00 21.38 ? 9    HOH A O   1 
HETATM 1200 O O   . HOH C 3 .   ? 2.102   -15.045 5.056   1.00 19.69 ? 10   HOH A O   1 
HETATM 1201 O O   . HOH C 3 .   ? -2.480  -0.534  -3.995  1.00 18.13 ? 11   HOH A O   1 
HETATM 1202 O O   . HOH C 3 .   ? 3.536   -6.348  -10.573 1.00 18.59 ? 12   HOH A O   1 
HETATM 1203 O O   . HOH C 3 .   ? -9.591  -7.105  -1.091  1.00 24.20 ? 13   HOH A O   1 
HETATM 1204 O O   A HOH C 3 .   ? 7.754   1.281   12.622  0.40 14.32 ? 14   HOH A O   1 
HETATM 1205 O O   B HOH C 3 .   ? 8.635   1.439   12.354  0.30 19.63 ? 14   HOH A O   1 
HETATM 1206 O O   A HOH C 3 .   ? 9.743   -3.810  -0.379  0.50 12.57 ? 15   HOH A O   1 
HETATM 1207 O O   B HOH C 3 .   ? 9.444   -3.137  -1.627  0.50 20.24 ? 15   HOH A O   1 
HETATM 1208 O O   . HOH C 3 .   ? -6.892  -11.440 4.093   1.00 21.64 ? 16   HOH A O   1 
HETATM 1209 O O   . HOH C 3 .   ? 0.542   18.977  -4.485  1.00 24.56 ? 17   HOH A O   1 
HETATM 1210 O O   . HOH C 3 .   ? -2.626  -8.491  11.939  1.00 21.31 ? 18   HOH A O   1 
HETATM 1211 O O   . HOH C 3 .   ? -4.580  -1.587  5.401   1.00 25.02 ? 19   HOH A O   1 
HETATM 1212 O O   . HOH C 3 .   ? -9.707  4.666   0.233   1.00 23.45 ? 20   HOH A O   1 
HETATM 1213 O O   . HOH C 3 .   ? -9.462  -5.665  1.480   1.00 26.63 ? 21   HOH A O   1 
HETATM 1214 O O   A HOH C 3 .   ? 5.830   8.479   15.872  0.70 18.12 ? 22   HOH A O   1 
HETATM 1215 O O   B HOH C 3 .   ? 4.873   8.556   16.234  0.30 13.04 ? 22   HOH A O   1 
HETATM 1216 O O   . HOH C 3 .   ? 2.043   -14.110 21.520  1.00 23.51 ? 23   HOH A O   1 
HETATM 1217 O O   . HOH C 3 .   ? 14.389  0.806   2.198   1.00 24.26 ? 24   HOH A O   1 
HETATM 1218 O O   . HOH C 3 .   ? -5.451  -3.486  -8.591  1.00 24.43 ? 25   HOH A O   1 
HETATM 1219 O O   . HOH C 3 .   ? 4.044   12.637  4.443   1.00 26.42 ? 26   HOH A O   1 
HETATM 1220 O O   . HOH C 3 .   ? -7.558  -1.866  1.621   1.00 27.29 ? 27   HOH A O   1 
HETATM 1221 O O   . HOH C 3 .   ? -14.240 -10.770 -3.553  1.00 33.46 ? 28   HOH A O   1 
HETATM 1222 O O   . HOH C 3 .   ? -0.958  -1.430  11.091  1.00 26.94 ? 29   HOH A O   1 
HETATM 1223 O O   . HOH C 3 .   ? 0.087   -17.796 -6.260  1.00 27.02 ? 30   HOH A O   1 
HETATM 1224 O O   . HOH C 3 .   ? 4.780   -19.827 5.573   1.00 28.77 ? 31   HOH A O   1 
HETATM 1225 O O   A HOH C 3 .   ? -7.863  18.633  -5.596  0.50 22.43 ? 32   HOH A O   1 
HETATM 1226 O O   B HOH C 3 .   ? -7.230  18.282  -6.627  0.50 26.78 ? 32   HOH A O   1 
HETATM 1227 O O   . HOH C 3 .   ? 6.894   -5.276  8.884   1.00 25.19 ? 33   HOH A O   1 
HETATM 1228 O O   . HOH C 3 .   ? 6.841   15.508  -1.832  1.00 32.59 ? 34   HOH A O   1 
HETATM 1229 O O   . HOH C 3 .   ? -1.738  -17.838 -2.343  1.00 19.59 ? 35   HOH A O   1 
HETATM 1230 O O   A HOH C 3 .   ? 10.982  -4.229  6.616   0.40 16.38 ? 36   HOH A O   1 
HETATM 1231 O O   B HOH C 3 .   ? 10.351  -4.817  6.885   0.30 15.62 ? 36   HOH A O   1 
HETATM 1232 O O   . HOH C 3 .   ? 2.146   -18.962 5.053   1.00 29.08 ? 37   HOH A O   1 
HETATM 1233 O O   . HOH C 3 .   ? -5.481  -11.772 6.993   1.00 33.15 ? 38   HOH A O   1 
HETATM 1234 O O   . HOH C 3 .   ? 5.943   2.046   13.864  1.00 25.89 ? 39   HOH A O   1 
HETATM 1235 O O   A HOH C 3 .   ? 3.095   10.603  5.843   0.50 19.83 ? 40   HOH A O   1 
HETATM 1236 O O   B HOH C 3 .   ? 2.024   10.562  6.510   0.50 20.06 ? 40   HOH A O   1 
HETATM 1237 O O   . HOH C 3 .   ? 9.280   -15.318 0.655   1.00 39.79 ? 41   HOH A O   1 
HETATM 1238 O O   . HOH C 3 .   ? 1.608   -2.412  -9.978  1.00 23.14 ? 42   HOH A O   1 
HETATM 1239 O O   . HOH C 3 .   ? 8.857   -13.693 6.959   1.00 30.08 ? 43   HOH A O   1 
HETATM 1240 O O   . HOH C 3 .   ? 10.831  -5.424  -2.343  1.00 22.86 ? 44   HOH A O   1 
HETATM 1241 O O   . HOH C 3 .   ? -2.589  4.018   -9.085  1.00 32.44 ? 45   HOH A O   1 
HETATM 1242 O O   . HOH C 3 .   ? 1.886   -22.719 -1.350  1.00 31.96 ? 46   HOH A O   1 
HETATM 1243 O O   . HOH C 3 .   ? 2.244   16.603  6.149   1.00 39.21 ? 47   HOH A O   1 
HETATM 1244 O O   . HOH C 3 .   ? 7.608   9.077   9.990   1.00 45.45 ? 48   HOH A O   1 
HETATM 1245 O O   . HOH C 3 .   ? 7.604   -7.009  7.704   1.00 27.77 ? 49   HOH A O   1 
HETATM 1246 O O   A HOH C 3 .   ? 9.093   -14.300 -9.867  0.50 26.52 ? 50   HOH A O   1 
HETATM 1247 O O   B HOH C 3 .   ? 8.716   -16.965 -9.563  0.50 24.95 ? 50   HOH A O   1 
HETATM 1248 O O   . HOH C 3 .   ? -11.961 13.602  -4.225  1.00 40.53 ? 51   HOH A O   1 
HETATM 1249 O O   . HOH C 3 .   ? 9.608   -15.656 -2.185  1.00 41.43 ? 52   HOH A O   1 
HETATM 1250 O O   A HOH C 3 .   ? 9.195   10.457  -4.565  0.50 34.22 ? 53   HOH A O   1 
HETATM 1251 O O   B HOH C 3 .   ? 9.172   9.371   -3.205  0.50 27.23 ? 53   HOH A O   1 
HETATM 1252 O O   . HOH C 3 .   ? -5.740  3.089   11.280  1.00 35.66 ? 54   HOH A O   1 
HETATM 1253 O O   . HOH C 3 .   ? 10.656  5.155   -13.811 1.00 53.27 ? 55   HOH A O   1 
HETATM 1254 O O   . HOH C 3 .   ? 0.797   10.057  11.269  1.00 35.28 ? 56   HOH A O   1 
HETATM 1255 O O   . HOH C 3 .   ? -1.135  -4.331  16.343  1.00 38.03 ? 57   HOH A O   1 
HETATM 1256 O O   . HOH C 3 .   ? 6.832   10.129  13.090  1.00 43.95 ? 58   HOH A O   1 
HETATM 1257 O O   . HOH C 3 .   ? -9.925  -3.383  -6.109  1.00 40.84 ? 59   HOH A O   1 
HETATM 1258 O O   A HOH C 3 .   ? -0.904  -15.703 8.632   0.35 19.81 ? 60   HOH A O   1 
HETATM 1259 O O   B HOH C 3 .   ? -0.474  -14.073 8.237   0.35 18.77 ? 60   HOH A O   1 
HETATM 1260 O O   C HOH C 3 .   ? -2.280  -15.181 7.793   0.30 18.65 ? 60   HOH A O   1 
HETATM 1261 O O   . HOH C 3 .   ? 10.178  7.303   3.723   1.00 32.55 ? 61   HOH A O   1 
HETATM 1262 O O   A HOH C 3 .   ? -1.868  -20.422 -3.024  0.70 26.77 ? 62   HOH A O   1 
HETATM 1263 O O   B HOH C 3 .   ? -0.841  -20.812 -5.275  0.30 28.64 ? 62   HOH A O   1 
HETATM 1264 O O   . HOH C 3 .   ? 8.612   -3.318  -8.981  1.00 33.06 ? 63   HOH A O   1 
HETATM 1265 O O   . HOH C 3 .   ? -5.022  22.958  0.778   1.00 35.22 ? 64   HOH A O   1 
HETATM 1266 O O   . HOH C 3 .   ? -3.593  -8.644  20.109  1.00 37.71 ? 65   HOH A O   1 
HETATM 1267 O O   . HOH C 3 .   ? -3.457  1.485   10.983  1.00 43.34 ? 66   HOH A O   1 
HETATM 1268 O O   . HOH C 3 .   ? -6.230  3.743   -9.316  1.00 31.99 ? 67   HOH A O   1 
HETATM 1269 O O   . HOH C 3 .   ? 1.586   12.782  6.817   1.00 35.20 ? 68   HOH A O   1 
HETATM 1270 O O   . HOH C 3 .   ? 4.310   15.678  -5.151  1.00 36.99 ? 69   HOH A O   1 
HETATM 1271 O O   . HOH C 3 .   ? -2.647  -13.430 20.923  1.00 27.92 ? 70   HOH A O   1 
HETATM 1272 O O   . HOH C 3 .   ? 9.639   15.733  -2.662  1.00 49.86 ? 71   HOH A O   1 
HETATM 1273 O O   . HOH C 3 .   ? 9.906   -16.275 4.005   1.00 35.13 ? 72   HOH A O   1 
HETATM 1274 O O   . HOH C 3 .   ? 7.361   1.562   -13.654 1.00 31.12 ? 73   HOH A O   1 
HETATM 1275 O O   . HOH C 3 .   ? -4.973  -17.693 -8.889  1.00 30.02 ? 74   HOH A O   1 
HETATM 1276 O O   . HOH C 3 .   ? 10.918  -0.399  -7.527  1.00 34.07 ? 75   HOH A O   1 
HETATM 1277 O O   . HOH C 3 .   ? -0.490  -0.637  13.945  1.00 44.65 ? 76   HOH A O   1 
HETATM 1278 O O   A HOH C 3 .   ? -8.272  -3.429  -8.418  0.50 23.75 ? 77   HOH A O   1 
HETATM 1279 O O   B HOH C 3 .   ? -7.004  -2.282  -7.734  0.50 25.01 ? 77   HOH A O   1 
HETATM 1280 O O   A HOH C 3 .   ? -9.861  -3.169  0.916   0.50 21.94 ? 78   HOH A O   1 
HETATM 1281 O O   B HOH C 3 .   ? -9.477  -2.051  0.378   0.50 27.58 ? 78   HOH A O   1 
HETATM 1282 O O   . HOH C 3 .   ? 8.511   7.409   8.668   1.00 31.06 ? 79   HOH A O   1 
HETATM 1283 O O   . HOH C 3 .   ? -4.061  -6.346  12.390  1.00 41.98 ? 80   HOH A O   1 
HETATM 1284 O O   . HOH C 3 .   ? 7.794   11.294  5.989   1.00 41.11 ? 81   HOH A O   1 
HETATM 1285 O O   . HOH C 3 .   ? 14.550  -0.787  -4.872  1.00 43.02 ? 82   HOH A O   1 
HETATM 1286 O O   . HOH C 3 .   ? -7.957  -10.172 6.189   1.00 37.84 ? 83   HOH A O   1 
HETATM 1287 O O   . HOH C 3 .   ? -0.578  20.721  -7.922  1.00 41.61 ? 84   HOH A O   1 
HETATM 1288 O O   A HOH C 3 .   ? 13.470  8.555   3.684   0.50 32.68 ? 85   HOH A O   1 
HETATM 1289 O O   B HOH C 3 .   ? 11.971  9.656   4.165   0.50 40.61 ? 85   HOH A O   1 
HETATM 1290 O O   . HOH C 3 .   ? -4.727  20.491  4.709   1.00 39.14 ? 86   HOH A O   1 
HETATM 1291 O O   . HOH C 3 .   ? 8.209   4.118   -12.970 1.00 37.01 ? 87   HOH A O   1 
HETATM 1292 O O   . HOH C 3 .   ? 8.898   -4.445  -6.170  1.00 39.73 ? 88   HOH A O   1 
HETATM 1293 O O   . HOH C 3 .   ? -3.013  15.948  7.911   1.00 42.00 ? 89   HOH A O   1 
HETATM 1294 O O   A HOH C 3 .   ? 13.121  6.869   5.582   0.50 26.56 ? 90   HOH A O   1 
HETATM 1295 O O   B HOH C 3 .   ? 12.099  7.743   5.342   0.50 32.49 ? 90   HOH A O   1 
HETATM 1296 O O   . HOH C 3 .   ? 12.157  -11.430 1.525   1.00 39.90 ? 91   HOH A O   1 
HETATM 1297 O O   . HOH C 3 .   ? 7.700   -5.900  -9.974  1.00 27.25 ? 92   HOH A O   1 
HETATM 1298 O O   A HOH C 3 .   ? 11.339  2.895   -14.010 0.50 32.14 ? 93   HOH A O   1 
HETATM 1299 O O   B HOH C 3 .   ? 9.795   2.259   -13.611 0.50 29.35 ? 93   HOH A O   1 
HETATM 1300 O O   . HOH C 3 .   ? 4.182   -2.458  -11.134 1.00 31.20 ? 94   HOH A O   1 
HETATM 1301 O O   . HOH C 3 .   ? -3.088  16.067  -8.763  1.00 48.23 ? 95   HOH A O   1 
HETATM 1302 O O   . HOH C 3 .   ? 1.776   2.639   -11.350 1.00 43.94 ? 96   HOH A O   1 
HETATM 1303 O O   . HOH C 3 .   ? -14.493 -17.645 -4.943  1.00 52.82 ? 97   HOH A O   1 
HETATM 1304 O O   . HOH C 3 .   ? -12.285 4.501   2.912   1.00 48.68 ? 98   HOH A O   1 
HETATM 1305 O O   . HOH C 3 .   ? -4.682  -14.086 7.142   1.00 36.60 ? 99   HOH A O   1 
HETATM 1306 O O   . HOH C 3 .   ? -6.615  21.213  -6.161  1.00 47.13 ? 100  HOH A O   1 
HETATM 1307 O O   . HOH C 3 .   ? -0.636  17.205  -8.459  1.00 48.19 ? 101  HOH A O   1 
HETATM 1308 O O   . HOH C 3 .   ? -4.882  -0.901  8.202   1.00 37.02 ? 102  HOH A O   1 
HETATM 1309 O O   . HOH C 3 .   ? 9.448   -18.045 0.436   1.00 44.25 ? 103  HOH A O   1 
HETATM 1310 O O   A HOH C 3 .   ? -0.594  1.467   -10.191 0.50 25.91 ? 104  HOH A O   1 
HETATM 1311 O O   B HOH C 3 .   ? 0.699   0.067   -10.572 0.50 26.18 ? 104  HOH A O   1 
HETATM 1312 O O   . HOH C 3 .   ? -8.446  -0.513  -8.495  1.00 47.63 ? 105  HOH A O   1 
HETATM 1313 O O   A HOH C 3 .   ? -12.839 1.179   8.896   0.50 33.67 ? 106  HOH A O   1 
HETATM 1314 O O   B HOH C 3 .   ? -11.158 -1.293  8.458   0.50 38.22 ? 106  HOH A O   1 
HETATM 1315 O O   A HOH C 3 .   ? -13.420 -14.045 1.422   0.50 31.65 ? 107  HOH A O   1 
HETATM 1316 O O   B HOH C 3 .   ? -13.877 -13.101 4.232   0.50 32.45 ? 107  HOH A O   1 
HETATM 1317 O O   . HOH C 3 .   ? 14.692  -7.964  3.665   1.00 45.44 ? 108  HOH A O   1 
HETATM 1318 O O   . HOH C 3 .   ? 11.411  8.524   7.332   1.00 39.16 ? 109  HOH A O   1 
HETATM 1319 O O   . HOH C 3 .   ? 0.124   10.620  8.732   1.00 39.76 ? 110  HOH A O   1 
HETATM 1320 O O   A HOH C 3 .   ? -13.428 13.931  -0.698  0.25 21.08 ? 111  HOH A O   1 
HETATM 1321 O O   B HOH C 3 .   ? -13.245 11.699  1.303   0.25 23.53 ? 111  HOH A O   1 
HETATM 1322 O O   C HOH C 3 .   ? -12.935 12.977  0.604   0.50 28.82 ? 111  HOH A O   1 
HETATM 1323 O O   . HOH C 3 .   ? 13.612  3.538   -11.775 1.00 61.40 ? 112  HOH A O   1 
HETATM 1324 O O   . HOH C 3 .   ? 2.307   -16.827 15.583  1.00 65.77 ? 113  HOH A O   1 
HETATM 1325 O O   . HOH C 3 .   ? 10.197  -12.292 2.836   1.00 31.37 ? 114  HOH A O   1 
HETATM 1326 O O   A HOH C 3 .   ? -6.465  -7.299  8.476   0.50 34.84 ? 115  HOH A O   1 
HETATM 1327 O O   B HOH C 3 .   ? -6.588  -5.184  8.153   0.50 35.07 ? 115  HOH A O   1 
HETATM 1328 O O   . HOH C 3 .   ? 10.846  7.560   9.768   0.50 33.68 ? 116  HOH A O   1 
HETATM 1329 O O   A HOH C 3 .   ? -11.871 0.396   -5.460  0.50 26.01 ? 117  HOH A O   1 
HETATM 1330 O O   B HOH C 3 .   ? -12.427 2.101   -5.576  0.50 36.74 ? 117  HOH A O   1 
HETATM 1331 O O   . HOH C 3 .   ? 4.839   6.821   -11.211 1.00 42.36 ? 118  HOH A O   1 
HETATM 1332 O O   A HOH C 3 .   ? 5.746   9.010   -11.258 0.50 28.49 ? 119  HOH A O   1 
HETATM 1333 O O   B HOH C 3 .   ? 4.437   10.125  -11.419 0.50 40.54 ? 119  HOH A O   1 
HETATM 1334 O O   A HOH C 3 .   ? -8.591  10.301  10.214  0.50 26.09 ? 120  HOH A O   1 
HETATM 1335 O O   B HOH C 3 .   ? -7.103  10.581  10.669  0.50 35.31 ? 120  HOH A O   1 
HETATM 1336 O O   . HOH C 3 .   ? -8.745  22.191  -8.039  1.00 54.64 ? 121  HOH A O   1 
HETATM 1337 O O   . HOH C 3 .   ? -3.471  -2.075  10.115  1.00 35.52 ? 122  HOH A O   1 
HETATM 1338 O O   . HOH C 3 .   ? -0.120  18.496  6.855   1.00 45.69 ? 123  HOH A O   1 
HETATM 1339 O O   . HOH C 3 .   ? -2.471  -17.180 10.790  1.00 49.26 ? 124  HOH A O   1 
HETATM 1340 O O   . HOH C 3 .   ? -10.124 -5.713  5.416   1.00 29.31 ? 125  HOH A O   1 
HETATM 1341 O O   . HOH C 3 .   ? -11.047 17.061  -4.142  1.00 48.75 ? 126  HOH A O   1 
HETATM 1342 O O   . HOH C 3 .   ? 12.606  -2.273  -5.818  1.00 41.42 ? 127  HOH A O   1 
HETATM 1343 O O   A HOH C 3 .   ? 1.581   -1.869  12.768  0.50 27.37 ? 128  HOH A O   1 
HETATM 1344 O O   B HOH C 3 .   ? 2.927   -2.360  12.539  0.50 29.43 ? 128  HOH A O   1 
HETATM 1345 O O   . HOH C 3 .   ? 11.990  1.920   -6.680  1.00 23.70 ? 129  HOH A O   1 
HETATM 1346 O O   . HOH C 3 .   ? 13.543  3.769   -3.881  1.00 24.81 ? 130  HOH A O   1 
HETATM 1347 O O   A HOH C 3 .   ? -7.790  -17.906 -5.519  0.50 32.31 ? 131  HOH A O   1 
HETATM 1348 O O   B HOH C 3 .   ? -8.171  -17.431 -4.217  0.50 25.24 ? 131  HOH A O   1 
HETATM 1349 O O   . HOH C 3 .   ? -13.910 -14.930 -2.942  0.50 45.50 ? 132  HOH A O   1 
HETATM 1350 O O   . HOH C 3 .   ? -4.503  -15.572 10.343  1.00 40.57 ? 133  HOH A O   1 
HETATM 1351 O O   . HOH C 3 .   ? 7.641   -20.663 -8.139  1.00 42.71 ? 134  HOH A O   1 
HETATM 1352 O O   . HOH C 3 .   ? 0.179   -22.288 -3.237  1.00 39.36 ? 135  HOH A O   1 
HETATM 1353 O O   A HOH C 3 .   ? 11.697  11.139  7.797   0.50 40.21 ? 136  HOH A O   1 
HETATM 1354 O O   B HOH C 3 .   ? 12.353  10.403  6.019   0.50 39.47 ? 136  HOH A O   1 
HETATM 1355 O O   . HOH C 3 .   ? -12.148 18.814  -2.669  1.00 61.90 ? 137  HOH A O   1 
HETATM 1356 O O   . HOH C 3 .   ? 4.599   4.661   -11.914 1.00 45.01 ? 138  HOH A O   1 
HETATM 1357 O O   . HOH C 3 .   ? 4.933   13.842  7.082   1.00 52.65 ? 139  HOH A O   1 
HETATM 1358 O O   . HOH C 3 .   ? 3.348   -2.748  14.503  1.00 33.76 ? 140  HOH A O   1 
HETATM 1359 O O   . HOH C 3 .   ? -11.981 4.824   -0.955  1.00 43.60 ? 141  HOH A O   1 
HETATM 1360 O O   A HOH C 3 .   ? -5.124  2.051   7.226   0.50 33.52 ? 142  HOH A O   1 
HETATM 1361 O O   B HOH C 3 .   ? -4.518  3.396   6.929   0.50 23.69 ? 142  HOH A O   1 
HETATM 1362 O O   A HOH C 3 .   ? -3.107  -2.814  -2.311  0.50 11.66 ? 143  HOH A O   1 
HETATM 1363 O O   B HOH C 3 .   ? -2.830  -2.397  -2.502  0.50 11.38 ? 143  HOH A O   1 
HETATM 1364 O O   A HOH C 3 .   ? -1.781  -4.026  13.722  0.50 29.98 ? 144  HOH A O   1 
HETATM 1365 O O   B HOH C 3 .   ? -0.149  -3.973  12.676  0.50 29.69 ? 144  HOH A O   1 
HETATM 1366 O O   . HOH C 3 .   ? -2.677  -14.967 -9.171  0.50 16.80 ? 145  HOH A O   1 
HETATM 1367 O O   . HOH C 3 .   ? 0.316   -20.945 4.961   1.00 41.66 ? 146  HOH A O   1 
HETATM 1368 O O   . HOH C 3 .   ? 11.722  -25.464 8.201   1.00 43.80 ? 147  HOH A O   1 
HETATM 1369 O O   A HOH C 3 .   ? -1.848  2.989   11.136  0.50 26.50 ? 148  HOH A O   1 
HETATM 1370 O O   B HOH C 3 .   ? -2.237  3.136   12.566  0.50 37.85 ? 148  HOH A O   1 
HETATM 1371 O O   A HOH C 3 .   ? -3.880  23.056  4.557   0.50 26.81 ? 149  HOH A O   1 
HETATM 1372 O O   B HOH C 3 .   ? -3.540  23.969  6.726   0.50 30.61 ? 149  HOH A O   1 
HETATM 1373 O O   . HOH C 3 .   ? -15.741 -10.537 -0.067  1.00 50.63 ? 150  HOH A O   1 
HETATM 1374 O O   . HOH C 3 .   ? 11.172  -4.437  -4.808  1.00 40.52 ? 151  HOH A O   1 
HETATM 1375 O O   A HOH C 3 .   ? -8.907  -15.387 -3.469  0.50 28.60 ? 152  HOH A O   1 
HETATM 1376 O O   B HOH C 3 .   ? -8.935  -16.849 -3.401  0.50 26.11 ? 152  HOH A O   1 
HETATM 1377 O O   . HOH C 3 .   ? 16.598  -0.982  2.133   1.00 46.79 ? 153  HOH A O   1 
HETATM 1378 O O   . HOH C 3 .   ? 11.294  -23.501 6.251   1.00 54.48 ? 154  HOH A O   1 
HETATM 1379 O O   A HOH C 3 .   ? 11.310  -7.010  6.437   0.50 37.74 ? 155  HOH A O   1 
HETATM 1380 O O   B HOH C 3 .   ? 11.971  -9.044  6.421   0.50 29.70 ? 155  HOH A O   1 
HETATM 1381 O O   . HOH C 3 .   ? 3.133   20.887  7.386   1.00 57.77 ? 156  HOH A O   1 
HETATM 1382 O O   . HOH C 3 .   ? -10.054 12.855  2.085   1.00 47.64 ? 157  HOH A O   1 
HETATM 1383 O O   . HOH C 3 .   ? -5.897  -9.167  13.096  1.00 38.55 ? 158  HOH A O   1 
HETATM 1384 O O   . HOH C 3 .   ? -9.518  2.591   -8.080  1.00 51.78 ? 159  HOH A O   1 
HETATM 1385 O O   . HOH C 3 .   ? -4.540  -13.839 19.207  1.00 58.68 ? 160  HOH A O   1 
HETATM 1386 O O   . HOH C 3 .   ? -11.793 -8.366  -0.180  1.00 36.78 ? 161  HOH A O   1 
HETATM 1387 O O   . HOH C 3 .   ? 15.409  1.837   -0.227  1.00 36.68 ? 162  HOH A O   1 
HETATM 1388 O O   . HOH C 3 .   ? 1.245   -4.963  -11.279 0.50 17.71 ? 163  HOH A O   1 
HETATM 1389 O O   A HOH C 3 .   ? -10.085 -2.799  -1.848  0.50 18.53 ? 164  HOH A O   1 
HETATM 1390 O O   B HOH C 3 .   ? -10.748 -3.639  -2.777  0.50 14.35 ? 164  HOH A O   1 
HETATM 1391 O O   . HOH C 3 .   ? -5.239  -15.481 -10.066 0.50 14.61 ? 165  HOH A O   1 
HETATM 1392 O O   . HOH C 3 .   ? -9.678  -4.498  -3.478  1.00 26.95 ? 166  HOH A O   1 
HETATM 1393 O O   . HOH C 3 .   ? -7.401  2.728   -2.146  1.00 34.89 ? 167  HOH A O   1 
HETATM 1394 O O   . HOH C 3 .   ? -4.013  4.007   9.052   1.00 48.89 ? 168  HOH A O   1 
HETATM 1395 O O   . HOH C 3 .   ? -11.360 -15.222 -2.763  1.00 37.88 ? 169  HOH A O   1 
HETATM 1396 O O   . HOH C 3 .   ? -11.703 10.241  8.271   1.00 41.69 ? 170  HOH A O   1 
# 
loop_
_pdbx_poly_seq_scheme.asym_id 
_pdbx_poly_seq_scheme.entity_id 
_pdbx_poly_seq_scheme.seq_id 
_pdbx_poly_seq_scheme.mon_id 
_pdbx_poly_seq_scheme.ndb_seq_num 
_pdbx_poly_seq_scheme.pdb_seq_num 
_pdbx_poly_seq_scheme.auth_seq_num 
_pdbx_poly_seq_scheme.pdb_mon_id 
_pdbx_poly_seq_scheme.auth_mon_id 
_pdbx_poly_seq_scheme.pdb_strand_id 
_pdbx_poly_seq_scheme.pdb_ins_code 
_pdbx_poly_seq_scheme.hetero 
A 1 1   GLY 1   1481 ?    ?   ?   A . n 
A 1 2   HIS 2   1482 ?    ?   ?   A . n 
A 1 3   MET 3   1483 ?    ?   ?   A . n 
A 1 4   ASN 4   1484 ?    ?   ?   A . n 
A 1 5   SER 5   1485 1485 SER SER A . n 
A 1 6   PHE 6   1486 1486 PHE PHE A . n 
A 1 7   VAL 7   1487 1487 VAL VAL A . n 
A 1 8   GLY 8   1488 1488 GLY GLY A . n 
A 1 9   LEU 9   1489 1489 LEU LEU A . n 
A 1 10  ARG 10  1490 1490 ARG ARG A . n 
A 1 11  VAL 11  1491 1491 VAL VAL A . n 
A 1 12  VAL 12  1492 1492 VAL VAL A . n 
A 1 13  ALA 13  1493 1493 ALA ALA A . n 
A 1 14  LYS 14  1494 1494 LYS LYS A . n 
A 1 15  TRP 15  1495 1495 TRP TRP A . n 
A 1 16  SER 16  1496 1496 SER SER A . n 
A 1 17  SER 17  1497 1497 SER SER A . n 
A 1 18  ASN 18  1498 1498 ASN ASN A . n 
A 1 19  GLY 19  1499 1499 GLY GLY A . n 
A 1 20  TYR 20  1500 1500 TYR TYR A . n 
A 1 21  PHE 21  1501 1501 PHE PHE A . n 
A 1 22  TYR 22  1502 1502 TYR TYR A . n 
A 1 23  SER 23  1503 1503 SER SER A . n 
A 1 24  GLY 24  1504 1504 GLY GLY A . n 
A 1 25  LYS 25  1505 1505 LYS LYS A . n 
A 1 26  ILE 26  1506 1506 ILE ILE A . n 
A 1 27  THR 27  1507 1507 THR THR A . n 
A 1 28  ARG 28  1508 1508 ARG ARG A . n 
A 1 29  ASP 29  1509 1509 ASP ASP A . n 
A 1 30  VAL 30  1510 1510 VAL VAL A . n 
A 1 31  GLY 31  1511 1511 GLY GLY A . n 
A 1 32  ALA 32  1512 1512 ALA ALA A . n 
A 1 33  GLY 33  1513 1513 GLY GLY A . n 
A 1 34  LYS 34  1514 1514 LYS LYS A . n 
A 1 35  TYR 35  1515 1515 TYR TYR A . n 
A 1 36  LYS 36  1516 1516 LYS LYS A . n 
A 1 37  LEU 37  1517 1517 LEU LEU A . n 
A 1 38  LEU 38  1518 1518 LEU LEU A . n 
A 1 39  PHE 39  1519 1519 PHE PHE A . n 
A 1 40  ASP 40  1520 1520 ASP ASP A . n 
A 1 41  ASP 41  1521 1521 ASP ASP A . n 
A 1 42  GLY 42  1522 1522 GLY GLY A . n 
A 1 43  TYR 43  1523 1523 TYR TYR A . n 
A 1 44  GLU 44  1524 1524 GLU GLU A . n 
A 1 45  CYS 45  1525 1525 CYS CYS A . n 
A 1 46  ASP 46  1526 1526 ASP ASP A . n 
A 1 47  VAL 47  1527 1527 VAL VAL A . n 
A 1 48  LEU 48  1528 1528 LEU LEU A . n 
A 1 49  GLY 49  1529 1529 GLY GLY A . n 
A 1 50  LYS 50  1530 1530 LYS LYS A . n 
A 1 51  ASP 51  1531 1531 ASP ASP A . n 
A 1 52  ILE 52  1532 1532 ILE ILE A . n 
A 1 53  LEU 53  1533 1533 LEU LEU A . n 
A 1 54  LEU 54  1534 1534 LEU LEU A . n 
A 1 55  CYS 55  1535 1535 CYS CYS A . n 
A 1 56  ASP 56  1536 1536 ASP ASP A . n 
A 1 57  PRO 57  1537 1537 PRO PRO A . n 
A 1 58  ILE 58  1538 1538 ILE ILE A . n 
A 1 59  PRO 59  1539 1539 PRO PRO A . n 
A 1 60  LEU 60  1540 1540 LEU LEU A . n 
A 1 61  ASP 61  1541 1541 ASP ASP A . n 
A 1 62  THR 62  1542 1542 THR THR A . n 
A 1 63  GLU 63  1543 1543 GLU GLU A . n 
A 1 64  VAL 64  1544 1544 VAL VAL A . n 
A 1 65  THR 65  1545 1545 THR THR A . n 
A 1 66  ALA 66  1546 1546 ALA ALA A . n 
A 1 67  LEU 67  1547 1547 LEU LEU A . n 
A 1 68  SER 68  1548 1548 SER SER A . n 
A 1 69  GLU 69  1549 1549 GLU GLU A . n 
A 1 70  ASP 70  1550 1550 ASP ASP A . n 
A 1 71  GLU 71  1551 1551 GLU GLU A . n 
A 1 72  TYR 72  1552 1552 TYR TYR A . n 
A 1 73  PHE 73  1553 1553 PHE PHE A . n 
A 1 74  SER 74  1554 1554 SER SER A . n 
A 1 75  ALA 75  1555 1555 ALA ALA A . n 
A 1 76  GLY 76  1556 1556 GLY GLY A . n 
A 1 77  VAL 77  1557 1557 VAL VAL A . n 
A 1 78  VAL 78  1558 1558 VAL VAL A . n 
A 1 79  LYS 79  1559 1559 LYS LYS A . n 
A 1 80  GLY 80  1560 1560 GLY GLY A . n 
A 1 81  HIS 81  1561 1561 HIS HIS A . n 
A 1 82  ARG 82  1562 1562 ARG ARG A . n 
A 1 83  LYS 83  1563 1563 LYS LYS A . n 
A 1 84  GLU 84  1564 1564 GLU GLU A . n 
A 1 85  SER 85  1565 1565 SER SER A . n 
A 1 86  GLY 86  1566 1566 GLY GLY A . n 
A 1 87  GLU 87  1567 1567 GLU GLU A . n 
A 1 88  LEU 88  1568 1568 LEU LEU A . n 
A 1 89  TYR 89  1569 1569 TYR TYR A . n 
A 1 90  TYR 90  1570 1570 TYR TYR A . n 
A 1 91  SER 91  1571 1571 SER SER A . n 
A 1 92  ILE 92  1572 1572 ILE ILE A . n 
A 1 93  GLU 93  1573 1573 GLU GLU A . n 
A 1 94  LYS 94  1574 1574 LYS LYS A . n 
A 1 95  GLU 95  1575 1575 GLU GLU A . n 
A 1 96  GLY 96  1576 1576 GLY GLY A . n 
A 1 97  GLN 97  1577 1577 GLN GLN A . n 
A 1 98  ARG 98  1578 1578 ARG ARG A . n 
A 1 99  LYS 99  1579 1579 LYS LYS A . n 
A 1 100 TRP 100 1580 1580 TRP TRP A . n 
A 1 101 TYR 101 1581 1581 TYR TYR A . n 
A 1 102 LYS 102 1582 1582 LYS LYS A . n 
A 1 103 ARG 103 1583 1583 ARG ARG A . n 
A 1 104 MET 104 1584 1584 MET MET A . n 
A 1 105 ALA 105 1585 1585 ALA ALA A . n 
A 1 106 VAL 106 1586 1586 VAL VAL A . n 
A 1 107 ILE 107 1587 1587 ILE ILE A . n 
A 1 108 LEU 108 1588 1588 LEU LEU A . n 
A 1 109 SER 109 1589 1589 SER SER A . n 
A 1 110 LEU 110 1590 1590 LEU LEU A . n 
A 1 111 GLU 111 1591 1591 GLU GLU A . n 
A 1 112 GLN 112 1592 1592 GLN GLN A . n 
A 1 113 GLY 113 1593 1593 GLY GLY A . n 
A 1 114 ASN 114 1594 1594 ASN ASN A . n 
A 1 115 ARG 115 1595 1595 ARG ARG A . n 
A 1 116 LEU 116 1596 1596 LEU LEU A . n 
A 1 117 ARG 117 1597 1597 ARG ARG A . n 
A 1 118 GLU 118 1598 1598 GLU GLU A . n 
A 1 119 GLN 119 1599 1599 GLN GLN A . n 
A 1 120 TYR 120 1600 1600 TYR TYR A . n 
A 1 121 GLY 121 1601 1601 GLY GLY A . n 
A 1 122 LEU 122 1602 1602 LEU LEU A . n 
A 1 123 GLY 123 1603 1603 GLY GLY A . n 
# 
loop_
_pdbx_nonpoly_scheme.asym_id 
_pdbx_nonpoly_scheme.entity_id 
_pdbx_nonpoly_scheme.mon_id 
_pdbx_nonpoly_scheme.ndb_seq_num 
_pdbx_nonpoly_scheme.pdb_seq_num 
_pdbx_nonpoly_scheme.auth_seq_num 
_pdbx_nonpoly_scheme.pdb_mon_id 
_pdbx_nonpoly_scheme.auth_mon_id 
_pdbx_nonpoly_scheme.pdb_strand_id 
_pdbx_nonpoly_scheme.pdb_ins_code 
B 2 SO4 1   201 1   SO4 SO4 A . 
C 3 HOH 1   1   1   HOH HOH A . 
C 3 HOH 2   2   2   HOH HOH A . 
C 3 HOH 3   3   3   HOH HOH A . 
C 3 HOH 4   4   4   HOH HOH A . 
C 3 HOH 5   5   5   HOH HOH A . 
C 3 HOH 6   6   6   HOH HOH A . 
C 3 HOH 7   7   7   HOH HOH A . 
C 3 HOH 8   8   8   HOH HOH A . 
C 3 HOH 9   9   9   HOH HOH A . 
C 3 HOH 10  10  10  HOH HOH A . 
C 3 HOH 11  11  11  HOH HOH A . 
C 3 HOH 12  12  12  HOH HOH A . 
C 3 HOH 13  13  13  HOH HOH A . 
C 3 HOH 14  14  14  HOH HOH A . 
C 3 HOH 15  15  15  HOH HOH A . 
C 3 HOH 16  16  16  HOH HOH A . 
C 3 HOH 17  17  17  HOH HOH A . 
C 3 HOH 18  18  18  HOH HOH A . 
C 3 HOH 19  19  19  HOH HOH A . 
C 3 HOH 20  20  20  HOH HOH A . 
C 3 HOH 21  21  21  HOH HOH A . 
C 3 HOH 22  22  22  HOH HOH A . 
C 3 HOH 23  23  23  HOH HOH A . 
C 3 HOH 24  24  24  HOH HOH A . 
C 3 HOH 25  25  25  HOH HOH A . 
C 3 HOH 26  26  26  HOH HOH A . 
C 3 HOH 27  27  27  HOH HOH A . 
C 3 HOH 28  28  28  HOH HOH A . 
C 3 HOH 29  29  29  HOH HOH A . 
C 3 HOH 30  30  30  HOH HOH A . 
C 3 HOH 31  31  31  HOH HOH A . 
C 3 HOH 32  32  32  HOH HOH A . 
C 3 HOH 33  33  33  HOH HOH A . 
C 3 HOH 34  34  34  HOH HOH A . 
C 3 HOH 35  35  35  HOH HOH A . 
C 3 HOH 36  36  36  HOH HOH A . 
C 3 HOH 37  37  37  HOH HOH A . 
C 3 HOH 38  38  38  HOH HOH A . 
C 3 HOH 39  39  39  HOH HOH A . 
C 3 HOH 40  40  40  HOH HOH A . 
C 3 HOH 41  41  41  HOH HOH A . 
C 3 HOH 42  42  42  HOH HOH A . 
C 3 HOH 43  43  43  HOH HOH A . 
C 3 HOH 44  44  44  HOH HOH A . 
C 3 HOH 45  45  45  HOH HOH A . 
C 3 HOH 46  46  46  HOH HOH A . 
C 3 HOH 47  47  47  HOH HOH A . 
C 3 HOH 48  48  48  HOH HOH A . 
C 3 HOH 49  49  49  HOH HOH A . 
C 3 HOH 50  50  50  HOH HOH A . 
C 3 HOH 51  51  51  HOH HOH A . 
C 3 HOH 52  52  52  HOH HOH A . 
C 3 HOH 53  53  53  HOH HOH A . 
C 3 HOH 54  54  54  HOH HOH A . 
C 3 HOH 55  55  55  HOH HOH A . 
C 3 HOH 56  56  56  HOH HOH A . 
C 3 HOH 57  57  57  HOH HOH A . 
C 3 HOH 58  58  58  HOH HOH A . 
C 3 HOH 59  59  59  HOH HOH A . 
C 3 HOH 60  60  60  HOH HOH A . 
C 3 HOH 61  61  61  HOH HOH A . 
C 3 HOH 62  62  62  HOH HOH A . 
C 3 HOH 63  63  63  HOH HOH A . 
C 3 HOH 64  64  64  HOH HOH A . 
C 3 HOH 65  65  65  HOH HOH A . 
C 3 HOH 66  66  66  HOH HOH A . 
C 3 HOH 67  67  67  HOH HOH A . 
C 3 HOH 68  68  68  HOH HOH A . 
C 3 HOH 69  69  69  HOH HOH A . 
C 3 HOH 70  70  70  HOH HOH A . 
C 3 HOH 71  71  71  HOH HOH A . 
C 3 HOH 72  72  72  HOH HOH A . 
C 3 HOH 73  73  73  HOH HOH A . 
C 3 HOH 74  74  74  HOH HOH A . 
C 3 HOH 75  75  75  HOH HOH A . 
C 3 HOH 76  76  76  HOH HOH A . 
C 3 HOH 77  77  77  HOH HOH A . 
C 3 HOH 78  78  78  HOH HOH A . 
C 3 HOH 79  79  79  HOH HOH A . 
C 3 HOH 80  80  80  HOH HOH A . 
C 3 HOH 81  81  81  HOH HOH A . 
C 3 HOH 82  82  82  HOH HOH A . 
C 3 HOH 83  83  83  HOH HOH A . 
C 3 HOH 84  84  84  HOH HOH A . 
C 3 HOH 85  85  85  HOH HOH A . 
C 3 HOH 86  86  86  HOH HOH A . 
C 3 HOH 87  87  87  HOH HOH A . 
C 3 HOH 88  88  88  HOH HOH A . 
C 3 HOH 89  89  89  HOH HOH A . 
C 3 HOH 90  90  90  HOH HOH A . 
C 3 HOH 91  91  91  HOH HOH A . 
C 3 HOH 92  92  92  HOH HOH A . 
C 3 HOH 93  93  93  HOH HOH A . 
C 3 HOH 94  94  94  HOH HOH A . 
C 3 HOH 95  95  95  HOH HOH A . 
C 3 HOH 96  96  96  HOH HOH A . 
C 3 HOH 97  97  97  HOH HOH A . 
C 3 HOH 98  98  98  HOH HOH A . 
C 3 HOH 99  99  99  HOH HOH A . 
C 3 HOH 100 100 100 HOH HOH A . 
C 3 HOH 101 101 101 HOH HOH A . 
C 3 HOH 102 102 102 HOH HOH A . 
C 3 HOH 103 103 103 HOH HOH A . 
C 3 HOH 104 104 104 HOH HOH A . 
C 3 HOH 105 105 105 HOH HOH A . 
C 3 HOH 106 106 106 HOH HOH A . 
C 3 HOH 107 107 107 HOH HOH A . 
C 3 HOH 108 108 108 HOH HOH A . 
C 3 HOH 109 109 109 HOH HOH A . 
C 3 HOH 110 110 110 HOH HOH A . 
C 3 HOH 111 111 111 HOH HOH A . 
C 3 HOH 112 112 112 HOH HOH A . 
C 3 HOH 113 113 113 HOH HOH A . 
C 3 HOH 114 114 114 HOH HOH A . 
C 3 HOH 115 115 115 HOH HOH A . 
C 3 HOH 116 116 116 HOH HOH A . 
C 3 HOH 117 117 117 HOH HOH A . 
C 3 HOH 118 118 118 HOH HOH A . 
C 3 HOH 119 119 119 HOH HOH A . 
C 3 HOH 120 120 120 HOH HOH A . 
C 3 HOH 121 121 121 HOH HOH A . 
C 3 HOH 122 122 122 HOH HOH A . 
C 3 HOH 123 123 123 HOH HOH A . 
C 3 HOH 124 124 124 HOH HOH A . 
C 3 HOH 125 125 125 HOH HOH A . 
C 3 HOH 126 126 126 HOH HOH A . 
C 3 HOH 127 127 127 HOH HOH A . 
C 3 HOH 128 128 128 HOH HOH A . 
C 3 HOH 129 129 129 HOH HOH A . 
C 3 HOH 130 130 130 HOH HOH A . 
C 3 HOH 131 131 131 HOH HOH A . 
C 3 HOH 132 132 132 HOH HOH A . 
C 3 HOH 133 133 133 HOH HOH A . 
C 3 HOH 134 134 134 HOH HOH A . 
C 3 HOH 135 135 135 HOH HOH A . 
C 3 HOH 136 136 136 HOH HOH A . 
C 3 HOH 137 137 137 HOH HOH A . 
C 3 HOH 138 138 138 HOH HOH A . 
C 3 HOH 139 139 139 HOH HOH A . 
C 3 HOH 140 140 140 HOH HOH A . 
C 3 HOH 141 141 141 HOH HOH A . 
C 3 HOH 142 142 142 HOH HOH A . 
C 3 HOH 143 143 143 HOH HOH A . 
C 3 HOH 144 144 144 HOH HOH A . 
C 3 HOH 145 145 145 HOH HOH A . 
C 3 HOH 146 146 146 HOH HOH A . 
C 3 HOH 147 147 147 HOH HOH A . 
C 3 HOH 148 148 148 HOH HOH A . 
C 3 HOH 149 149 149 HOH HOH A . 
C 3 HOH 150 150 150 HOH HOH A . 
C 3 HOH 151 151 151 HOH HOH A . 
C 3 HOH 152 152 152 HOH HOH A . 
C 3 HOH 153 153 153 HOH HOH A . 
C 3 HOH 154 154 154 HOH HOH A . 
C 3 HOH 155 155 155 HOH HOH A . 
C 3 HOH 156 156 156 HOH HOH A . 
C 3 HOH 157 157 157 HOH HOH A . 
C 3 HOH 158 158 158 HOH HOH A . 
C 3 HOH 159 159 159 HOH HOH A . 
C 3 HOH 160 160 160 HOH HOH A . 
C 3 HOH 161 161 161 HOH HOH A . 
C 3 HOH 162 162 162 HOH HOH A . 
C 3 HOH 163 163 163 HOH HOH A . 
C 3 HOH 164 164 164 HOH HOH A . 
C 3 HOH 165 165 165 HOH HOH A . 
C 3 HOH 166 166 166 HOH HOH A . 
C 3 HOH 167 167 167 HOH HOH A . 
C 3 HOH 168 168 168 HOH HOH A . 
C 3 HOH 169 169 169 HOH HOH A . 
C 3 HOH 170 170 170 HOH HOH A . 
# 
loop_
_pdbx_struct_assembly.id 
_pdbx_struct_assembly.details 
_pdbx_struct_assembly.method_details 
_pdbx_struct_assembly.oligomeric_details 
_pdbx_struct_assembly.oligomeric_count 
1 author_and_software_defined_assembly PQS  monomeric 1 
2 software_defined_assembly            PISA dimeric   2 
# 
loop_
_pdbx_struct_assembly_gen.assembly_id 
_pdbx_struct_assembly_gen.oper_expression 
_pdbx_struct_assembly_gen.asym_id_list 
1 1   A,B,C 
2 1,2 A,B,C 
# 
loop_
_pdbx_struct_assembly_prop.biol_id 
_pdbx_struct_assembly_prop.type 
_pdbx_struct_assembly_prop.value 
_pdbx_struct_assembly_prop.details 
2 'ABSA (A^2)' 1570  ? 
2 MORE         -36   ? 
2 'SSA (A^2)'  12920 ? 
# 
loop_
_pdbx_struct_oper_list.id 
_pdbx_struct_oper_list.type 
_pdbx_struct_oper_list.name 
_pdbx_struct_oper_list.symmetry_operation 
_pdbx_struct_oper_list.matrix[1][1] 
_pdbx_struct_oper_list.matrix[1][2] 
_pdbx_struct_oper_list.matrix[1][3] 
_pdbx_struct_oper_list.vector[1] 
_pdbx_struct_oper_list.matrix[2][1] 
_pdbx_struct_oper_list.matrix[2][2] 
_pdbx_struct_oper_list.matrix[2][3] 
_pdbx_struct_oper_list.vector[2] 
_pdbx_struct_oper_list.matrix[3][1] 
_pdbx_struct_oper_list.matrix[3][2] 
_pdbx_struct_oper_list.matrix[3][3] 
_pdbx_struct_oper_list.vector[3] 
1 'identity operation'         1_555 x,y,z       1.0000000000  0.0000000000 0.0000000000  0.0000000000 0.0000000000 1.0000000000 0.0000000000  0.0000000000  0.0000000000  0.0000000000  1.0000000000  0.0000000000   
2 'crystal symmetry operation' 2_656 -x+1,y,-z+1 -0.7445740279 0.6546498531 -0.1305491739 3.1168728256 0.6546498531 0.6778498546 -0.3345939993 -5.9673580945 -0.1305491739 -0.3345939993 -0.9332758268 -23.8255037178 
# 
_pdbx_struct_special_symmetry.id              1 
_pdbx_struct_special_symmetry.PDB_model_num   1 
_pdbx_struct_special_symmetry.auth_asym_id    A 
_pdbx_struct_special_symmetry.auth_comp_id    HOH 
_pdbx_struct_special_symmetry.auth_seq_id     116 
_pdbx_struct_special_symmetry.PDB_ins_code    ? 
_pdbx_struct_special_symmetry.label_asym_id   C 
_pdbx_struct_special_symmetry.label_comp_id   HOH 
_pdbx_struct_special_symmetry.label_seq_id    . 
# 
loop_
_pdbx_audit_revision_history.ordinal 
_pdbx_audit_revision_history.data_content_type 
_pdbx_audit_revision_history.major_revision 
_pdbx_audit_revision_history.minor_revision 
_pdbx_audit_revision_history.revision_date 
1 'Structure model' 1 0 2007-01-02 
2 'Structure model' 1 1 2008-05-01 
3 'Structure model' 1 2 2011-07-13 
4 'Structure model' 1 3 2023-08-30 
# 
_pdbx_audit_revision_details.ordinal             1 
_pdbx_audit_revision_details.revision_ordinal    1 
_pdbx_audit_revision_details.data_content_type   'Structure model' 
_pdbx_audit_revision_details.provider            repository 
_pdbx_audit_revision_details.type                'Initial release' 
_pdbx_audit_revision_details.description         ? 
_pdbx_audit_revision_details.details             ? 
# 
loop_
_pdbx_audit_revision_group.ordinal 
_pdbx_audit_revision_group.revision_ordinal 
_pdbx_audit_revision_group.data_content_type 
_pdbx_audit_revision_group.group 
1 2 'Structure model' 'Version format compliance' 
2 3 'Structure model' Advisory                    
3 3 'Structure model' 'Derived calculations'      
4 3 'Structure model' 'Version format compliance' 
5 4 'Structure model' 'Data collection'           
6 4 'Structure model' 'Database references'       
7 4 'Structure model' 'Derived calculations'      
8 4 'Structure model' 'Refinement description'    
# 
loop_
_pdbx_audit_revision_category.ordinal 
_pdbx_audit_revision_category.revision_ordinal 
_pdbx_audit_revision_category.data_content_type 
_pdbx_audit_revision_category.category 
1 4 'Structure model' chem_comp_atom                
2 4 'Structure model' chem_comp_bond                
3 4 'Structure model' database_2                    
4 4 'Structure model' pdbx_initial_refinement_model 
5 4 'Structure model' struct_ref_seq_dif            
6 4 'Structure model' struct_site                   
# 
loop_
_pdbx_audit_revision_item.ordinal 
_pdbx_audit_revision_item.revision_ordinal 
_pdbx_audit_revision_item.data_content_type 
_pdbx_audit_revision_item.item 
1 4 'Structure model' '_database_2.pdbx_DOI'                
2 4 'Structure model' '_database_2.pdbx_database_accession' 
3 4 'Structure model' '_struct_ref_seq_dif.details'         
4 4 'Structure model' '_struct_site.pdbx_auth_asym_id'      
5 4 'Structure model' '_struct_site.pdbx_auth_comp_id'      
6 4 'Structure model' '_struct_site.pdbx_auth_seq_id'       
# 
_pdbx_refine_tls.id               1 
_pdbx_refine_tls.details          ? 
_pdbx_refine_tls.method           refined 
_pdbx_refine_tls.origin_x         0.0824 
_pdbx_refine_tls.origin_y         -0.5636 
_pdbx_refine_tls.origin_z         0.3655 
_pdbx_refine_tls.T[1][1]          -0.0312 
_pdbx_refine_tls.T[2][2]          -0.0058 
_pdbx_refine_tls.T[3][3]          -0.0371 
_pdbx_refine_tls.T[1][2]          0.0113 
_pdbx_refine_tls.T[1][3]          0.0108 
_pdbx_refine_tls.T[2][3]          -0.0054 
_pdbx_refine_tls.L[1][1]          1.0226 
_pdbx_refine_tls.L[2][2]          1.6007 
_pdbx_refine_tls.L[3][3]          1.4566 
_pdbx_refine_tls.L[1][2]          0.4186 
_pdbx_refine_tls.L[1][3]          0.4680 
_pdbx_refine_tls.L[2][3]          0.4131 
_pdbx_refine_tls.S[1][1]          -0.0098 
_pdbx_refine_tls.S[1][2]          0.0104 
_pdbx_refine_tls.S[1][3]          0.0934 
_pdbx_refine_tls.S[2][1]          0.0247 
_pdbx_refine_tls.S[2][2]          -0.0156 
_pdbx_refine_tls.S[2][3]          0.0249 
_pdbx_refine_tls.S[3][1]          -0.1090 
_pdbx_refine_tls.S[3][2]          -0.0248 
_pdbx_refine_tls.S[3][3]          0.0254 
_pdbx_refine_tls.pdbx_refine_id   'X-RAY DIFFRACTION' 
# 
_pdbx_refine_tls_group.id                  1 
_pdbx_refine_tls_group.refine_tls_id       1 
_pdbx_refine_tls_group.beg_auth_asym_id    A 
_pdbx_refine_tls_group.beg_auth_seq_id     1485 
_pdbx_refine_tls_group.beg_label_asym_id   A 
_pdbx_refine_tls_group.beg_label_seq_id    5 
_pdbx_refine_tls_group.end_auth_asym_id    A 
_pdbx_refine_tls_group.end_auth_seq_id     1603 
_pdbx_refine_tls_group.end_label_asym_id   A 
_pdbx_refine_tls_group.end_label_seq_id    123 
_pdbx_refine_tls_group.selection           ? 
_pdbx_refine_tls_group.pdbx_refine_id      'X-RAY DIFFRACTION' 
_pdbx_refine_tls_group.selection_details   ? 
# 
loop_
_software.name 
_software.classification 
_software.version 
_software.citation_id 
_software.pdbx_ordinal 
REFMAC    refinement       5.2.0005 ? 1 
HKL-2000  'data reduction' .        ? 2 
SCALEPACK 'data scaling'   .        ? 3 
MOLREP    phasing          .        ? 4 
# 
loop_
_pdbx_validate_close_contact.id 
_pdbx_validate_close_contact.PDB_model_num 
_pdbx_validate_close_contact.auth_atom_id_1 
_pdbx_validate_close_contact.auth_asym_id_1 
_pdbx_validate_close_contact.auth_comp_id_1 
_pdbx_validate_close_contact.auth_seq_id_1 
_pdbx_validate_close_contact.PDB_ins_code_1 
_pdbx_validate_close_contact.label_alt_id_1 
_pdbx_validate_close_contact.auth_atom_id_2 
_pdbx_validate_close_contact.auth_asym_id_2 
_pdbx_validate_close_contact.auth_comp_id_2 
_pdbx_validate_close_contact.auth_seq_id_2 
_pdbx_validate_close_contact.PDB_ins_code_2 
_pdbx_validate_close_contact.label_alt_id_2 
_pdbx_validate_close_contact.dist 
1 1 NH1 A ARG 1490 ? ? O A HOH 167  ? ? 1.65 
2 1 NH1 A ARG 1562 ? A O A HOH 74   ? ? 1.86 
3 1 OD1 A ASP 1521 ? B N A TYR 1523 ? ? 2.14 
# 
loop_
_pdbx_validate_symm_contact.id 
_pdbx_validate_symm_contact.PDB_model_num 
_pdbx_validate_symm_contact.auth_atom_id_1 
_pdbx_validate_symm_contact.auth_asym_id_1 
_pdbx_validate_symm_contact.auth_comp_id_1 
_pdbx_validate_symm_contact.auth_seq_id_1 
_pdbx_validate_symm_contact.PDB_ins_code_1 
_pdbx_validate_symm_contact.label_alt_id_1 
_pdbx_validate_symm_contact.site_symmetry_1 
_pdbx_validate_symm_contact.auth_atom_id_2 
_pdbx_validate_symm_contact.auth_asym_id_2 
_pdbx_validate_symm_contact.auth_comp_id_2 
_pdbx_validate_symm_contact.auth_seq_id_2 
_pdbx_validate_symm_contact.PDB_ins_code_2 
_pdbx_validate_symm_contact.label_alt_id_2 
_pdbx_validate_symm_contact.site_symmetry_2 
_pdbx_validate_symm_contact.dist 
1 1 O   A HOH 74   ? ? 1_555 O A HOH 74 ? ? 2_656 1.48 
2 1 OE2 A GLU 1549 ? ? 1_555 O A HOH 84 ? ? 4_556 2.14 
# 
_pdbx_validate_torsion.id              1 
_pdbx_validate_torsion.PDB_model_num   1 
_pdbx_validate_torsion.auth_comp_id    SER 
_pdbx_validate_torsion.auth_asym_id    A 
_pdbx_validate_torsion.auth_seq_id     1565 
_pdbx_validate_torsion.PDB_ins_code    ? 
_pdbx_validate_torsion.label_alt_id    ? 
_pdbx_validate_torsion.phi             37.47 
_pdbx_validate_torsion.psi             37.68 
# 
loop_
_pdbx_unobs_or_zero_occ_residues.id 
_pdbx_unobs_or_zero_occ_residues.PDB_model_num 
_pdbx_unobs_or_zero_occ_residues.polymer_flag 
_pdbx_unobs_or_zero_occ_residues.occupancy_flag 
_pdbx_unobs_or_zero_occ_residues.auth_asym_id 
_pdbx_unobs_or_zero_occ_residues.auth_comp_id 
_pdbx_unobs_or_zero_occ_residues.auth_seq_id 
_pdbx_unobs_or_zero_occ_residues.PDB_ins_code 
_pdbx_unobs_or_zero_occ_residues.label_asym_id 
_pdbx_unobs_or_zero_occ_residues.label_comp_id 
_pdbx_unobs_or_zero_occ_residues.label_seq_id 
1 1 Y 1 A GLY 1481 ? A GLY 1 
2 1 Y 1 A HIS 1482 ? A HIS 2 
3 1 Y 1 A MET 1483 ? A MET 3 
4 1 Y 1 A ASN 1484 ? A ASN 4 
# 
loop_
_chem_comp_atom.comp_id 
_chem_comp_atom.atom_id 
_chem_comp_atom.type_symbol 
_chem_comp_atom.pdbx_aromatic_flag 
_chem_comp_atom.pdbx_stereo_config 
_chem_comp_atom.pdbx_ordinal 
ALA N    N N N 1   
ALA CA   C N S 2   
ALA C    C N N 3   
ALA O    O N N 4   
ALA CB   C N N 5   
ALA OXT  O N N 6   
ALA H    H N N 7   
ALA H2   H N N 8   
ALA HA   H N N 9   
ALA HB1  H N N 10  
ALA HB2  H N N 11  
ALA HB3  H N N 12  
ALA HXT  H N N 13  
ARG N    N N N 14  
ARG CA   C N S 15  
ARG C    C N N 16  
ARG O    O N N 17  
ARG CB   C N N 18  
ARG CG   C N N 19  
ARG CD   C N N 20  
ARG NE   N N N 21  
ARG CZ   C N N 22  
ARG NH1  N N N 23  
ARG NH2  N N N 24  
ARG OXT  O N N 25  
ARG H    H N N 26  
ARG H2   H N N 27  
ARG HA   H N N 28  
ARG HB2  H N N 29  
ARG HB3  H N N 30  
ARG HG2  H N N 31  
ARG HG3  H N N 32  
ARG HD2  H N N 33  
ARG HD3  H N N 34  
ARG HE   H N N 35  
ARG HH11 H N N 36  
ARG HH12 H N N 37  
ARG HH21 H N N 38  
ARG HH22 H N N 39  
ARG HXT  H N N 40  
ASN N    N N N 41  
ASN CA   C N S 42  
ASN C    C N N 43  
ASN O    O N N 44  
ASN CB   C N N 45  
ASN CG   C N N 46  
ASN OD1  O N N 47  
ASN ND2  N N N 48  
ASN OXT  O N N 49  
ASN H    H N N 50  
ASN H2   H N N 51  
ASN HA   H N N 52  
ASN HB2  H N N 53  
ASN HB3  H N N 54  
ASN HD21 H N N 55  
ASN HD22 H N N 56  
ASN HXT  H N N 57  
ASP N    N N N 58  
ASP CA   C N S 59  
ASP C    C N N 60  
ASP O    O N N 61  
ASP CB   C N N 62  
ASP CG   C N N 63  
ASP OD1  O N N 64  
ASP OD2  O N N 65  
ASP OXT  O N N 66  
ASP H    H N N 67  
ASP H2   H N N 68  
ASP HA   H N N 69  
ASP HB2  H N N 70  
ASP HB3  H N N 71  
ASP HD2  H N N 72  
ASP HXT  H N N 73  
CYS N    N N N 74  
CYS CA   C N R 75  
CYS C    C N N 76  
CYS O    O N N 77  
CYS CB   C N N 78  
CYS SG   S N N 79  
CYS OXT  O N N 80  
CYS H    H N N 81  
CYS H2   H N N 82  
CYS HA   H N N 83  
CYS HB2  H N N 84  
CYS HB3  H N N 85  
CYS HG   H N N 86  
CYS HXT  H N N 87  
GLN N    N N N 88  
GLN CA   C N S 89  
GLN C    C N N 90  
GLN O    O N N 91  
GLN CB   C N N 92  
GLN CG   C N N 93  
GLN CD   C N N 94  
GLN OE1  O N N 95  
GLN NE2  N N N 96  
GLN OXT  O N N 97  
GLN H    H N N 98  
GLN H2   H N N 99  
GLN HA   H N N 100 
GLN HB2  H N N 101 
GLN HB3  H N N 102 
GLN HG2  H N N 103 
GLN HG3  H N N 104 
GLN HE21 H N N 105 
GLN HE22 H N N 106 
GLN HXT  H N N 107 
GLU N    N N N 108 
GLU CA   C N S 109 
GLU C    C N N 110 
GLU O    O N N 111 
GLU CB   C N N 112 
GLU CG   C N N 113 
GLU CD   C N N 114 
GLU OE1  O N N 115 
GLU OE2  O N N 116 
GLU OXT  O N N 117 
GLU H    H N N 118 
GLU H2   H N N 119 
GLU HA   H N N 120 
GLU HB2  H N N 121 
GLU HB3  H N N 122 
GLU HG2  H N N 123 
GLU HG3  H N N 124 
GLU HE2  H N N 125 
GLU HXT  H N N 126 
GLY N    N N N 127 
GLY CA   C N N 128 
GLY C    C N N 129 
GLY O    O N N 130 
GLY OXT  O N N 131 
GLY H    H N N 132 
GLY H2   H N N 133 
GLY HA2  H N N 134 
GLY HA3  H N N 135 
GLY HXT  H N N 136 
HIS N    N N N 137 
HIS CA   C N S 138 
HIS C    C N N 139 
HIS O    O N N 140 
HIS CB   C N N 141 
HIS CG   C Y N 142 
HIS ND1  N Y N 143 
HIS CD2  C Y N 144 
HIS CE1  C Y N 145 
HIS NE2  N Y N 146 
HIS OXT  O N N 147 
HIS H    H N N 148 
HIS H2   H N N 149 
HIS HA   H N N 150 
HIS HB2  H N N 151 
HIS HB3  H N N 152 
HIS HD1  H N N 153 
HIS HD2  H N N 154 
HIS HE1  H N N 155 
HIS HE2  H N N 156 
HIS HXT  H N N 157 
HOH O    O N N 158 
HOH H1   H N N 159 
HOH H2   H N N 160 
ILE N    N N N 161 
ILE CA   C N S 162 
ILE C    C N N 163 
ILE O    O N N 164 
ILE CB   C N S 165 
ILE CG1  C N N 166 
ILE CG2  C N N 167 
ILE CD1  C N N 168 
ILE OXT  O N N 169 
ILE H    H N N 170 
ILE H2   H N N 171 
ILE HA   H N N 172 
ILE HB   H N N 173 
ILE HG12 H N N 174 
ILE HG13 H N N 175 
ILE HG21 H N N 176 
ILE HG22 H N N 177 
ILE HG23 H N N 178 
ILE HD11 H N N 179 
ILE HD12 H N N 180 
ILE HD13 H N N 181 
ILE HXT  H N N 182 
LEU N    N N N 183 
LEU CA   C N S 184 
LEU C    C N N 185 
LEU O    O N N 186 
LEU CB   C N N 187 
LEU CG   C N N 188 
LEU CD1  C N N 189 
LEU CD2  C N N 190 
LEU OXT  O N N 191 
LEU H    H N N 192 
LEU H2   H N N 193 
LEU HA   H N N 194 
LEU HB2  H N N 195 
LEU HB3  H N N 196 
LEU HG   H N N 197 
LEU HD11 H N N 198 
LEU HD12 H N N 199 
LEU HD13 H N N 200 
LEU HD21 H N N 201 
LEU HD22 H N N 202 
LEU HD23 H N N 203 
LEU HXT  H N N 204 
LYS N    N N N 205 
LYS CA   C N S 206 
LYS C    C N N 207 
LYS O    O N N 208 
LYS CB   C N N 209 
LYS CG   C N N 210 
LYS CD   C N N 211 
LYS CE   C N N 212 
LYS NZ   N N N 213 
LYS OXT  O N N 214 
LYS H    H N N 215 
LYS H2   H N N 216 
LYS HA   H N N 217 
LYS HB2  H N N 218 
LYS HB3  H N N 219 
LYS HG2  H N N 220 
LYS HG3  H N N 221 
LYS HD2  H N N 222 
LYS HD3  H N N 223 
LYS HE2  H N N 224 
LYS HE3  H N N 225 
LYS HZ1  H N N 226 
LYS HZ2  H N N 227 
LYS HZ3  H N N 228 
LYS HXT  H N N 229 
MET N    N N N 230 
MET CA   C N S 231 
MET C    C N N 232 
MET O    O N N 233 
MET CB   C N N 234 
MET CG   C N N 235 
MET SD   S N N 236 
MET CE   C N N 237 
MET OXT  O N N 238 
MET H    H N N 239 
MET H2   H N N 240 
MET HA   H N N 241 
MET HB2  H N N 242 
MET HB3  H N N 243 
MET HG2  H N N 244 
MET HG3  H N N 245 
MET HE1  H N N 246 
MET HE2  H N N 247 
MET HE3  H N N 248 
MET HXT  H N N 249 
PHE N    N N N 250 
PHE CA   C N S 251 
PHE C    C N N 252 
PHE O    O N N 253 
PHE CB   C N N 254 
PHE CG   C Y N 255 
PHE CD1  C Y N 256 
PHE CD2  C Y N 257 
PHE CE1  C Y N 258 
PHE CE2  C Y N 259 
PHE CZ   C Y N 260 
PHE OXT  O N N 261 
PHE H    H N N 262 
PHE H2   H N N 263 
PHE HA   H N N 264 
PHE HB2  H N N 265 
PHE HB3  H N N 266 
PHE HD1  H N N 267 
PHE HD2  H N N 268 
PHE HE1  H N N 269 
PHE HE2  H N N 270 
PHE HZ   H N N 271 
PHE HXT  H N N 272 
PRO N    N N N 273 
PRO CA   C N S 274 
PRO C    C N N 275 
PRO O    O N N 276 
PRO CB   C N N 277 
PRO CG   C N N 278 
PRO CD   C N N 279 
PRO OXT  O N N 280 
PRO H    H N N 281 
PRO HA   H N N 282 
PRO HB2  H N N 283 
PRO HB3  H N N 284 
PRO HG2  H N N 285 
PRO HG3  H N N 286 
PRO HD2  H N N 287 
PRO HD3  H N N 288 
PRO HXT  H N N 289 
SER N    N N N 290 
SER CA   C N S 291 
SER C    C N N 292 
SER O    O N N 293 
SER CB   C N N 294 
SER OG   O N N 295 
SER OXT  O N N 296 
SER H    H N N 297 
SER H2   H N N 298 
SER HA   H N N 299 
SER HB2  H N N 300 
SER HB3  H N N 301 
SER HG   H N N 302 
SER HXT  H N N 303 
SO4 S    S N N 304 
SO4 O1   O N N 305 
SO4 O2   O N N 306 
SO4 O3   O N N 307 
SO4 O4   O N N 308 
THR N    N N N 309 
THR CA   C N S 310 
THR C    C N N 311 
THR O    O N N 312 
THR CB   C N R 313 
THR OG1  O N N 314 
THR CG2  C N N 315 
THR OXT  O N N 316 
THR H    H N N 317 
THR H2   H N N 318 
THR HA   H N N 319 
THR HB   H N N 320 
THR HG1  H N N 321 
THR HG21 H N N 322 
THR HG22 H N N 323 
THR HG23 H N N 324 
THR HXT  H N N 325 
TRP N    N N N 326 
TRP CA   C N S 327 
TRP C    C N N 328 
TRP O    O N N 329 
TRP CB   C N N 330 
TRP CG   C Y N 331 
TRP CD1  C Y N 332 
TRP CD2  C Y N 333 
TRP NE1  N Y N 334 
TRP CE2  C Y N 335 
TRP CE3  C Y N 336 
TRP CZ2  C Y N 337 
TRP CZ3  C Y N 338 
TRP CH2  C Y N 339 
TRP OXT  O N N 340 
TRP H    H N N 341 
TRP H2   H N N 342 
TRP HA   H N N 343 
TRP HB2  H N N 344 
TRP HB3  H N N 345 
TRP HD1  H N N 346 
TRP HE1  H N N 347 
TRP HE3  H N N 348 
TRP HZ2  H N N 349 
TRP HZ3  H N N 350 
TRP HH2  H N N 351 
TRP HXT  H N N 352 
TYR N    N N N 353 
TYR CA   C N S 354 
TYR C    C N N 355 
TYR O    O N N 356 
TYR CB   C N N 357 
TYR CG   C Y N 358 
TYR CD1  C Y N 359 
TYR CD2  C Y N 360 
TYR CE1  C Y N 361 
TYR CE2  C Y N 362 
TYR CZ   C Y N 363 
TYR OH   O N N 364 
TYR OXT  O N N 365 
TYR H    H N N 366 
TYR H2   H N N 367 
TYR HA   H N N 368 
TYR HB2  H N N 369 
TYR HB3  H N N 370 
TYR HD1  H N N 371 
TYR HD2  H N N 372 
TYR HE1  H N N 373 
TYR HE2  H N N 374 
TYR HH   H N N 375 
TYR HXT  H N N 376 
VAL N    N N N 377 
VAL CA   C N S 378 
VAL C    C N N 379 
VAL O    O N N 380 
VAL CB   C N N 381 
VAL CG1  C N N 382 
VAL CG2  C N N 383 
VAL OXT  O N N 384 
VAL H    H N N 385 
VAL H2   H N N 386 
VAL HA   H N N 387 
VAL HB   H N N 388 
VAL HG11 H N N 389 
VAL HG12 H N N 390 
VAL HG13 H N N 391 
VAL HG21 H N N 392 
VAL HG22 H N N 393 
VAL HG23 H N N 394 
VAL HXT  H N N 395 
# 
loop_
_chem_comp_bond.comp_id 
_chem_comp_bond.atom_id_1 
_chem_comp_bond.atom_id_2 
_chem_comp_bond.value_order 
_chem_comp_bond.pdbx_aromatic_flag 
_chem_comp_bond.pdbx_stereo_config 
_chem_comp_bond.pdbx_ordinal 
ALA N   CA   sing N N 1   
ALA N   H    sing N N 2   
ALA N   H2   sing N N 3   
ALA CA  C    sing N N 4   
ALA CA  CB   sing N N 5   
ALA CA  HA   sing N N 6   
ALA C   O    doub N N 7   
ALA C   OXT  sing N N 8   
ALA CB  HB1  sing N N 9   
ALA CB  HB2  sing N N 10  
ALA CB  HB3  sing N N 11  
ALA OXT HXT  sing N N 12  
ARG N   CA   sing N N 13  
ARG N   H    sing N N 14  
ARG N   H2   sing N N 15  
ARG CA  C    sing N N 16  
ARG CA  CB   sing N N 17  
ARG CA  HA   sing N N 18  
ARG C   O    doub N N 19  
ARG C   OXT  sing N N 20  
ARG CB  CG   sing N N 21  
ARG CB  HB2  sing N N 22  
ARG CB  HB3  sing N N 23  
ARG CG  CD   sing N N 24  
ARG CG  HG2  sing N N 25  
ARG CG  HG3  sing N N 26  
ARG CD  NE   sing N N 27  
ARG CD  HD2  sing N N 28  
ARG CD  HD3  sing N N 29  
ARG NE  CZ   sing N N 30  
ARG NE  HE   sing N N 31  
ARG CZ  NH1  sing N N 32  
ARG CZ  NH2  doub N N 33  
ARG NH1 HH11 sing N N 34  
ARG NH1 HH12 sing N N 35  
ARG NH2 HH21 sing N N 36  
ARG NH2 HH22 sing N N 37  
ARG OXT HXT  sing N N 38  
ASN N   CA   sing N N 39  
ASN N   H    sing N N 40  
ASN N   H2   sing N N 41  
ASN CA  C    sing N N 42  
ASN CA  CB   sing N N 43  
ASN CA  HA   sing N N 44  
ASN C   O    doub N N 45  
ASN C   OXT  sing N N 46  
ASN CB  CG   sing N N 47  
ASN CB  HB2  sing N N 48  
ASN CB  HB3  sing N N 49  
ASN CG  OD1  doub N N 50  
ASN CG  ND2  sing N N 51  
ASN ND2 HD21 sing N N 52  
ASN ND2 HD22 sing N N 53  
ASN OXT HXT  sing N N 54  
ASP N   CA   sing N N 55  
ASP N   H    sing N N 56  
ASP N   H2   sing N N 57  
ASP CA  C    sing N N 58  
ASP CA  CB   sing N N 59  
ASP CA  HA   sing N N 60  
ASP C   O    doub N N 61  
ASP C   OXT  sing N N 62  
ASP CB  CG   sing N N 63  
ASP CB  HB2  sing N N 64  
ASP CB  HB3  sing N N 65  
ASP CG  OD1  doub N N 66  
ASP CG  OD2  sing N N 67  
ASP OD2 HD2  sing N N 68  
ASP OXT HXT  sing N N 69  
CYS N   CA   sing N N 70  
CYS N   H    sing N N 71  
CYS N   H2   sing N N 72  
CYS CA  C    sing N N 73  
CYS CA  CB   sing N N 74  
CYS CA  HA   sing N N 75  
CYS C   O    doub N N 76  
CYS C   OXT  sing N N 77  
CYS CB  SG   sing N N 78  
CYS CB  HB2  sing N N 79  
CYS CB  HB3  sing N N 80  
CYS SG  HG   sing N N 81  
CYS OXT HXT  sing N N 82  
GLN N   CA   sing N N 83  
GLN N   H    sing N N 84  
GLN N   H2   sing N N 85  
GLN CA  C    sing N N 86  
GLN CA  CB   sing N N 87  
GLN CA  HA   sing N N 88  
GLN C   O    doub N N 89  
GLN C   OXT  sing N N 90  
GLN CB  CG   sing N N 91  
GLN CB  HB2  sing N N 92  
GLN CB  HB3  sing N N 93  
GLN CG  CD   sing N N 94  
GLN CG  HG2  sing N N 95  
GLN CG  HG3  sing N N 96  
GLN CD  OE1  doub N N 97  
GLN CD  NE2  sing N N 98  
GLN NE2 HE21 sing N N 99  
GLN NE2 HE22 sing N N 100 
GLN OXT HXT  sing N N 101 
GLU N   CA   sing N N 102 
GLU N   H    sing N N 103 
GLU N   H2   sing N N 104 
GLU CA  C    sing N N 105 
GLU CA  CB   sing N N 106 
GLU CA  HA   sing N N 107 
GLU C   O    doub N N 108 
GLU C   OXT  sing N N 109 
GLU CB  CG   sing N N 110 
GLU CB  HB2  sing N N 111 
GLU CB  HB3  sing N N 112 
GLU CG  CD   sing N N 113 
GLU CG  HG2  sing N N 114 
GLU CG  HG3  sing N N 115 
GLU CD  OE1  doub N N 116 
GLU CD  OE2  sing N N 117 
GLU OE2 HE2  sing N N 118 
GLU OXT HXT  sing N N 119 
GLY N   CA   sing N N 120 
GLY N   H    sing N N 121 
GLY N   H2   sing N N 122 
GLY CA  C    sing N N 123 
GLY CA  HA2  sing N N 124 
GLY CA  HA3  sing N N 125 
GLY C   O    doub N N 126 
GLY C   OXT  sing N N 127 
GLY OXT HXT  sing N N 128 
HIS N   CA   sing N N 129 
HIS N   H    sing N N 130 
HIS N   H2   sing N N 131 
HIS CA  C    sing N N 132 
HIS CA  CB   sing N N 133 
HIS CA  HA   sing N N 134 
HIS C   O    doub N N 135 
HIS C   OXT  sing N N 136 
HIS CB  CG   sing N N 137 
HIS CB  HB2  sing N N 138 
HIS CB  HB3  sing N N 139 
HIS CG  ND1  sing Y N 140 
HIS CG  CD2  doub Y N 141 
HIS ND1 CE1  doub Y N 142 
HIS ND1 HD1  sing N N 143 
HIS CD2 NE2  sing Y N 144 
HIS CD2 HD2  sing N N 145 
HIS CE1 NE2  sing Y N 146 
HIS CE1 HE1  sing N N 147 
HIS NE2 HE2  sing N N 148 
HIS OXT HXT  sing N N 149 
HOH O   H1   sing N N 150 
HOH O   H2   sing N N 151 
ILE N   CA   sing N N 152 
ILE N   H    sing N N 153 
ILE N   H2   sing N N 154 
ILE CA  C    sing N N 155 
ILE CA  CB   sing N N 156 
ILE CA  HA   sing N N 157 
ILE C   O    doub N N 158 
ILE C   OXT  sing N N 159 
ILE CB  CG1  sing N N 160 
ILE CB  CG2  sing N N 161 
ILE CB  HB   sing N N 162 
ILE CG1 CD1  sing N N 163 
ILE CG1 HG12 sing N N 164 
ILE CG1 HG13 sing N N 165 
ILE CG2 HG21 sing N N 166 
ILE CG2 HG22 sing N N 167 
ILE CG2 HG23 sing N N 168 
ILE CD1 HD11 sing N N 169 
ILE CD1 HD12 sing N N 170 
ILE CD1 HD13 sing N N 171 
ILE OXT HXT  sing N N 172 
LEU N   CA   sing N N 173 
LEU N   H    sing N N 174 
LEU N   H2   sing N N 175 
LEU CA  C    sing N N 176 
LEU CA  CB   sing N N 177 
LEU CA  HA   sing N N 178 
LEU C   O    doub N N 179 
LEU C   OXT  sing N N 180 
LEU CB  CG   sing N N 181 
LEU CB  HB2  sing N N 182 
LEU CB  HB3  sing N N 183 
LEU CG  CD1  sing N N 184 
LEU CG  CD2  sing N N 185 
LEU CG  HG   sing N N 186 
LEU CD1 HD11 sing N N 187 
LEU CD1 HD12 sing N N 188 
LEU CD1 HD13 sing N N 189 
LEU CD2 HD21 sing N N 190 
LEU CD2 HD22 sing N N 191 
LEU CD2 HD23 sing N N 192 
LEU OXT HXT  sing N N 193 
LYS N   CA   sing N N 194 
LYS N   H    sing N N 195 
LYS N   H2   sing N N 196 
LYS CA  C    sing N N 197 
LYS CA  CB   sing N N 198 
LYS CA  HA   sing N N 199 
LYS C   O    doub N N 200 
LYS C   OXT  sing N N 201 
LYS CB  CG   sing N N 202 
LYS CB  HB2  sing N N 203 
LYS CB  HB3  sing N N 204 
LYS CG  CD   sing N N 205 
LYS CG  HG2  sing N N 206 
LYS CG  HG3  sing N N 207 
LYS CD  CE   sing N N 208 
LYS CD  HD2  sing N N 209 
LYS CD  HD3  sing N N 210 
LYS CE  NZ   sing N N 211 
LYS CE  HE2  sing N N 212 
LYS CE  HE3  sing N N 213 
LYS NZ  HZ1  sing N N 214 
LYS NZ  HZ2  sing N N 215 
LYS NZ  HZ3  sing N N 216 
LYS OXT HXT  sing N N 217 
MET N   CA   sing N N 218 
MET N   H    sing N N 219 
MET N   H2   sing N N 220 
MET CA  C    sing N N 221 
MET CA  CB   sing N N 222 
MET CA  HA   sing N N 223 
MET C   O    doub N N 224 
MET C   OXT  sing N N 225 
MET CB  CG   sing N N 226 
MET CB  HB2  sing N N 227 
MET CB  HB3  sing N N 228 
MET CG  SD   sing N N 229 
MET CG  HG2  sing N N 230 
MET CG  HG3  sing N N 231 
MET SD  CE   sing N N 232 
MET CE  HE1  sing N N 233 
MET CE  HE2  sing N N 234 
MET CE  HE3  sing N N 235 
MET OXT HXT  sing N N 236 
PHE N   CA   sing N N 237 
PHE N   H    sing N N 238 
PHE N   H2   sing N N 239 
PHE CA  C    sing N N 240 
PHE CA  CB   sing N N 241 
PHE CA  HA   sing N N 242 
PHE C   O    doub N N 243 
PHE C   OXT  sing N N 244 
PHE CB  CG   sing N N 245 
PHE CB  HB2  sing N N 246 
PHE CB  HB3  sing N N 247 
PHE CG  CD1  doub Y N 248 
PHE CG  CD2  sing Y N 249 
PHE CD1 CE1  sing Y N 250 
PHE CD1 HD1  sing N N 251 
PHE CD2 CE2  doub Y N 252 
PHE CD2 HD2  sing N N 253 
PHE CE1 CZ   doub Y N 254 
PHE CE1 HE1  sing N N 255 
PHE CE2 CZ   sing Y N 256 
PHE CE2 HE2  sing N N 257 
PHE CZ  HZ   sing N N 258 
PHE OXT HXT  sing N N 259 
PRO N   CA   sing N N 260 
PRO N   CD   sing N N 261 
PRO N   H    sing N N 262 
PRO CA  C    sing N N 263 
PRO CA  CB   sing N N 264 
PRO CA  HA   sing N N 265 
PRO C   O    doub N N 266 
PRO C   OXT  sing N N 267 
PRO CB  CG   sing N N 268 
PRO CB  HB2  sing N N 269 
PRO CB  HB3  sing N N 270 
PRO CG  CD   sing N N 271 
PRO CG  HG2  sing N N 272 
PRO CG  HG3  sing N N 273 
PRO CD  HD2  sing N N 274 
PRO CD  HD3  sing N N 275 
PRO OXT HXT  sing N N 276 
SER N   CA   sing N N 277 
SER N   H    sing N N 278 
SER N   H2   sing N N 279 
SER CA  C    sing N N 280 
SER CA  CB   sing N N 281 
SER CA  HA   sing N N 282 
SER C   O    doub N N 283 
SER C   OXT  sing N N 284 
SER CB  OG   sing N N 285 
SER CB  HB2  sing N N 286 
SER CB  HB3  sing N N 287 
SER OG  HG   sing N N 288 
SER OXT HXT  sing N N 289 
SO4 S   O1   doub N N 290 
SO4 S   O2   doub N N 291 
SO4 S   O3   sing N N 292 
SO4 S   O4   sing N N 293 
THR N   CA   sing N N 294 
THR N   H    sing N N 295 
THR N   H2   sing N N 296 
THR CA  C    sing N N 297 
THR CA  CB   sing N N 298 
THR CA  HA   sing N N 299 
THR C   O    doub N N 300 
THR C   OXT  sing N N 301 
THR CB  OG1  sing N N 302 
THR CB  CG2  sing N N 303 
THR CB  HB   sing N N 304 
THR OG1 HG1  sing N N 305 
THR CG2 HG21 sing N N 306 
THR CG2 HG22 sing N N 307 
THR CG2 HG23 sing N N 308 
THR OXT HXT  sing N N 309 
TRP N   CA   sing N N 310 
TRP N   H    sing N N 311 
TRP N   H2   sing N N 312 
TRP CA  C    sing N N 313 
TRP CA  CB   sing N N 314 
TRP CA  HA   sing N N 315 
TRP C   O    doub N N 316 
TRP C   OXT  sing N N 317 
TRP CB  CG   sing N N 318 
TRP CB  HB2  sing N N 319 
TRP CB  HB3  sing N N 320 
TRP CG  CD1  doub Y N 321 
TRP CG  CD2  sing Y N 322 
TRP CD1 NE1  sing Y N 323 
TRP CD1 HD1  sing N N 324 
TRP CD2 CE2  doub Y N 325 
TRP CD2 CE3  sing Y N 326 
TRP NE1 CE2  sing Y N 327 
TRP NE1 HE1  sing N N 328 
TRP CE2 CZ2  sing Y N 329 
TRP CE3 CZ3  doub Y N 330 
TRP CE3 HE3  sing N N 331 
TRP CZ2 CH2  doub Y N 332 
TRP CZ2 HZ2  sing N N 333 
TRP CZ3 CH2  sing Y N 334 
TRP CZ3 HZ3  sing N N 335 
TRP CH2 HH2  sing N N 336 
TRP OXT HXT  sing N N 337 
TYR N   CA   sing N N 338 
TYR N   H    sing N N 339 
TYR N   H2   sing N N 340 
TYR CA  C    sing N N 341 
TYR CA  CB   sing N N 342 
TYR CA  HA   sing N N 343 
TYR C   O    doub N N 344 
TYR C   OXT  sing N N 345 
TYR CB  CG   sing N N 346 
TYR CB  HB2  sing N N 347 
TYR CB  HB3  sing N N 348 
TYR CG  CD1  doub Y N 349 
TYR CG  CD2  sing Y N 350 
TYR CD1 CE1  sing Y N 351 
TYR CD1 HD1  sing N N 352 
TYR CD2 CE2  doub Y N 353 
TYR CD2 HD2  sing N N 354 
TYR CE1 CZ   doub Y N 355 
TYR CE1 HE1  sing N N 356 
TYR CE2 CZ   sing Y N 357 
TYR CE2 HE2  sing N N 358 
TYR CZ  OH   sing N N 359 
TYR OH  HH   sing N N 360 
TYR OXT HXT  sing N N 361 
VAL N   CA   sing N N 362 
VAL N   H    sing N N 363 
VAL N   H2   sing N N 364 
VAL CA  C    sing N N 365 
VAL CA  CB   sing N N 366 
VAL CA  HA   sing N N 367 
VAL C   O    doub N N 368 
VAL C   OXT  sing N N 369 
VAL CB  CG1  sing N N 370 
VAL CB  CG2  sing N N 371 
VAL CB  HB   sing N N 372 
VAL CG1 HG11 sing N N 373 
VAL CG1 HG12 sing N N 374 
VAL CG1 HG13 sing N N 375 
VAL CG2 HG21 sing N N 376 
VAL CG2 HG22 sing N N 377 
VAL CG2 HG23 sing N N 378 
VAL OXT HXT  sing N N 379 
# 
loop_
_pdbx_entity_nonpoly.entity_id 
_pdbx_entity_nonpoly.name 
_pdbx_entity_nonpoly.comp_id 
2 'SULFATE ION' SO4 
3 water         HOH 
# 
_pdbx_initial_refinement_model.id               1 
_pdbx_initial_refinement_model.entity_id_list   ? 
_pdbx_initial_refinement_model.type             'experimental model' 
_pdbx_initial_refinement_model.source_name      PDB 
_pdbx_initial_refinement_model.accession_code   1XNI 
_pdbx_initial_refinement_model.details          'PDB ID 1XNI' 
# 
